data_8RH0
#
_entry.id   8RH0
#
_cell.length_a   1.00
_cell.length_b   1.00
_cell.length_c   1.00
_cell.angle_alpha   90.00
_cell.angle_beta   90.00
_cell.angle_gamma   90.00
#
_symmetry.space_group_name_H-M   'P 1'
#
loop_
_entity.id
_entity.type
_entity.pdbx_description
1 polymer 'Envelope glycoprotein B'
2 polymer 'HDIT102 Fab heavy chain'
3 polymer 'HDIT102 Fab heavy chain'
#
loop_
_entity_poly.entity_id
_entity_poly.type
_entity_poly.pdbx_seq_one_letter_code
_entity_poly.pdbx_strand_id
1 'polypeptide(L)'
;MRQGAPARGCRWFVVWALLGLTLGVLVASAAPSSPGTPGVAAATQAANGGPATPAPPAPGPAPTGDTKPKKNKKPKNPPP
PRPAGDNATVAAGHATLREHLRDIKAENTDANFYVCPPPTGATVVQFEQPRRCPTRPEGQNYTEGIAVVFKENIAPYKFK
ATMYYKDVTVSQVWFGHRYSQFMGIFEDRAPVPFEEVIDKINAKGVCRSTAKYVRNNLETTAFHRDDHETDMELKPANAA
TRTSRGWHTTDLKYNPSRVEAFHRYGTTVNCIVEEVDARSVYPYDEFVLATGDFVYMSPFYGYREGSHTEHTSYAADRFK
QVDGFYARDLTTKARATAPTTRNLLTTPKFTVAWDWVPKRPSVCTMTKWQEVDEMLRSEYGGSFRFSSDAISTTFTTNLT
EYPLSRVDLGDCIGKDARDAMDRIFARRYNATHIKVGQPQYYLANGGFLIAYQPLLSNTLAELYVREHLREQSRKPPNPT
PPPPGASANASVERIKTTSSIEFARLQFTYNHIQRHVNDMLGRVAIAWCELQNHELTLWNEARKLNPNAIASATVGRRVS
ARMLGDVMAVSTCVPVAADNVIVQNSMRISSRPGACYSRPLVSFRYEDQGPLVEGQLGENNELRLTRDAIEPCTVGHRRY
FTFGGGYVYFEEYAYSHQLSRADITTVSTFIDLNITMLEDHEFVPLEVYTRHEIKDSGLLDYTEVQRRNQLHDLRFADID
TVIHADANAAMFAGLGAFFEGMGDLGRAVGKVVMGIVGGVVSAVSGVSSFMSNPFGALAVGLLVLAGLAAAFFAFRYVMR
LQSNPMKALYPLTTKELKNPTNPDASGEGEEGGDFDEAKLAEAREMIRYMALVSAMEHTEHKAKKKGTSALLSAKVTDMV
MRKRRNTNYTQVPNKDGDADEDDLAA
;
A,B,C
2 'polypeptide(L)'
;EVQLVQSGAEVKTPGASVRVSCKASGHTFRTFDINWVRQAAGQGLEWMGWMSPNSGNTGYARQFQGRVTMTRNISANTAY
MELRGLRFDDTAVYYCARGPGSTGTTGSMDVWGQGTTVTVSSASTKGPSVFPLAPSSKSTSGGTAALGCLVKDYFPEPVT
VSWNSGALTSGVHTFPAVLQSSGLYSLSSVVTVPSSSLGTQTYICNVNHKPSNTKVDKKVEPKSCDKTHTCPPCPAPELL
GGPSVFLFPPKPKDTLMISRTPEVTCVVVDVSHEDPEVKFNWYVDGVEVHNAKTKPREEQYNSTYRVVSVLTVLHQDWLN
GKEYKCKVSNKALPAPIEKTISKAKGQPREPQVYTLPPSRDELTKNQVSLTCLVKGFYPSDIAVEWESNGQPENNYKTTP
PVLDSDGSFFLYSKLTVDKSRWQQGNVFSCSVMHEALHNHYTQKSLSLSPGK
;
H,D,F
3 'polypeptide(L)'
;QAGLTQPPSVSVAPGKTARISCGGNNIGSKSVHWYQQKPGQAPVLVIYYDSDRPSGIPERFSGSNSGNTATLTISRVEAG
DEADYYCQVWDSGSVVFGGGTKLTVLGQPKAAPSVTLFPPSSEELQANKATLVCLISDFYPGAVTVAWKADSSPVKAGVE
TTTPSKQSNNKYAASSYLSLTPEQWKSHRSYSCQVTHEGSTVEKTVAPTECS
;
L,E,G
#
# COMPACT_ATOMS: atom_id res chain seq x y z
N ALA A 111 71.03 6.49 4.10
CA ALA A 111 72.43 6.19 4.44
C ALA A 111 73.28 7.47 4.41
N ASN A 112 73.02 8.34 5.39
CA ASN A 112 73.71 9.61 5.50
C ASN A 112 74.29 9.71 6.91
N PHE A 113 75.60 9.92 7.01
CA PHE A 113 76.28 9.91 8.29
C PHE A 113 76.01 11.20 9.06
N TYR A 114 76.35 11.21 10.35
CA TYR A 114 76.19 12.42 11.15
C TYR A 114 77.41 12.63 12.02
N VAL A 115 77.76 13.90 12.23
CA VAL A 115 78.80 14.28 13.18
C VAL A 115 78.19 15.31 14.12
N CYS A 116 78.46 15.15 15.43
CA CYS A 116 77.69 15.85 16.44
C CYS A 116 78.62 16.45 17.50
N PRO A 117 78.66 17.77 17.64
CA PRO A 117 79.46 18.40 18.70
C PRO A 117 78.90 18.07 20.07
N PRO A 118 79.73 18.13 21.12
CA PRO A 118 79.24 17.90 22.48
C PRO A 118 78.16 18.92 22.85
N PRO A 119 77.10 18.48 23.52
CA PRO A 119 76.00 19.40 23.84
C PRO A 119 76.36 20.32 25.01
N THR A 120 75.62 21.42 25.08
CA THR A 120 75.78 22.40 26.15
C THR A 120 74.40 22.84 26.64
N GLY A 121 74.38 23.45 27.82
CA GLY A 121 73.15 23.89 28.45
C GLY A 121 72.40 25.01 27.72
N ALA A 122 72.89 25.39 26.54
CA ALA A 122 72.24 26.45 25.77
C ALA A 122 70.77 26.14 25.49
N THR A 123 70.47 24.87 25.21
CA THR A 123 69.11 24.44 24.92
C THR A 123 68.72 23.36 25.91
N VAL A 124 67.63 23.59 26.63
CA VAL A 124 67.14 22.68 27.66
C VAL A 124 65.74 22.20 27.28
N VAL A 125 65.50 20.90 27.47
CA VAL A 125 64.22 20.29 27.11
C VAL A 125 63.81 19.30 28.19
N GLN A 126 62.50 19.11 28.34
CA GLN A 126 61.96 18.18 29.32
C GLN A 126 60.81 17.38 28.72
N PHE A 127 60.61 16.18 29.24
CA PHE A 127 59.47 15.36 28.85
C PHE A 127 58.17 15.94 29.41
N GLU A 128 57.08 15.61 28.74
CA GLU A 128 55.76 16.06 29.17
C GLU A 128 55.30 15.29 30.41
N GLN A 129 54.51 15.97 31.24
CA GLN A 129 53.87 15.32 32.38
C GLN A 129 52.62 14.56 31.91
N PRO A 130 52.22 13.52 32.65
CA PRO A 130 51.08 12.72 32.22
C PRO A 130 49.80 13.54 32.08
N ARG A 131 49.02 13.22 31.06
CA ARG A 131 47.69 13.80 30.91
C ARG A 131 46.72 13.11 31.87
N ARG A 132 45.51 13.66 31.93
CA ARG A 132 44.40 13.03 32.66
C ARG A 132 43.53 12.28 31.66
N CYS A 133 43.40 10.98 31.86
CA CYS A 133 42.63 10.16 30.95
C CYS A 133 41.14 10.50 31.06
N PRO A 134 40.40 10.48 29.94
CA PRO A 134 38.97 10.76 30.01
C PRO A 134 38.23 9.68 30.78
N THR A 135 37.11 10.08 31.38
CA THR A 135 36.31 9.19 32.21
C THR A 135 35.12 8.67 31.41
N ARG A 136 34.69 7.45 31.74
CA ARG A 136 33.55 6.85 31.07
C ARG A 136 32.30 7.71 31.29
N PRO A 137 31.39 7.75 30.32
CA PRO A 137 30.10 8.41 30.56
C PRO A 137 29.29 7.67 31.62
N GLU A 138 28.36 8.39 32.26
CA GLU A 138 27.59 7.81 33.35
C GLU A 138 26.79 6.60 32.88
N GLY A 139 26.18 6.69 31.68
CA GLY A 139 25.32 5.63 31.19
C GLY A 139 23.86 6.00 31.34
N GLN A 140 23.07 5.72 30.30
CA GLN A 140 21.67 6.11 30.31
C GLN A 140 20.90 5.37 31.40
N ASN A 141 20.00 6.09 32.05
CA ASN A 141 19.19 5.53 33.13
C ASN A 141 17.89 5.01 32.54
N TYR A 142 17.75 3.69 32.46
CA TYR A 142 16.62 3.05 31.82
C TYR A 142 15.59 2.62 32.86
N THR A 143 14.33 2.89 32.59
CA THR A 143 13.22 2.48 33.43
C THR A 143 12.43 1.39 32.73
N GLU A 144 12.28 0.24 33.39
CA GLU A 144 11.50 -0.85 32.84
C GLU A 144 10.02 -0.49 32.85
N GLY A 145 9.24 -1.26 32.09
CA GLY A 145 7.80 -1.05 32.06
C GLY A 145 7.15 -1.99 31.08
N ILE A 146 5.82 -1.94 31.06
CA ILE A 146 5.01 -2.73 30.13
C ILE A 146 4.14 -1.76 29.35
N ALA A 147 4.06 -1.93 28.02
CA ALA A 147 3.44 -0.91 27.21
C ALA A 147 2.50 -1.50 26.18
N VAL A 148 1.55 -0.68 25.75
CA VAL A 148 0.62 -0.98 24.67
C VAL A 148 0.68 0.15 23.67
N VAL A 149 0.86 -0.19 22.40
CA VAL A 149 0.99 0.79 21.32
C VAL A 149 -0.31 0.76 20.52
N PHE A 150 -0.95 1.92 20.41
CA PHE A 150 -2.19 2.11 19.68
C PHE A 150 -1.93 2.90 18.41
N LYS A 151 -2.53 2.44 17.32
CA LYS A 151 -2.49 3.10 16.02
C LYS A 151 -3.88 3.64 15.66
N GLU A 152 -3.92 4.48 14.63
CA GLU A 152 -5.18 5.03 14.17
C GLU A 152 -6.10 3.91 13.67
N ASN A 153 -7.39 4.08 13.87
CA ASN A 153 -8.39 3.09 13.52
C ASN A 153 -8.99 3.44 12.16
N ILE A 154 -8.81 2.55 11.19
CA ILE A 154 -9.33 2.74 9.83
C ILE A 154 -10.45 1.78 9.48
N ALA A 155 -10.61 0.68 10.21
CA ALA A 155 -11.67 -0.27 9.92
C ALA A 155 -13.03 0.35 10.27
N PRO A 156 -14.04 0.16 9.43
CA PRO A 156 -15.38 0.66 9.75
C PRO A 156 -16.02 -0.10 10.91
N TYR A 157 -16.96 0.55 11.56
CA TYR A 157 -17.78 -0.10 12.57
C TYR A 157 -18.81 -0.97 11.86
N LYS A 158 -18.86 -2.25 12.23
CA LYS A 158 -19.72 -3.23 11.57
C LYS A 158 -20.77 -3.73 12.55
N PHE A 159 -22.02 -3.81 12.07
CA PHE A 159 -23.11 -4.36 12.87
C PHE A 159 -24.03 -5.16 11.95
N LYS A 160 -25.03 -5.80 12.55
CA LYS A 160 -25.99 -6.62 11.83
C LYS A 160 -27.26 -5.83 11.56
N ALA A 161 -27.87 -6.08 10.40
CA ALA A 161 -29.13 -5.44 10.06
C ALA A 161 -30.01 -6.46 9.33
N THR A 162 -31.31 -6.16 9.28
CA THR A 162 -32.26 -7.01 8.60
C THR A 162 -33.06 -6.17 7.63
N MET A 163 -33.18 -6.66 6.41
CA MET A 163 -33.85 -5.96 5.32
C MET A 163 -35.15 -6.67 4.99
N TYR A 164 -36.25 -5.93 5.07
CA TYR A 164 -37.57 -6.41 4.68
C TYR A 164 -38.02 -5.61 3.47
N TYR A 165 -38.43 -6.29 2.41
CA TYR A 165 -38.96 -5.58 1.25
C TYR A 165 -39.83 -6.53 0.45
N LYS A 166 -40.45 -5.99 -0.60
CA LYS A 166 -41.30 -6.76 -1.48
C LYS A 166 -40.92 -6.45 -2.92
N ASP A 167 -40.59 -7.48 -3.69
CA ASP A 167 -40.33 -7.34 -5.11
C ASP A 167 -41.66 -7.45 -5.85
N VAL A 168 -42.06 -6.36 -6.50
CA VAL A 168 -43.31 -6.29 -7.24
C VAL A 168 -42.98 -6.20 -8.72
N THR A 169 -43.41 -7.21 -9.48
CA THR A 169 -43.13 -7.28 -10.90
C THR A 169 -44.43 -7.40 -11.66
N VAL A 170 -44.70 -6.43 -12.53
CA VAL A 170 -45.89 -6.45 -13.38
C VAL A 170 -45.43 -6.54 -14.82
N SER A 171 -45.93 -7.55 -15.53
CA SER A 171 -45.50 -7.88 -16.88
C SER A 171 -46.67 -7.75 -17.84
N GLN A 172 -46.43 -7.08 -18.97
CA GLN A 172 -47.39 -6.96 -20.05
C GLN A 172 -46.96 -7.87 -21.18
N VAL A 173 -47.85 -8.75 -21.62
CA VAL A 173 -47.53 -9.79 -22.59
C VAL A 173 -48.51 -9.68 -23.75
N TRP A 174 -47.99 -9.78 -24.97
CA TRP A 174 -48.80 -9.89 -26.17
C TRP A 174 -48.73 -11.31 -26.69
N PHE A 175 -49.90 -11.92 -26.89
CA PHE A 175 -50.01 -13.30 -27.31
C PHE A 175 -50.26 -13.34 -28.82
N GLY A 176 -49.27 -13.81 -29.57
CA GLY A 176 -49.39 -13.94 -31.01
C GLY A 176 -50.05 -15.23 -31.42
N HIS A 177 -50.04 -15.49 -32.73
CA HIS A 177 -50.64 -16.70 -33.26
C HIS A 177 -49.92 -17.94 -32.77
N ARG A 178 -48.58 -17.91 -32.79
CA ARG A 178 -47.78 -19.06 -32.39
C ARG A 178 -46.71 -18.72 -31.35
N TYR A 179 -46.79 -17.54 -30.73
CA TYR A 179 -45.75 -17.11 -29.82
C TYR A 179 -46.31 -16.10 -28.84
N SER A 180 -45.56 -15.88 -27.76
CA SER A 180 -45.84 -14.84 -26.78
C SER A 180 -44.62 -13.93 -26.68
N GLN A 181 -44.86 -12.67 -26.30
CA GLN A 181 -43.80 -11.69 -26.26
C GLN A 181 -44.02 -10.74 -25.09
N PHE A 182 -42.93 -10.31 -24.48
CA PHE A 182 -42.96 -9.29 -23.42
C PHE A 182 -42.89 -7.91 -24.06
N MET A 183 -43.94 -7.11 -23.87
CA MET A 183 -43.92 -5.72 -24.29
C MET A 183 -43.43 -4.79 -23.18
N GLY A 184 -43.26 -5.31 -21.97
CA GLY A 184 -42.79 -4.51 -20.85
C GLY A 184 -42.81 -5.30 -19.54
N ILE A 185 -41.77 -5.11 -18.73
CA ILE A 185 -41.69 -5.72 -17.41
C ILE A 185 -41.26 -4.64 -16.42
N PHE A 186 -42.19 -4.20 -15.58
CA PHE A 186 -41.90 -3.21 -14.55
C PHE A 186 -41.58 -3.92 -13.25
N GLU A 187 -40.33 -3.75 -12.78
CA GLU A 187 -39.87 -4.35 -11.53
C GLU A 187 -39.61 -3.24 -10.51
N ASP A 188 -40.09 -3.46 -9.28
CA ASP A 188 -39.98 -2.46 -8.24
C ASP A 188 -39.71 -3.14 -6.90
N ARG A 189 -39.13 -2.37 -5.98
CA ARG A 189 -38.95 -2.77 -4.60
C ARG A 189 -39.77 -1.87 -3.71
N ALA A 190 -40.53 -2.46 -2.79
CA ALA A 190 -41.40 -1.71 -1.91
C ALA A 190 -41.11 -2.01 -0.46
N PRO A 191 -41.13 -1.01 0.42
CA PRO A 191 -40.89 -1.26 1.84
C PRO A 191 -42.03 -2.04 2.48
N VAL A 192 -41.68 -2.87 3.46
CA VAL A 192 -42.67 -3.57 4.26
C VAL A 192 -43.00 -2.69 5.46
N PRO A 193 -44.26 -2.34 5.68
CA PRO A 193 -44.60 -1.41 6.74
C PRO A 193 -44.28 -1.96 8.13
N PHE A 194 -44.26 -1.05 9.11
CA PHE A 194 -43.99 -1.46 10.48
C PHE A 194 -45.08 -2.40 10.99
N GLU A 195 -46.34 -2.12 10.65
CA GLU A 195 -47.43 -2.94 11.11
C GLU A 195 -47.45 -4.32 10.47
N GLU A 196 -46.61 -4.56 9.45
CA GLU A 196 -46.49 -5.88 8.86
C GLU A 196 -45.20 -6.59 9.26
N VAL A 197 -44.17 -5.86 9.67
CA VAL A 197 -42.96 -6.48 10.20
C VAL A 197 -43.19 -6.98 11.62
N ILE A 198 -43.79 -6.15 12.46
CA ILE A 198 -43.99 -6.51 13.86
C ILE A 198 -45.13 -7.51 14.00
N ASP A 199 -46.23 -7.30 13.30
CA ASP A 199 -47.45 -8.06 13.54
C ASP A 199 -47.52 -9.35 12.72
N LYS A 200 -46.90 -9.39 11.54
CA LYS A 200 -46.98 -10.55 10.66
C LYS A 200 -45.66 -11.31 10.57
N ILE A 201 -44.57 -10.63 10.22
CA ILE A 201 -43.29 -11.32 10.02
C ILE A 201 -42.72 -11.79 11.35
N ASN A 202 -42.77 -10.95 12.38
CA ASN A 202 -42.18 -11.29 13.67
C ASN A 202 -43.11 -12.10 14.56
N ALA A 203 -44.42 -11.84 14.50
CA ALA A 203 -45.36 -12.53 15.38
C ALA A 203 -45.70 -13.93 14.86
N LYS A 204 -46.24 -14.01 13.65
CA LYS A 204 -46.66 -15.28 13.09
C LYS A 204 -45.62 -15.91 12.16
N GLY A 205 -44.69 -15.12 11.64
CA GLY A 205 -43.73 -15.63 10.68
C GLY A 205 -44.22 -15.64 9.25
N VAL A 206 -45.35 -14.99 8.96
CA VAL A 206 -45.92 -14.96 7.62
C VAL A 206 -45.84 -13.53 7.09
N CYS A 207 -46.22 -13.34 5.83
CA CYS A 207 -46.21 -12.03 5.20
C CYS A 207 -47.44 -11.89 4.32
N ARG A 208 -47.87 -10.66 4.10
CA ARG A 208 -49.05 -10.44 3.28
C ARG A 208 -48.73 -10.70 1.81
N SER A 209 -49.78 -11.02 1.04
CA SER A 209 -49.66 -11.25 -0.39
C SER A 209 -49.94 -10.00 -1.22
N THR A 210 -50.08 -8.84 -0.57
CA THR A 210 -50.28 -7.59 -1.27
C THR A 210 -49.26 -6.58 -0.77
N ALA A 211 -48.89 -5.66 -1.66
CA ALA A 211 -47.90 -4.63 -1.36
C ALA A 211 -48.55 -3.26 -1.46
N LYS A 212 -48.58 -2.54 -0.35
CA LYS A 212 -49.12 -1.19 -0.30
C LYS A 212 -47.98 -0.22 0.03
N TYR A 213 -47.67 0.68 -0.89
CA TYR A 213 -46.52 1.55 -0.72
C TYR A 213 -46.73 2.85 -1.47
N VAL A 214 -45.93 3.86 -1.12
CA VAL A 214 -46.02 5.18 -1.75
C VAL A 214 -44.84 5.32 -2.70
N ARG A 215 -45.14 5.53 -3.99
CA ARG A 215 -44.13 5.76 -5.00
C ARG A 215 -44.55 6.91 -5.89
N ASN A 216 -43.61 7.81 -6.17
CA ASN A 216 -43.84 8.96 -7.04
C ASN A 216 -45.06 9.75 -6.59
N ASN A 217 -45.18 9.96 -5.27
CA ASN A 217 -46.27 10.73 -4.67
C ASN A 217 -47.63 10.13 -5.03
N LEU A 218 -47.73 8.80 -4.90
CA LEU A 218 -48.98 8.09 -5.11
C LEU A 218 -49.00 6.85 -4.24
N GLU A 219 -50.13 6.58 -3.62
CA GLU A 219 -50.30 5.43 -2.74
C GLU A 219 -50.85 4.27 -3.58
N THR A 220 -49.99 3.31 -3.90
CA THR A 220 -50.33 2.23 -4.80
C THR A 220 -50.33 0.88 -4.07
N THR A 221 -51.24 0.01 -4.51
CA THR A 221 -51.34 -1.35 -4.00
C THR A 221 -51.24 -2.33 -5.15
N ALA A 222 -50.52 -3.43 -4.91
CA ALA A 222 -50.36 -4.51 -5.87
C ALA A 222 -50.79 -5.82 -5.24
N PHE A 223 -51.53 -6.63 -6.00
CA PHE A 223 -52.03 -7.92 -5.55
C PHE A 223 -51.28 -9.04 -6.25
N HIS A 224 -50.78 -10.01 -5.49
CA HIS A 224 -50.13 -11.16 -6.07
C HIS A 224 -51.14 -12.01 -6.81
N ARG A 225 -50.78 -12.43 -8.02
CA ARG A 225 -51.64 -13.22 -8.91
C ARG A 225 -52.93 -12.48 -9.26
N ASP A 226 -53.01 -11.18 -8.96
CA ASP A 226 -54.22 -10.39 -9.15
C ASP A 226 -55.42 -11.03 -8.45
N ASP A 227 -55.17 -11.63 -7.29
CA ASP A 227 -56.18 -12.34 -6.53
C ASP A 227 -56.32 -11.71 -5.15
N HIS A 228 -57.12 -12.34 -4.30
CA HIS A 228 -57.40 -11.78 -2.99
C HIS A 228 -56.20 -11.92 -2.06
N GLU A 229 -56.18 -11.07 -1.03
CA GLU A 229 -55.07 -11.04 -0.10
C GLU A 229 -55.05 -12.29 0.77
N THR A 230 -53.86 -12.82 1.01
CA THR A 230 -53.68 -14.03 1.80
C THR A 230 -52.35 -13.93 2.54
N ASP A 231 -52.27 -14.62 3.69
CA ASP A 231 -51.03 -14.70 4.43
C ASP A 231 -50.19 -15.87 3.92
N MET A 232 -48.93 -15.59 3.57
CA MET A 232 -48.05 -16.57 2.96
C MET A 232 -46.86 -16.82 3.88
N GLU A 233 -46.53 -18.09 4.09
CA GLU A 233 -45.42 -18.46 4.94
C GLU A 233 -44.10 -18.12 4.28
N LEU A 234 -43.13 -17.66 5.08
CA LEU A 234 -41.81 -17.35 4.59
C LEU A 234 -40.95 -18.61 4.64
N LYS A 235 -40.54 -19.09 3.46
CA LYS A 235 -39.69 -20.27 3.37
C LYS A 235 -38.28 -19.88 2.97
N PRO A 236 -37.27 -20.64 3.41
CA PRO A 236 -35.88 -20.26 3.14
C PRO A 236 -35.56 -20.26 1.65
N ALA A 237 -34.64 -19.37 1.27
CA ALA A 237 -34.19 -19.26 -0.11
C ALA A 237 -33.23 -20.39 -0.45
N ASN A 238 -33.00 -20.58 -1.76
CA ASN A 238 -32.09 -21.59 -2.23
C ASN A 238 -30.66 -21.24 -1.82
N ALA A 239 -29.93 -22.24 -1.31
CA ALA A 239 -28.64 -21.98 -0.69
C ALA A 239 -27.60 -21.63 -1.75
N ALA A 240 -26.69 -20.72 -1.37
CA ALA A 240 -25.53 -20.38 -2.17
C ALA A 240 -24.33 -20.25 -1.24
N THR A 241 -23.13 -20.36 -1.83
CA THR A 241 -21.91 -20.30 -1.05
C THR A 241 -21.60 -18.88 -0.60
N ARG A 242 -21.19 -18.75 0.66
CA ARG A 242 -20.79 -17.46 1.24
C ARG A 242 -21.88 -16.41 1.09
N THR A 243 -23.13 -16.81 1.35
CA THR A 243 -24.25 -15.89 1.33
C THR A 243 -24.97 -15.94 2.67
N SER A 244 -25.49 -14.79 3.09
CA SER A 244 -26.22 -14.69 4.34
C SER A 244 -27.61 -15.32 4.19
N ARG A 245 -28.26 -15.51 5.34
CA ARG A 245 -29.58 -16.12 5.36
C ARG A 245 -30.60 -15.23 4.64
N GLY A 246 -31.60 -15.89 4.06
CA GLY A 246 -32.64 -15.19 3.32
C GLY A 246 -33.93 -15.99 3.21
N TRP A 247 -35.05 -15.30 3.30
CA TRP A 247 -36.37 -15.92 3.28
C TRP A 247 -37.26 -15.21 2.25
N HIS A 248 -38.17 -15.97 1.66
CA HIS A 248 -39.09 -15.44 0.67
C HIS A 248 -40.38 -16.24 0.71
N THR A 249 -41.43 -15.68 0.10
CA THR A 249 -42.75 -16.28 0.07
C THR A 249 -43.05 -16.96 -1.27
N THR A 250 -42.79 -16.27 -2.38
CA THR A 250 -43.11 -16.79 -3.70
C THR A 250 -41.83 -17.14 -4.45
N ASP A 251 -41.91 -18.19 -5.27
CA ASP A 251 -40.77 -18.64 -6.04
C ASP A 251 -40.95 -18.52 -7.56
N LEU A 252 -42.20 -18.46 -8.04
CA LEU A 252 -42.47 -18.41 -9.47
C LEU A 252 -43.12 -17.08 -9.82
N LYS A 253 -42.75 -16.56 -10.99
CA LYS A 253 -43.39 -15.38 -11.55
C LYS A 253 -44.75 -15.74 -12.12
N TYR A 254 -45.71 -14.84 -11.97
CA TYR A 254 -47.04 -15.00 -12.52
C TYR A 254 -47.16 -14.23 -13.83
N ASN A 255 -47.57 -14.92 -14.88
CA ASN A 255 -47.81 -14.31 -16.18
C ASN A 255 -49.26 -14.56 -16.59
N PRO A 256 -49.87 -13.64 -17.34
CA PRO A 256 -51.29 -13.79 -17.68
C PRO A 256 -51.55 -15.03 -18.54
N SER A 257 -52.73 -15.60 -18.35
CA SER A 257 -53.16 -16.72 -19.17
C SER A 257 -53.32 -16.28 -20.62
N ARG A 258 -53.03 -17.19 -21.53
CA ARG A 258 -53.00 -16.85 -22.95
C ARG A 258 -54.41 -16.62 -23.48
N VAL A 259 -54.65 -15.43 -24.03
CA VAL A 259 -55.85 -15.12 -24.78
C VAL A 259 -55.41 -14.49 -26.10
N GLU A 260 -55.97 -14.97 -27.20
CA GLU A 260 -55.43 -14.66 -28.52
C GLU A 260 -55.51 -13.17 -28.83
N ALA A 261 -54.38 -12.61 -29.25
CA ALA A 261 -54.29 -11.28 -29.86
C ALA A 261 -54.78 -10.18 -28.92
N PHE A 262 -54.31 -10.20 -27.68
CA PHE A 262 -54.56 -9.12 -26.73
C PHE A 262 -53.32 -8.90 -25.87
N HIS A 263 -53.18 -7.68 -25.37
CA HIS A 263 -52.17 -7.35 -24.38
C HIS A 263 -52.74 -7.59 -22.99
N ARG A 264 -52.05 -8.40 -22.20
CA ARG A 264 -52.53 -8.78 -20.88
C ARG A 264 -51.48 -8.49 -19.82
N TYR A 265 -51.93 -8.09 -18.63
CA TYR A 265 -51.05 -7.70 -17.54
C TYR A 265 -51.13 -8.72 -16.42
N GLY A 266 -49.98 -8.98 -15.80
CA GLY A 266 -49.92 -9.89 -14.67
C GLY A 266 -48.99 -9.39 -13.58
N THR A 267 -49.35 -9.62 -12.32
CA THR A 267 -48.64 -9.05 -11.19
C THR A 267 -48.11 -10.16 -10.29
N THR A 268 -46.89 -9.98 -9.79
CA THR A 268 -46.27 -10.91 -8.85
C THR A 268 -45.65 -10.12 -7.71
N VAL A 269 -45.94 -10.54 -6.48
CA VAL A 269 -45.40 -9.91 -5.28
C VAL A 269 -44.63 -10.97 -4.50
N ASN A 270 -43.36 -10.71 -4.23
CA ASN A 270 -42.51 -11.63 -3.50
C ASN A 270 -41.96 -10.92 -2.27
N CYS A 271 -42.37 -11.36 -1.10
CA CYS A 271 -41.99 -10.74 0.16
C CYS A 271 -40.67 -11.35 0.62
N ILE A 272 -39.61 -10.54 0.69
CA ILE A 272 -38.26 -11.01 0.91
C ILE A 272 -37.71 -10.41 2.20
N VAL A 273 -37.05 -11.26 2.99
CA VAL A 273 -36.38 -10.87 4.22
C VAL A 273 -34.94 -11.34 4.11
N GLU A 274 -33.98 -10.48 4.47
CA GLU A 274 -32.58 -10.80 4.35
C GLU A 274 -31.83 -10.31 5.59
N GLU A 275 -30.70 -10.94 5.87
CA GLU A 275 -29.77 -10.48 6.90
C GLU A 275 -28.53 -9.92 6.21
N VAL A 276 -28.15 -8.69 6.57
CA VAL A 276 -27.02 -8.03 5.95
C VAL A 276 -26.07 -7.51 7.02
N ASP A 277 -24.83 -7.29 6.61
CA ASP A 277 -23.83 -6.65 7.45
C ASP A 277 -23.74 -5.19 7.05
N ALA A 278 -23.94 -4.29 8.02
CA ALA A 278 -23.93 -2.86 7.78
C ALA A 278 -22.65 -2.26 8.32
N ARG A 279 -22.06 -1.35 7.54
CA ARG A 279 -20.78 -0.74 7.86
C ARG A 279 -20.95 0.78 7.92
N SER A 280 -20.31 1.39 8.92
CA SER A 280 -20.37 2.84 9.10
C SER A 280 -18.98 3.35 9.43
N VAL A 281 -18.66 4.54 8.90
CA VAL A 281 -17.35 5.15 9.12
C VAL A 281 -17.54 6.48 9.85
N TYR A 282 -16.44 7.01 10.37
CA TYR A 282 -16.49 8.24 11.15
C TYR A 282 -17.00 9.37 10.27
N PRO A 283 -17.84 10.28 10.80
CA PRO A 283 -18.29 10.38 12.19
C PRO A 283 -19.57 9.61 12.51
N TYR A 284 -19.85 8.55 11.76
CA TYR A 284 -20.98 7.65 12.02
C TYR A 284 -22.31 8.39 11.96
N ASP A 285 -22.54 9.04 10.81
CA ASP A 285 -23.80 9.71 10.55
C ASP A 285 -24.57 9.07 9.40
N GLU A 286 -24.09 7.95 8.88
CA GLU A 286 -24.74 7.19 7.82
C GLU A 286 -24.02 5.88 7.67
N PHE A 287 -24.76 4.84 7.29
CA PHE A 287 -24.23 3.50 7.19
C PHE A 287 -24.68 2.83 5.90
N VAL A 288 -23.98 1.77 5.53
CA VAL A 288 -24.14 1.12 4.24
C VAL A 288 -24.52 -0.34 4.48
N LEU A 289 -25.47 -0.84 3.68
CA LEU A 289 -25.85 -2.24 3.74
C LEU A 289 -25.05 -3.03 2.73
N ALA A 290 -25.12 -4.37 2.86
CA ALA A 290 -24.38 -5.25 1.97
C ALA A 290 -24.85 -5.16 0.52
N THR A 291 -26.07 -4.66 0.30
CA THR A 291 -26.61 -4.54 -1.05
C THR A 291 -26.21 -3.25 -1.74
N GLY A 292 -25.31 -2.47 -1.12
CA GLY A 292 -24.87 -1.21 -1.70
C GLY A 292 -25.83 -0.06 -1.49
N ASP A 293 -26.78 -0.20 -0.57
CA ASP A 293 -27.79 0.81 -0.32
C ASP A 293 -27.38 1.66 0.87
N PHE A 294 -27.29 2.98 0.65
CA PHE A 294 -27.01 3.91 1.72
C PHE A 294 -28.25 4.18 2.55
N VAL A 295 -28.04 4.35 3.85
CA VAL A 295 -29.07 4.78 4.79
C VAL A 295 -28.56 6.02 5.50
N TYR A 296 -29.23 7.14 5.31
CA TYR A 296 -28.74 8.43 5.78
C TYR A 296 -29.26 8.72 7.19
N MET A 297 -28.94 7.82 8.10
CA MET A 297 -29.27 7.94 9.50
C MET A 297 -28.15 7.32 10.32
N SER A 298 -27.78 7.99 11.41
CA SER A 298 -26.72 7.47 12.25
C SER A 298 -27.13 6.12 12.83
N PRO A 299 -26.23 5.13 12.86
CA PRO A 299 -26.59 3.82 13.42
C PRO A 299 -26.99 3.87 14.88
N PHE A 300 -26.59 4.92 15.61
CA PHE A 300 -26.87 5.06 17.02
C PHE A 300 -28.07 5.97 17.29
N TYR A 301 -28.80 6.36 16.25
CA TYR A 301 -29.97 7.21 16.43
C TYR A 301 -31.07 6.46 17.18
N GLY A 302 -31.84 7.20 17.96
CA GLY A 302 -32.94 6.63 18.71
C GLY A 302 -33.61 7.67 19.56
N TYR A 303 -34.61 7.22 20.31
CA TYR A 303 -35.35 8.09 21.24
C TYR A 303 -34.75 8.11 22.64
N ARG A 304 -33.63 7.42 22.87
CA ARG A 304 -33.03 7.39 24.18
C ARG A 304 -32.09 8.58 24.37
N GLU A 305 -31.39 8.58 25.50
CA GLU A 305 -30.49 9.69 25.84
C GLU A 305 -29.35 9.78 24.83
N GLY A 306 -29.00 11.00 24.44
CA GLY A 306 -27.92 11.21 23.50
C GLY A 306 -28.32 10.89 22.07
N SER A 307 -28.95 9.73 21.87
CA SER A 307 -29.30 9.26 20.54
C SER A 307 -30.16 10.26 19.79
N HIS A 308 -31.06 10.96 20.50
CA HIS A 308 -31.96 11.90 19.84
C HIS A 308 -31.22 13.05 19.17
N THR A 309 -29.98 13.31 19.56
CA THR A 309 -29.20 14.38 18.96
C THR A 309 -28.34 13.92 17.78
N GLU A 310 -28.38 12.63 17.45
CA GLU A 310 -27.59 12.12 16.33
C GLU A 310 -28.20 12.58 15.00
N HIS A 311 -27.42 12.43 13.94
CA HIS A 311 -27.84 12.88 12.62
C HIS A 311 -28.94 12.01 12.05
N THR A 312 -29.93 12.65 11.44
CA THR A 312 -30.98 11.96 10.68
C THR A 312 -31.32 12.79 9.46
N SER A 313 -31.69 12.11 8.38
CA SER A 313 -32.05 12.77 7.14
C SER A 313 -33.46 12.40 6.66
N TYR A 314 -34.21 11.64 7.44
CA TYR A 314 -35.55 11.20 7.09
C TYR A 314 -36.57 11.85 8.01
N ALA A 315 -37.81 11.90 7.54
CA ALA A 315 -38.91 12.40 8.35
C ALA A 315 -39.08 11.53 9.59
N ALA A 316 -39.56 12.16 10.68
CA ALA A 316 -39.75 11.41 11.92
C ALA A 316 -40.83 10.35 11.80
N ASP A 317 -41.68 10.43 10.78
CA ASP A 317 -42.70 9.43 10.56
C ASP A 317 -42.11 8.11 10.06
N ARG A 318 -40.89 8.12 9.56
CA ARG A 318 -40.28 6.94 8.95
C ARG A 318 -39.47 6.11 9.93
N PHE A 319 -39.30 6.57 11.17
CA PHE A 319 -38.45 5.91 12.14
C PHE A 319 -39.25 5.50 13.36
N LYS A 320 -38.95 4.30 13.89
CA LYS A 320 -39.65 3.81 15.07
C LYS A 320 -38.71 2.97 15.90
N GLN A 321 -38.60 3.28 17.19
CA GLN A 321 -37.80 2.50 18.12
C GLN A 321 -38.72 1.75 19.06
N VAL A 322 -38.62 0.42 19.06
CA VAL A 322 -39.47 -0.44 19.86
C VAL A 322 -38.61 -1.11 20.92
N ASP A 323 -38.99 -0.95 22.19
CA ASP A 323 -38.31 -1.59 23.30
C ASP A 323 -39.17 -2.75 23.80
N GLY A 324 -38.50 -3.79 24.27
CA GLY A 324 -39.20 -5.02 24.59
C GLY A 324 -39.55 -5.85 23.38
N PHE A 325 -38.74 -5.75 22.32
CA PHE A 325 -38.98 -6.51 21.10
C PHE A 325 -38.34 -7.89 21.23
N TYR A 326 -39.14 -8.93 21.00
CA TYR A 326 -38.70 -10.31 21.13
C TYR A 326 -38.50 -10.89 19.74
N ALA A 327 -37.25 -11.13 19.38
CA ALA A 327 -36.92 -11.57 18.03
C ALA A 327 -37.34 -13.02 17.81
N ARG A 328 -37.83 -13.30 16.61
CA ARG A 328 -38.24 -14.64 16.20
C ARG A 328 -37.27 -15.13 15.13
N ASP A 329 -36.63 -16.27 15.37
CA ASP A 329 -35.80 -16.89 14.35
C ASP A 329 -36.70 -17.54 13.31
N LEU A 330 -36.43 -17.25 12.04
CA LEU A 330 -37.32 -17.67 10.96
C LEU A 330 -37.06 -19.09 10.49
N THR A 331 -35.96 -19.73 10.94
CA THR A 331 -35.67 -21.11 10.59
C THR A 331 -35.95 -22.07 11.73
N THR A 332 -35.36 -21.82 12.91
CA THR A 332 -35.62 -22.66 14.07
C THR A 332 -37.03 -22.44 14.63
N LYS A 333 -37.69 -21.37 14.22
CA LYS A 333 -39.03 -21.01 14.71
C LYS A 333 -39.06 -20.84 16.22
N ALA A 334 -37.94 -20.39 16.80
CA ALA A 334 -37.82 -20.11 18.21
C ALA A 334 -37.73 -18.60 18.42
N ARG A 335 -38.12 -18.17 19.62
CA ARG A 335 -38.19 -16.75 19.95
C ARG A 335 -37.24 -16.45 21.10
N ALA A 336 -36.47 -15.38 20.96
CA ALA A 336 -35.54 -14.97 22.00
C ALA A 336 -36.29 -14.54 23.24
N THR A 337 -35.68 -14.78 24.40
CA THR A 337 -36.30 -14.44 25.68
C THR A 337 -35.88 -13.05 26.18
N ALA A 338 -34.67 -12.62 25.84
CA ALA A 338 -34.19 -11.31 26.29
C ALA A 338 -34.72 -10.21 25.39
N PRO A 339 -35.37 -9.19 25.95
CA PRO A 339 -35.84 -8.08 25.11
C PRO A 339 -34.69 -7.27 24.56
N THR A 340 -34.92 -6.66 23.40
CA THR A 340 -33.94 -5.82 22.75
C THR A 340 -34.57 -4.53 22.27
N THR A 341 -33.75 -3.49 22.18
CA THR A 341 -34.18 -2.21 21.62
C THR A 341 -33.94 -2.25 20.10
N ARG A 342 -35.02 -2.15 19.33
CA ARG A 342 -34.98 -2.40 17.90
C ARG A 342 -35.35 -1.11 17.17
N ASN A 343 -34.47 -0.66 16.27
CA ASN A 343 -34.74 0.47 15.41
C ASN A 343 -35.28 -0.04 14.07
N LEU A 344 -36.36 0.59 13.60
CA LEU A 344 -36.95 0.25 12.32
C LEU A 344 -37.09 1.52 11.49
N LEU A 345 -36.56 1.49 10.28
CA LEU A 345 -36.61 2.62 9.35
C LEU A 345 -37.20 2.17 8.03
N THR A 346 -38.09 2.97 7.47
CA THR A 346 -38.75 2.65 6.21
C THR A 346 -38.25 3.60 5.12
N THR A 347 -37.15 3.21 4.47
CA THR A 347 -36.66 3.93 3.32
C THR A 347 -37.60 3.73 2.14
N PRO A 348 -37.58 4.62 1.15
CA PRO A 348 -38.49 4.48 0.01
C PRO A 348 -38.31 3.19 -0.80
N LYS A 349 -37.22 2.46 -0.61
CA LYS A 349 -36.97 1.24 -1.35
C LYS A 349 -37.06 -0.03 -0.51
N PHE A 350 -36.92 0.08 0.81
CA PHE A 350 -36.85 -1.09 1.67
C PHE A 350 -37.03 -0.65 3.12
N THR A 351 -37.12 -1.64 4.01
CA THR A 351 -37.23 -1.41 5.45
C THR A 351 -36.04 -2.06 6.14
N VAL A 352 -35.38 -1.34 7.02
CA VAL A 352 -34.25 -1.86 7.77
C VAL A 352 -34.62 -1.93 9.25
N ALA A 353 -34.11 -2.97 9.91
CA ALA A 353 -34.25 -3.14 11.33
C ALA A 353 -32.91 -3.54 11.92
N TRP A 354 -32.50 -2.85 12.98
CA TRP A 354 -31.23 -3.18 13.62
C TRP A 354 -31.30 -2.92 15.11
N ASP A 355 -30.50 -3.65 15.88
CA ASP A 355 -30.50 -3.51 17.32
C ASP A 355 -29.72 -2.29 17.74
N TRP A 356 -30.25 -1.55 18.72
CA TRP A 356 -29.68 -0.30 19.15
C TRP A 356 -28.61 -0.53 20.21
N VAL A 357 -27.49 0.20 20.09
CA VAL A 357 -26.43 0.18 21.07
C VAL A 357 -25.97 1.62 21.32
N PRO A 358 -25.49 1.96 22.51
CA PRO A 358 -24.98 3.31 22.74
C PRO A 358 -23.72 3.58 21.92
N LYS A 359 -23.56 4.85 21.52
CA LYS A 359 -22.51 5.20 20.58
C LYS A 359 -21.12 5.15 21.21
N ARG A 360 -20.98 5.72 22.40
CA ARG A 360 -19.64 5.90 22.98
C ARG A 360 -18.93 4.58 23.27
N PRO A 361 -19.54 3.59 23.93
CA PRO A 361 -18.83 2.33 24.18
C PRO A 361 -18.83 1.35 23.02
N SER A 362 -19.30 1.76 21.84
CA SER A 362 -19.35 0.90 20.67
C SER A 362 -18.25 1.18 19.66
N VAL A 363 -17.89 2.45 19.47
CA VAL A 363 -16.87 2.83 18.52
C VAL A 363 -15.70 3.47 19.25
N CYS A 364 -14.54 3.43 18.61
CA CYS A 364 -13.34 4.06 19.16
C CYS A 364 -12.39 4.37 18.02
N THR A 365 -11.70 5.51 18.11
CA THR A 365 -10.83 5.97 17.05
C THR A 365 -9.39 5.47 17.20
N MET A 366 -9.11 4.65 18.20
CA MET A 366 -7.80 4.04 18.37
C MET A 366 -7.96 2.51 18.45
N THR A 367 -7.11 1.80 17.72
CA THR A 367 -7.11 0.36 17.72
C THR A 367 -5.80 -0.15 18.31
N LYS A 368 -5.90 -1.10 19.22
CA LYS A 368 -4.71 -1.64 19.86
C LYS A 368 -3.89 -2.40 18.83
N TRP A 369 -2.62 -1.98 18.67
CA TRP A 369 -1.75 -2.52 17.64
C TRP A 369 -0.71 -3.49 18.21
N GLN A 370 0.01 -3.10 19.26
CA GLN A 370 1.06 -3.95 19.80
C GLN A 370 0.99 -3.97 21.32
N GLU A 371 1.39 -5.11 21.89
CA GLU A 371 1.59 -5.26 23.32
C GLU A 371 3.03 -5.66 23.54
N VAL A 372 3.79 -4.85 24.29
CA VAL A 372 5.21 -5.10 24.51
C VAL A 372 5.42 -5.33 26.00
N ASP A 373 6.07 -6.45 26.32
CA ASP A 373 6.41 -6.78 27.69
C ASP A 373 7.44 -5.79 28.25
N GLU A 374 8.43 -5.41 27.45
CA GLU A 374 9.53 -4.58 27.91
C GLU A 374 9.72 -3.42 26.93
N MET A 375 9.23 -2.24 27.32
CA MET A 375 9.55 -0.99 26.64
C MET A 375 10.42 -0.16 27.56
N LEU A 376 11.73 -0.22 27.33
CA LEU A 376 12.66 0.57 28.13
C LEU A 376 12.47 2.06 27.83
N ARG A 377 12.32 2.85 28.88
CA ARG A 377 12.07 4.28 28.76
C ARG A 377 13.29 5.04 29.27
N SER A 378 13.76 5.99 28.47
CA SER A 378 14.89 6.82 28.83
C SER A 378 14.55 8.28 28.57
N GLU A 379 15.20 9.16 29.32
CA GLU A 379 15.06 10.60 29.14
C GLU A 379 16.34 11.13 28.49
N TYR A 380 16.18 11.84 27.38
CA TYR A 380 17.33 12.24 26.57
C TYR A 380 16.95 13.52 25.84
N GLY A 381 17.75 14.56 26.05
CA GLY A 381 17.57 15.81 25.31
C GLY A 381 16.17 16.40 25.43
N GLY A 382 15.60 16.35 26.63
CA GLY A 382 14.24 16.84 26.82
C GLY A 382 13.19 16.05 26.04
N SER A 383 13.40 14.74 25.90
CA SER A 383 12.46 13.89 25.21
C SER A 383 12.50 12.50 25.83
N PHE A 384 11.45 11.72 25.57
CA PHE A 384 11.37 10.35 26.05
C PHE A 384 11.63 9.41 24.89
N ARG A 385 12.52 8.44 25.10
CA ARG A 385 12.81 7.39 24.15
C ARG A 385 12.23 6.09 24.69
N PHE A 386 11.35 5.45 23.91
CA PHE A 386 10.74 4.18 24.25
C PHE A 386 11.28 3.13 23.29
N SER A 387 12.08 2.20 23.79
CA SER A 387 12.73 1.18 22.98
C SER A 387 12.18 -0.18 23.35
N SER A 388 11.65 -0.90 22.36
CA SER A 388 11.15 -2.26 22.54
C SER A 388 12.04 -3.20 21.73
N ASP A 389 12.62 -4.18 22.44
CA ASP A 389 13.58 -5.09 21.83
C ASP A 389 12.89 -6.23 21.09
N ALA A 390 11.68 -6.61 21.52
CA ALA A 390 10.99 -7.72 20.88
C ALA A 390 10.64 -7.40 19.44
N ILE A 391 10.16 -6.17 19.19
CA ILE A 391 9.80 -5.75 17.85
C ILE A 391 10.87 -4.86 17.22
N SER A 392 11.95 -4.58 17.94
CA SER A 392 13.06 -3.78 17.43
C SER A 392 12.58 -2.41 16.96
N THR A 393 12.04 -1.64 17.91
CA THR A 393 11.38 -0.40 17.56
C THR A 393 11.68 0.66 18.61
N THR A 394 11.81 1.91 18.17
CA THR A 394 12.09 3.02 19.07
C THR A 394 11.20 4.20 18.71
N PHE A 395 10.52 4.75 19.70
CA PHE A 395 9.67 5.92 19.54
C PHE A 395 10.22 7.08 20.38
N THR A 396 9.98 8.30 19.89
CA THR A 396 10.39 9.51 20.57
C THR A 396 9.17 10.36 20.86
N THR A 397 9.01 10.77 22.12
CA THR A 397 7.86 11.54 22.56
C THR A 397 8.34 12.79 23.30
N ASN A 398 7.47 13.79 23.36
CA ASN A 398 7.75 14.96 24.18
C ASN A 398 7.63 14.60 25.66
N LEU A 399 8.18 15.47 26.50
CA LEU A 399 8.22 15.18 27.93
C LEU A 399 6.85 15.22 28.56
N THR A 400 6.01 16.16 28.13
CA THR A 400 4.69 16.31 28.72
C THR A 400 3.79 15.15 28.33
N GLU A 401 2.97 14.70 29.29
CA GLU A 401 2.05 13.61 29.04
C GLU A 401 0.93 14.07 28.10
N TYR A 402 0.37 13.12 27.35
CA TYR A 402 -0.73 13.40 26.45
C TYR A 402 -2.04 13.06 27.15
N PRO A 403 -2.92 14.04 27.40
CA PRO A 403 -4.18 13.72 28.06
C PRO A 403 -5.03 12.77 27.22
N LEU A 404 -5.71 11.85 27.90
CA LEU A 404 -6.57 10.89 27.22
C LEU A 404 -7.90 11.50 26.79
N SER A 405 -8.29 12.63 27.39
CA SER A 405 -9.55 13.27 27.05
C SER A 405 -9.53 13.92 25.67
N ARG A 406 -8.32 14.17 25.12
CA ARG A 406 -8.22 14.84 23.84
C ARG A 406 -8.57 13.94 22.65
N VAL A 407 -8.60 12.63 22.86
CA VAL A 407 -8.92 11.69 21.79
C VAL A 407 -10.42 11.66 21.59
N ASP A 408 -10.87 11.92 20.36
CA ASP A 408 -12.28 11.86 20.05
C ASP A 408 -12.76 10.41 20.10
N LEU A 409 -13.85 10.17 20.83
CA LEU A 409 -14.42 8.84 21.00
C LEU A 409 -13.36 7.85 21.46
N GLY A 410 -12.68 8.20 22.55
CA GLY A 410 -11.53 7.44 22.99
C GLY A 410 -11.73 6.69 24.29
N ASP A 411 -12.89 6.08 24.46
CA ASP A 411 -13.17 5.33 25.68
C ASP A 411 -12.51 3.96 25.70
N CYS A 412 -12.07 3.45 24.55
CA CYS A 412 -11.53 2.10 24.48
C CYS A 412 -10.11 2.02 25.03
N ILE A 413 -9.33 3.09 24.92
CA ILE A 413 -7.90 3.02 25.17
C ILE A 413 -7.61 2.65 26.61
N GLY A 414 -8.28 3.31 27.56
CA GLY A 414 -7.99 3.05 28.96
C GLY A 414 -8.28 1.61 29.35
N LYS A 415 -9.47 1.12 29.00
CA LYS A 415 -9.86 -0.23 29.36
C LYS A 415 -8.96 -1.26 28.69
N ASP A 416 -8.70 -1.09 27.39
CA ASP A 416 -7.86 -2.05 26.68
C ASP A 416 -6.45 -2.08 27.24
N ALA A 417 -5.87 -0.91 27.50
CA ALA A 417 -4.54 -0.84 28.06
C ALA A 417 -4.48 -1.49 29.44
N ARG A 418 -5.47 -1.19 30.29
CA ARG A 418 -5.47 -1.78 31.62
C ARG A 418 -5.57 -3.29 31.55
N ASP A 419 -6.45 -3.82 30.69
CA ASP A 419 -6.58 -5.26 30.55
C ASP A 419 -5.27 -5.89 30.10
N ALA A 420 -4.66 -5.34 29.04
CA ALA A 420 -3.44 -5.93 28.51
C ALA A 420 -2.30 -5.87 29.52
N MET A 421 -2.14 -4.72 30.19
CA MET A 421 -1.05 -4.55 31.13
C MET A 421 -1.23 -5.44 32.36
N ASP A 422 -2.47 -5.56 32.86
CA ASP A 422 -2.71 -6.45 33.99
C ASP A 422 -2.42 -7.89 33.61
N ARG A 423 -2.84 -8.33 32.42
CA ARG A 423 -2.57 -9.69 31.99
C ARG A 423 -1.07 -9.94 31.90
N ILE A 424 -0.33 -9.00 31.29
CA ILE A 424 1.10 -9.17 31.12
C ILE A 424 1.81 -9.19 32.48
N PHE A 425 1.41 -8.28 33.38
CA PHE A 425 2.04 -8.24 34.70
C PHE A 425 1.78 -9.52 35.48
N ALA A 426 0.54 -10.05 35.38
CA ALA A 426 0.24 -11.30 36.08
C ALA A 426 1.03 -12.47 35.48
N ARG A 427 1.24 -12.46 34.16
CA ARG A 427 1.91 -13.59 33.53
C ARG A 427 3.39 -13.65 33.90
N ARG A 428 4.10 -12.52 33.82
CA ARG A 428 5.55 -12.56 33.80
C ARG A 428 6.22 -11.75 34.91
N TYR A 429 5.69 -10.57 35.25
CA TYR A 429 6.33 -9.69 36.22
C TYR A 429 5.72 -9.80 37.62
N ASN A 430 4.99 -10.89 37.90
CA ASN A 430 4.26 -10.96 39.16
C ASN A 430 5.19 -11.10 40.35
N ALA A 431 6.23 -11.95 40.24
CA ALA A 431 7.03 -12.33 41.39
C ALA A 431 8.31 -11.50 41.55
N THR A 432 8.62 -10.60 40.62
CA THR A 432 9.91 -9.94 40.64
C THR A 432 9.78 -8.42 40.68
N HIS A 433 8.72 -7.87 40.08
CA HIS A 433 8.57 -6.43 39.95
C HIS A 433 7.23 -6.00 40.53
N ILE A 434 7.13 -4.69 40.79
CA ILE A 434 5.91 -4.08 41.29
C ILE A 434 5.56 -2.88 40.42
N LYS A 435 4.28 -2.55 40.39
CA LYS A 435 3.82 -1.40 39.63
C LYS A 435 4.20 -0.10 40.33
N VAL A 436 4.33 0.97 39.55
CA VAL A 436 4.66 2.29 40.06
C VAL A 436 3.69 3.28 39.41
N GLY A 437 2.68 3.69 40.16
CA GLY A 437 1.75 4.70 39.69
C GLY A 437 0.74 4.14 38.69
N GLN A 438 -0.18 5.02 38.30
CA GLN A 438 -1.18 4.68 37.31
C GLN A 438 -0.58 4.79 35.91
N PRO A 439 -1.17 4.09 34.92
CA PRO A 439 -0.62 4.13 33.57
C PRO A 439 -0.58 5.54 33.01
N GLN A 440 0.47 5.81 32.22
CA GLN A 440 0.66 7.10 31.57
C GLN A 440 0.46 6.93 30.07
N TYR A 441 0.11 8.03 29.39
CA TYR A 441 -0.22 7.99 27.98
C TYR A 441 0.55 9.08 27.25
N TYR A 442 1.42 8.68 26.32
CA TYR A 442 2.22 9.61 25.55
C TYR A 442 1.92 9.47 24.07
N LEU A 443 2.22 10.53 23.33
CA LEU A 443 2.08 10.56 21.88
C LEU A 443 3.45 10.50 21.24
N ALA A 444 3.63 9.53 20.34
CA ALA A 444 4.89 9.29 19.67
C ALA A 444 4.81 9.73 18.21
N ASN A 445 5.94 10.24 17.71
CA ASN A 445 6.02 10.74 16.34
C ASN A 445 5.59 9.68 15.35
N GLY A 446 4.83 10.10 14.36
CA GLY A 446 4.11 9.20 13.48
C GLY A 446 2.64 9.08 13.82
N GLY A 447 2.25 9.52 15.02
CA GLY A 447 0.88 9.46 15.46
C GLY A 447 0.55 8.18 16.20
N PHE A 448 1.46 7.73 17.07
CA PHE A 448 1.24 6.54 17.86
C PHE A 448 0.87 6.93 19.29
N LEU A 449 0.08 6.09 19.95
CA LEU A 449 -0.28 6.32 21.34
C LEU A 449 0.33 5.22 22.21
N ILE A 450 1.25 5.60 23.07
CA ILE A 450 1.93 4.64 23.93
C ILE A 450 1.34 4.73 25.33
N ALA A 451 0.71 3.65 25.77
CA ALA A 451 0.22 3.51 27.14
C ALA A 451 1.26 2.72 27.91
N TYR A 452 1.90 3.38 28.87
CA TYR A 452 3.09 2.88 29.54
C TYR A 452 2.79 2.70 31.03
N GLN A 453 3.10 1.52 31.55
CA GLN A 453 3.05 1.27 32.99
C GLN A 453 4.46 1.03 33.48
N PRO A 454 5.06 1.98 34.21
CA PRO A 454 6.40 1.75 34.76
C PRO A 454 6.39 0.65 35.79
N LEU A 455 7.53 -0.03 35.91
CA LEU A 455 7.70 -1.10 36.88
C LEU A 455 9.01 -0.91 37.61
N LEU A 456 9.07 -1.45 38.83
CA LEU A 456 10.27 -1.32 39.65
C LEU A 456 10.57 -2.68 40.27
N SER A 457 11.85 -3.06 40.24
CA SER A 457 12.28 -4.31 40.84
C SER A 457 12.23 -4.20 42.36
N ASN A 458 12.13 -5.35 43.03
CA ASN A 458 12.11 -5.37 44.49
C ASN A 458 13.42 -4.84 45.07
N THR A 459 14.53 -4.99 44.33
CA THR A 459 15.83 -4.49 44.76
C THR A 459 15.92 -2.98 44.53
N VAL A 492 -10.28 18.44 21.50
CA VAL A 492 -10.66 17.14 20.90
C VAL A 492 -10.23 17.11 19.43
N GLU A 493 -9.37 16.15 19.10
CA GLU A 493 -8.84 16.02 17.75
C GLU A 493 -8.48 14.56 17.50
N ARG A 494 -8.66 14.12 16.25
CA ARG A 494 -8.37 12.76 15.87
C ARG A 494 -6.93 12.66 15.36
N ILE A 495 -6.22 11.63 15.83
CA ILE A 495 -4.80 11.47 15.56
C ILE A 495 -4.61 10.66 14.30
N LYS A 496 -3.67 11.09 13.45
CA LYS A 496 -3.37 10.41 12.20
C LYS A 496 -2.06 9.63 12.33
N THR A 497 -2.09 8.37 11.91
CA THR A 497 -0.94 7.48 12.01
C THR A 497 -0.38 7.19 10.63
N THR A 498 0.95 7.24 10.52
CA THR A 498 1.61 6.93 9.26
C THR A 498 1.48 5.45 8.92
N SER A 499 1.58 5.15 7.64
CA SER A 499 1.43 3.78 7.15
C SER A 499 2.72 2.97 7.16
N SER A 500 3.86 3.61 7.45
CA SER A 500 5.16 2.94 7.40
C SER A 500 5.89 3.15 8.72
N ILE A 501 6.53 2.08 9.19
CA ILE A 501 7.18 2.08 10.50
C ILE A 501 8.70 1.93 10.36
N GLU A 502 9.23 2.15 9.16
CA GLU A 502 10.66 1.91 8.94
C GLU A 502 11.53 2.88 9.74
N PHE A 503 11.05 4.09 10.00
CA PHE A 503 11.88 5.07 10.70
C PHE A 503 12.23 4.62 12.11
N ALA A 504 11.26 4.04 12.82
CA ALA A 504 11.52 3.58 14.19
C ALA A 504 12.53 2.43 14.20
N ARG A 505 12.40 1.49 13.27
CA ARG A 505 13.34 0.38 13.18
C ARG A 505 14.75 0.89 12.85
N LEU A 506 14.85 1.85 11.93
CA LEU A 506 16.14 2.45 11.61
C LEU A 506 16.73 3.16 12.82
N GLN A 507 15.88 3.85 13.59
CA GLN A 507 16.35 4.51 14.80
C GLN A 507 16.91 3.49 15.79
N PHE A 508 16.20 2.37 15.97
CA PHE A 508 16.67 1.34 16.88
C PHE A 508 18.02 0.77 16.43
N THR A 509 18.15 0.44 15.15
CA THR A 509 19.39 -0.08 14.62
C THR A 509 20.55 0.91 14.83
N TYR A 510 20.31 2.17 14.47
CA TYR A 510 21.35 3.19 14.61
C TYR A 510 21.75 3.37 16.06
N ASN A 511 20.77 3.43 16.98
CA ASN A 511 21.09 3.61 18.38
C ASN A 511 21.91 2.44 18.92
N HIS A 512 21.54 1.22 18.55
CA HIS A 512 22.27 0.07 19.06
C HIS A 512 23.72 0.06 18.56
N ILE A 513 23.89 0.29 17.26
CA ILE A 513 25.23 0.33 16.69
C ILE A 513 26.07 1.45 17.29
N GLN A 514 25.45 2.63 17.45
CA GLN A 514 26.16 3.79 17.98
C GLN A 514 26.61 3.53 19.41
N ARG A 515 25.71 2.98 20.24
CA ARG A 515 26.08 2.68 21.62
C ARG A 515 27.27 1.73 21.66
N HIS A 516 27.23 0.67 20.86
CA HIS A 516 28.34 -0.27 20.88
C HIS A 516 29.65 0.38 20.45
N VAL A 517 29.64 1.08 19.33
CA VAL A 517 30.90 1.65 18.81
C VAL A 517 31.44 2.72 19.75
N ASN A 518 30.56 3.57 20.29
CA ASN A 518 31.02 4.62 21.19
C ASN A 518 31.60 4.05 22.48
N ASP A 519 30.92 3.06 23.07
CA ASP A 519 31.45 2.42 24.26
C ASP A 519 32.84 1.83 24.00
N MET A 520 32.97 1.04 22.93
CA MET A 520 34.22 0.35 22.68
C MET A 520 35.35 1.34 22.37
N LEU A 521 35.05 2.37 21.57
CA LEU A 521 36.10 3.31 21.18
C LEU A 521 36.49 4.22 22.35
N GLY A 522 35.55 4.58 23.21
CA GLY A 522 35.92 5.27 24.44
C GLY A 522 36.83 4.44 25.31
N ARG A 523 36.54 3.14 25.41
CA ARG A 523 37.42 2.26 26.17
C ARG A 523 38.82 2.21 25.56
N VAL A 524 38.90 2.14 24.23
CA VAL A 524 40.21 2.12 23.57
C VAL A 524 40.97 3.42 23.81
N ALA A 525 40.28 4.56 23.74
CA ALA A 525 40.94 5.84 24.02
C ALA A 525 41.47 5.90 25.45
N ILE A 526 40.66 5.44 26.42
CA ILE A 526 41.09 5.39 27.80
C ILE A 526 42.34 4.53 27.96
N ALA A 527 42.32 3.35 27.32
CA ALA A 527 43.45 2.45 27.40
C ALA A 527 44.70 3.06 26.77
N TRP A 528 44.56 3.78 25.65
CA TRP A 528 45.70 4.43 25.03
C TRP A 528 46.30 5.48 25.96
N CYS A 529 45.45 6.32 26.55
CA CYS A 529 45.96 7.34 27.46
C CYS A 529 46.72 6.70 28.63
N GLU A 530 46.13 5.65 29.21
CA GLU A 530 46.79 4.96 30.32
C GLU A 530 48.11 4.34 29.88
N LEU A 531 48.15 3.73 28.70
CA LEU A 531 49.37 3.11 28.22
C LEU A 531 50.49 4.13 28.02
N GLN A 532 50.15 5.29 27.45
CA GLN A 532 51.17 6.31 27.26
C GLN A 532 51.68 6.85 28.60
N ASN A 533 50.76 7.12 29.52
CA ASN A 533 51.15 7.56 30.85
C ASN A 533 52.01 6.52 31.54
N HIS A 534 51.79 5.24 31.22
CA HIS A 534 52.55 4.16 31.83
C HIS A 534 53.93 4.00 31.21
N GLU A 535 54.06 4.28 29.91
CA GLU A 535 55.33 4.16 29.21
C GLU A 535 56.25 5.34 29.47
N LEU A 536 55.69 6.47 29.91
CA LEU A 536 56.54 7.59 30.35
C LEU A 536 57.56 7.12 31.39
N THR A 537 57.18 6.16 32.24
CA THR A 537 58.10 5.64 33.23
C THR A 537 59.33 5.00 32.60
N LEU A 538 59.12 4.20 31.54
CA LEU A 538 60.26 3.60 30.85
C LEU A 538 61.12 4.67 30.18
N TRP A 539 60.47 5.68 29.61
CA TRP A 539 61.21 6.75 28.96
C TRP A 539 62.09 7.50 29.96
N ASN A 540 61.60 7.68 31.19
CA ASN A 540 62.36 8.40 32.21
C ASN A 540 63.72 7.75 32.46
N GLU A 541 63.82 6.43 32.29
CA GLU A 541 65.10 5.73 32.46
C GLU A 541 65.87 5.60 31.16
N ALA A 542 65.15 5.45 30.04
CA ALA A 542 65.81 5.41 28.74
C ALA A 542 66.59 6.69 28.47
N ARG A 543 66.08 7.83 28.93
CA ARG A 543 66.82 9.09 28.76
C ARG A 543 68.14 9.05 29.50
N LYS A 544 68.25 8.22 30.54
CA LYS A 544 69.51 8.06 31.26
C LYS A 544 70.44 7.04 30.62
N LEU A 545 69.89 5.94 30.12
CA LEU A 545 70.75 4.88 29.58
C LEU A 545 71.49 5.34 28.33
N ASN A 546 70.81 6.06 27.43
CA ASN A 546 71.43 6.53 26.20
C ASN A 546 70.73 7.80 25.76
N PRO A 547 71.23 8.97 26.19
CA PRO A 547 70.51 10.22 25.92
C PRO A 547 70.36 10.56 24.44
N ASN A 548 71.33 10.19 23.60
CA ASN A 548 71.30 10.61 22.20
C ASN A 548 70.10 10.04 21.47
N ALA A 549 69.88 8.72 21.58
CA ALA A 549 68.78 8.08 20.88
C ALA A 549 67.44 8.63 21.34
N ILE A 550 67.28 8.82 22.67
CA ILE A 550 66.03 9.33 23.20
C ILE A 550 65.77 10.75 22.73
N ALA A 551 66.79 11.60 22.75
CA ALA A 551 66.62 12.96 22.25
C ALA A 551 66.25 12.96 20.77
N SER A 552 66.90 12.10 19.99
CA SER A 552 66.62 12.03 18.56
C SER A 552 65.18 11.60 18.31
N ALA A 553 64.69 10.61 19.06
CA ALA A 553 63.36 10.09 18.78
C ALA A 553 62.27 11.02 19.32
N THR A 554 62.54 11.74 20.41
CA THR A 554 61.51 12.57 21.01
C THR A 554 61.46 13.98 20.42
N VAL A 555 62.62 14.62 20.25
CA VAL A 555 62.63 16.02 19.84
C VAL A 555 62.12 16.18 18.40
N GLY A 556 62.52 15.28 17.50
CA GLY A 556 61.98 15.31 16.15
C GLY A 556 63.04 15.34 15.08
N ARG A 557 64.30 15.54 15.47
CA ARG A 557 65.41 15.59 14.51
C ARG A 557 66.64 14.96 15.15
N ARG A 558 67.59 14.57 14.30
CA ARG A 558 68.81 13.91 14.75
C ARG A 558 69.66 14.90 15.54
N VAL A 559 69.74 14.70 16.85
CA VAL A 559 70.44 15.59 17.75
C VAL A 559 71.30 14.78 18.70
N SER A 560 72.24 15.47 19.36
CA SER A 560 73.06 14.87 20.40
C SER A 560 72.77 15.57 21.72
N ALA A 561 72.50 14.78 22.76
CA ALA A 561 72.11 15.32 24.05
C ALA A 561 72.90 14.64 25.16
N ARG A 562 73.03 15.37 26.27
CA ARG A 562 73.65 14.87 27.48
C ARG A 562 72.79 15.25 28.68
N MET A 563 72.65 14.33 29.63
CA MET A 563 71.82 14.59 30.79
C MET A 563 72.57 15.50 31.75
N LEU A 564 71.90 16.56 32.18
CA LEU A 564 72.52 17.66 32.93
C LEU A 564 71.72 17.93 34.21
N GLY A 565 71.43 16.86 34.93
CA GLY A 565 70.61 16.94 36.13
C GLY A 565 69.33 16.14 35.98
N ASP A 566 68.19 16.84 35.84
CA ASP A 566 66.93 16.20 35.51
C ASP A 566 66.41 16.68 34.16
N VAL A 567 67.27 17.32 33.35
CA VAL A 567 66.95 17.74 32.01
C VAL A 567 68.03 17.25 31.06
N MET A 568 67.82 17.49 29.77
CA MET A 568 68.78 17.11 28.75
C MET A 568 69.24 18.35 27.99
N ALA A 569 70.55 18.57 27.99
CA ALA A 569 71.13 19.58 27.13
C ALA A 569 71.28 19.00 25.73
N VAL A 570 70.72 19.69 24.74
CA VAL A 570 70.56 19.14 23.40
C VAL A 570 71.24 20.06 22.40
N SER A 571 71.75 19.46 21.32
CA SER A 571 72.40 20.23 20.26
C SER A 571 72.09 19.56 18.91
N THR A 572 71.69 20.39 17.94
CA THR A 572 71.46 19.90 16.59
C THR A 572 72.80 19.73 15.88
N CYS A 573 73.00 18.56 15.27
CA CYS A 573 74.29 18.20 14.70
C CYS A 573 74.16 17.91 13.21
N VAL A 574 75.31 17.89 12.53
CA VAL A 574 75.30 18.10 11.08
C VAL A 574 75.57 16.82 10.29
N PRO A 575 74.90 16.64 9.14
CA PRO A 575 75.12 15.44 8.34
C PRO A 575 76.44 15.47 7.57
N VAL A 576 76.83 14.29 7.12
CA VAL A 576 78.05 14.07 6.34
C VAL A 576 77.74 13.01 5.29
N ALA A 577 78.22 13.25 4.06
CA ALA A 577 77.92 12.36 2.95
C ALA A 577 78.53 10.98 3.16
N ALA A 578 77.90 9.96 2.57
CA ALA A 578 78.36 8.59 2.73
C ALA A 578 79.71 8.37 2.05
N ASP A 579 79.88 8.92 0.85
CA ASP A 579 81.09 8.67 0.07
C ASP A 579 82.32 9.38 0.63
N ASN A 580 82.14 10.29 1.59
CA ASN A 580 83.25 11.04 2.17
C ASN A 580 83.75 10.42 3.48
N VAL A 581 83.55 9.10 3.65
CA VAL A 581 83.95 8.41 4.85
C VAL A 581 84.79 7.20 4.46
N ILE A 582 85.96 7.05 5.10
CA ILE A 582 86.86 5.94 4.84
C ILE A 582 87.17 5.26 6.17
N VAL A 583 87.11 3.93 6.18
CA VAL A 583 87.38 3.15 7.38
C VAL A 583 88.81 2.62 7.33
N GLN A 584 89.55 2.79 8.41
CA GLN A 584 90.89 2.24 8.50
C GLN A 584 90.81 0.73 8.67
N ASN A 585 91.81 0.04 8.11
CA ASN A 585 91.76 -1.41 8.03
C ASN A 585 91.87 -2.05 9.42
N SER A 586 92.81 -1.55 10.24
CA SER A 586 93.09 -2.17 11.53
C SER A 586 92.68 -1.24 12.67
N MET A 587 92.08 -1.84 13.71
CA MET A 587 91.75 -1.12 14.93
C MET A 587 92.84 -1.24 15.98
N ARG A 588 93.90 -1.99 15.70
CA ARG A 588 94.95 -2.20 16.69
C ARG A 588 95.76 -0.92 16.89
N ILE A 589 96.21 -0.72 18.13
CA ILE A 589 97.08 0.40 18.46
C ILE A 589 98.52 -0.03 18.23
N SER A 590 99.18 0.59 17.25
CA SER A 590 100.52 0.20 16.89
C SER A 590 101.56 0.61 17.94
N SER A 591 101.19 1.53 18.84
CA SER A 591 102.13 2.03 19.85
C SER A 591 101.90 1.41 21.23
N ARG A 592 100.71 0.87 21.49
CA ARG A 592 100.38 0.32 22.81
C ARG A 592 99.83 -1.10 22.65
N PRO A 593 100.70 -2.11 22.70
CA PRO A 593 100.22 -3.48 22.68
C PRO A 593 99.33 -3.78 23.88
N GLY A 594 98.30 -4.61 23.65
CA GLY A 594 97.37 -4.97 24.70
C GLY A 594 96.15 -4.07 24.79
N ALA A 595 96.11 -2.98 24.03
CA ALA A 595 94.95 -2.09 23.98
C ALA A 595 94.45 -2.03 22.54
N CYS A 596 93.16 -2.28 22.36
CA CYS A 596 92.54 -2.28 21.04
C CYS A 596 91.32 -1.37 21.06
N TYR A 597 91.08 -0.67 19.96
CA TYR A 597 89.90 0.16 19.84
C TYR A 597 88.67 -0.73 19.61
N SER A 598 87.66 -0.55 20.45
CA SER A 598 86.43 -1.33 20.36
C SER A 598 85.50 -0.87 19.23
N ARG A 599 85.79 0.32 18.67
CA ARG A 599 84.99 0.85 17.54
C ARG A 599 85.92 1.09 16.35
N PRO A 600 85.41 1.03 15.09
CA PRO A 600 86.24 1.25 13.91
C PRO A 600 86.73 2.70 13.83
N LEU A 601 87.99 2.91 13.44
CA LEU A 601 88.52 4.28 13.26
C LEU A 601 88.07 4.80 11.89
N VAL A 602 87.78 6.09 11.76
CA VAL A 602 87.26 6.62 10.51
C VAL A 602 87.97 7.92 10.15
N SER A 603 87.95 8.23 8.86
CA SER A 603 88.42 9.49 8.32
C SER A 603 87.32 10.07 7.44
N PHE A 604 86.89 11.30 7.76
CA PHE A 604 85.78 11.92 7.07
C PHE A 604 86.12 13.37 6.76
N ARG A 605 85.48 13.90 5.73
CA ARG A 605 85.59 15.30 5.36
C ARG A 605 84.19 15.90 5.30
N TYR A 606 84.07 17.14 5.79
CA TYR A 606 82.77 17.80 5.86
C TYR A 606 82.20 18.04 4.46
N GLU A 607 83.05 18.53 3.55
CA GLU A 607 82.64 18.85 2.19
C GLU A 607 83.44 18.00 1.20
N ASP A 608 83.03 18.06 -0.07
CA ASP A 608 83.70 17.29 -1.11
C ASP A 608 85.14 17.74 -1.32
N GLN A 609 85.48 18.97 -0.90
CA GLN A 609 86.82 19.50 -1.09
C GLN A 609 87.48 19.92 0.23
N GLY A 610 86.92 19.47 1.36
CA GLY A 610 87.43 19.85 2.66
C GLY A 610 88.63 19.00 3.06
N PRO A 611 89.29 19.42 4.13
CA PRO A 611 90.42 18.66 4.66
C PRO A 611 89.98 17.35 5.27
N LEU A 612 90.96 16.45 5.42
CA LEU A 612 90.70 15.14 6.00
C LEU A 612 90.70 15.23 7.52
N VAL A 613 89.67 14.69 8.16
CA VAL A 613 89.52 14.75 9.61
C VAL A 613 89.44 13.33 10.15
N GLU A 614 90.31 13.03 11.11
CA GLU A 614 90.29 11.73 11.78
C GLU A 614 89.25 11.73 12.90
N GLY A 615 88.70 10.54 13.18
CA GLY A 615 87.71 10.43 14.22
C GLY A 615 87.33 8.99 14.48
N GLN A 616 86.31 8.84 15.33
CA GLN A 616 85.84 7.54 15.76
C GLN A 616 84.39 7.35 15.30
N LEU A 617 84.06 6.15 14.84
CA LEU A 617 82.71 5.85 14.45
C LEU A 617 81.83 5.68 15.69
N GLY A 618 80.51 5.85 15.48
CA GLY A 618 79.56 5.73 16.57
C GLY A 618 78.42 4.79 16.25
N GLU A 619 77.28 4.99 16.92
CA GLU A 619 76.12 4.13 16.78
C GLU A 619 75.08 4.80 15.88
N ASN A 620 74.43 3.97 15.05
CA ASN A 620 73.43 4.44 14.09
C ASN A 620 74.02 5.51 13.16
N ASN A 621 75.23 5.23 12.64
CA ASN A 621 75.90 6.09 11.67
C ASN A 621 76.11 7.50 12.21
N GLU A 622 76.91 7.58 13.28
CA GLU A 622 77.28 8.85 13.88
C GLU A 622 78.79 8.85 14.08
N LEU A 623 79.38 10.05 14.07
CA LEU A 623 80.83 10.19 14.06
C LEU A 623 81.31 10.86 15.34
N ARG A 624 82.27 10.23 16.01
CA ARG A 624 82.82 10.73 17.26
C ARG A 624 84.18 11.36 16.99
N LEU A 625 84.39 12.56 17.51
CA LEU A 625 85.62 13.30 17.22
C LEU A 625 86.80 12.79 18.04
N THR A 626 86.53 12.28 19.25
CA THR A 626 87.58 11.83 20.15
C THR A 626 87.67 10.31 20.16
N ARG A 627 88.89 9.80 20.08
CA ARG A 627 89.16 8.36 20.04
C ARG A 627 89.45 7.90 21.46
N ASP A 628 88.40 7.48 22.16
CA ASP A 628 88.52 7.07 23.56
C ASP A 628 88.08 5.64 23.83
N ALA A 629 87.35 5.01 22.91
CA ALA A 629 86.82 3.66 23.13
C ALA A 629 87.95 2.65 22.95
N ILE A 630 88.59 2.30 24.08
CA ILE A 630 89.71 1.37 24.08
C ILE A 630 89.43 0.30 25.13
N GLU A 631 89.74 -0.95 24.79
CA GLU A 631 89.53 -2.09 25.69
C GLU A 631 90.73 -3.03 25.61
N PRO A 632 90.95 -3.84 26.64
CA PRO A 632 92.01 -4.86 26.57
C PRO A 632 91.79 -5.80 25.41
N CYS A 633 92.88 -6.16 24.73
CA CYS A 633 92.80 -6.94 23.51
C CYS A 633 92.56 -8.41 23.88
N THR A 634 91.57 -9.03 23.24
CA THR A 634 91.17 -10.39 23.58
C THR A 634 91.03 -11.23 22.32
N VAL A 635 91.43 -12.50 22.42
CA VAL A 635 91.30 -13.43 21.32
C VAL A 635 89.82 -13.79 21.13
N GLY A 636 89.46 -14.04 19.87
CA GLY A 636 88.08 -14.36 19.52
C GLY A 636 87.29 -13.08 19.24
N HIS A 637 87.90 -12.17 18.49
CA HIS A 637 87.32 -10.86 18.21
C HIS A 637 86.71 -10.87 16.81
N ARG A 638 85.39 -11.01 16.75
CA ARG A 638 84.62 -10.81 15.53
C ARG A 638 83.51 -9.82 15.84
N ARG A 639 83.38 -8.79 15.02
CA ARG A 639 82.44 -7.72 15.31
C ARG A 639 81.75 -7.23 14.05
N TYR A 640 80.52 -6.72 14.23
CA TYR A 640 79.80 -6.04 13.17
C TYR A 640 79.48 -4.62 13.60
N PHE A 641 79.46 -3.71 12.63
CA PHE A 641 79.19 -2.31 12.91
C PHE A 641 78.34 -1.73 11.80
N THR A 642 77.55 -0.72 12.14
CA THR A 642 76.72 -0.04 11.16
C THR A 642 77.58 0.89 10.31
N PHE A 643 77.27 0.95 9.01
CA PHE A 643 78.00 1.80 8.09
C PHE A 643 77.09 2.09 6.91
N GLY A 644 76.69 3.35 6.76
CA GLY A 644 75.77 3.71 5.70
C GLY A 644 74.48 2.93 5.79
N GLY A 645 74.12 2.26 4.70
CA GLY A 645 72.93 1.43 4.66
C GLY A 645 73.18 -0.04 4.97
N GLY A 646 74.38 -0.41 5.38
CA GLY A 646 74.72 -1.81 5.63
C GLY A 646 75.63 -1.92 6.83
N TYR A 647 76.39 -3.02 6.86
CA TYR A 647 77.30 -3.28 7.96
C TYR A 647 78.72 -3.48 7.45
N VAL A 648 79.66 -3.33 8.37
CA VAL A 648 81.06 -3.72 8.16
C VAL A 648 81.41 -4.76 9.21
N TYR A 649 82.02 -5.86 8.76
CA TYR A 649 82.36 -6.98 9.61
C TYR A 649 83.88 -7.04 9.72
N PHE A 650 84.35 -7.15 10.96
CA PHE A 650 85.74 -7.04 11.36
C PHE A 650 86.16 -8.36 12.00
N GLU A 651 87.28 -8.91 11.53
CA GLU A 651 87.80 -10.19 12.02
C GLU A 651 89.14 -9.96 12.69
N GLU A 652 89.22 -10.30 13.98
CA GLU A 652 90.48 -10.26 14.75
C GLU A 652 91.16 -8.88 14.62
N TYR A 653 90.38 -7.84 14.90
CA TYR A 653 90.85 -6.46 14.89
C TYR A 653 91.42 -6.08 13.51
N ALA A 654 90.88 -6.69 12.45
CA ALA A 654 91.30 -6.42 11.09
C ALA A 654 90.07 -6.35 10.20
N TYR A 655 90.17 -5.52 9.16
CA TYR A 655 89.05 -5.35 8.24
C TYR A 655 88.76 -6.66 7.52
N SER A 656 87.50 -7.07 7.50
CA SER A 656 87.11 -8.29 6.81
C SER A 656 86.28 -8.00 5.57
N HIS A 657 85.12 -7.35 5.69
CA HIS A 657 84.37 -6.95 4.50
C HIS A 657 83.09 -6.25 4.88
N GLN A 658 82.45 -5.65 3.87
CA GLN A 658 81.14 -5.03 4.01
C GLN A 658 80.03 -6.05 3.73
N LEU A 659 78.84 -5.77 4.26
CA LEU A 659 77.68 -6.62 4.10
C LEU A 659 76.45 -5.76 3.87
N SER A 660 75.55 -6.24 3.01
CA SER A 660 74.27 -5.59 2.82
C SER A 660 73.36 -5.85 4.02
N ARG A 661 72.36 -4.97 4.18
CA ARG A 661 71.44 -5.09 5.31
C ARG A 661 70.65 -6.40 5.24
N ALA A 662 70.23 -6.80 4.03
CA ALA A 662 69.47 -8.01 3.83
C ALA A 662 70.26 -9.27 4.12
N ASP A 663 71.60 -9.17 4.23
CA ASP A 663 72.44 -10.34 4.41
C ASP A 663 72.24 -11.01 5.77
N ILE A 664 71.74 -10.27 6.76
CA ILE A 664 71.56 -10.77 8.12
C ILE A 664 70.07 -10.93 8.38
N THR A 665 69.70 -12.09 8.92
CA THR A 665 68.30 -12.35 9.25
C THR A 665 67.83 -11.38 10.34
N THR A 666 66.58 -10.94 10.21
CA THR A 666 65.99 -9.98 11.14
C THR A 666 64.86 -10.64 11.91
N VAL A 667 64.85 -10.43 13.23
CA VAL A 667 63.72 -10.81 14.06
C VAL A 667 62.84 -9.58 14.26
N SER A 668 61.53 -9.80 14.29
CA SER A 668 60.57 -8.72 14.34
C SER A 668 60.38 -8.22 15.78
N THR A 669 60.57 -6.93 15.97
CA THR A 669 60.31 -6.28 17.26
C THR A 669 58.99 -5.50 17.25
N PHE A 670 58.15 -5.73 16.24
CA PHE A 670 56.87 -5.07 16.12
C PHE A 670 55.75 -6.08 16.32
N ILE A 671 54.68 -5.66 17.00
CA ILE A 671 53.48 -6.46 17.12
C ILE A 671 52.55 -6.08 15.98
N ASP A 672 52.00 -7.09 15.31
CA ASP A 672 51.20 -6.87 14.11
C ASP A 672 49.74 -6.62 14.48
N LEU A 673 49.13 -5.65 13.80
CA LEU A 673 47.72 -5.32 13.98
C LEU A 673 47.14 -5.10 12.59
N ASN A 674 46.21 -5.96 12.18
CA ASN A 674 45.65 -5.94 10.84
C ASN A 674 44.22 -5.41 10.89
N ILE A 675 43.98 -4.31 10.17
CA ILE A 675 42.66 -3.73 10.04
C ILE A 675 42.35 -3.57 8.55
N THR A 676 41.16 -4.03 8.14
CA THR A 676 40.67 -3.78 6.79
C THR A 676 39.36 -3.00 6.87
N MET A 677 39.13 -2.16 5.88
CA MET A 677 37.99 -1.25 5.92
C MET A 677 36.70 -1.98 5.56
N LEU A 678 35.57 -1.36 5.89
CA LEU A 678 34.28 -1.84 5.43
C LEU A 678 34.11 -1.53 3.96
N GLU A 679 33.63 -2.51 3.21
CA GLU A 679 33.44 -2.33 1.78
C GLU A 679 32.18 -1.51 1.52
N ASP A 680 32.26 -0.66 0.51
CA ASP A 680 31.11 0.12 0.09
C ASP A 680 30.05 -0.79 -0.52
N HIS A 681 28.80 -0.56 -0.14
CA HIS A 681 27.68 -1.38 -0.57
C HIS A 681 26.61 -0.52 -1.19
N GLU A 682 25.82 -1.12 -2.09
CA GLU A 682 24.75 -0.43 -2.79
C GLU A 682 23.44 -1.16 -2.54
N PHE A 683 22.42 -0.41 -2.13
CA PHE A 683 21.09 -0.95 -1.92
C PHE A 683 20.21 -0.59 -3.12
N VAL A 684 19.64 -1.60 -3.76
CA VAL A 684 18.80 -1.40 -4.93
C VAL A 684 17.34 -1.29 -4.48
N PRO A 685 16.48 -0.63 -5.26
CA PRO A 685 15.05 -0.63 -4.97
C PRO A 685 14.46 -2.03 -5.07
N LEU A 686 13.87 -2.50 -3.97
CA LEU A 686 13.32 -3.86 -3.92
C LEU A 686 12.00 -3.82 -3.15
N GLU A 687 10.94 -4.29 -3.78
CA GLU A 687 9.61 -4.35 -3.16
C GLU A 687 9.01 -5.73 -3.37
N VAL A 688 8.25 -6.18 -2.38
CA VAL A 688 7.58 -7.48 -2.49
C VAL A 688 6.47 -7.41 -3.53
N TYR A 689 5.64 -6.38 -3.46
CA TYR A 689 4.58 -6.15 -4.43
C TYR A 689 4.58 -4.68 -4.82
N THR A 690 4.48 -4.43 -6.12
CA THR A 690 4.41 -3.07 -6.62
C THR A 690 2.99 -2.53 -6.51
N ARG A 691 2.83 -1.24 -6.82
CA ARG A 691 1.51 -0.62 -6.80
C ARG A 691 0.59 -1.27 -7.84
N HIS A 692 1.12 -1.53 -9.04
CA HIS A 692 0.30 -2.06 -10.11
C HIS A 692 -0.15 -3.48 -9.80
N GLU A 693 0.71 -4.29 -9.20
CA GLU A 693 0.31 -5.65 -8.83
C GLU A 693 -0.78 -5.63 -7.77
N ILE A 694 -0.68 -4.74 -6.79
CA ILE A 694 -1.69 -4.64 -5.74
C ILE A 694 -3.02 -4.17 -6.33
N LYS A 695 -2.98 -3.20 -7.25
CA LYS A 695 -4.20 -2.76 -7.92
C LYS A 695 -4.82 -3.89 -8.75
N ASP A 696 -3.98 -4.67 -9.44
CA ASP A 696 -4.47 -5.75 -10.28
C ASP A 696 -5.03 -6.91 -9.45
N SER A 697 -4.70 -6.98 -8.15
CA SER A 697 -5.18 -8.09 -7.33
C SER A 697 -6.71 -8.12 -7.25
N GLY A 698 -7.35 -6.95 -7.35
CA GLY A 698 -8.80 -6.90 -7.28
C GLY A 698 -9.45 -7.61 -8.46
N LEU A 699 -10.58 -8.26 -8.18
CA LEU A 699 -11.26 -9.04 -9.21
C LEU A 699 -11.99 -8.14 -10.21
N LEU A 700 -12.67 -7.11 -9.72
CA LEU A 700 -13.30 -6.12 -10.58
C LEU A 700 -12.84 -4.72 -10.21
N ASP A 701 -12.70 -3.89 -11.24
CA ASP A 701 -12.43 -2.47 -11.07
C ASP A 701 -13.64 -1.69 -11.58
N TYR A 702 -14.19 -0.82 -10.73
CA TYR A 702 -15.39 -0.09 -11.10
C TYR A 702 -15.12 0.84 -12.28
N THR A 703 -13.96 1.49 -12.28
CA THR A 703 -13.63 2.43 -13.34
C THR A 703 -13.59 1.75 -14.70
N GLU A 704 -12.85 0.65 -14.81
CA GLU A 704 -12.72 -0.04 -16.09
C GLU A 704 -14.06 -0.61 -16.54
N VAL A 705 -14.81 -1.19 -15.62
CA VAL A 705 -16.09 -1.78 -15.96
C VAL A 705 -17.04 -0.72 -16.52
N GLN A 706 -17.13 0.42 -15.83
CA GLN A 706 -18.00 1.49 -16.29
C GLN A 706 -17.51 2.08 -17.61
N ARG A 707 -16.19 2.22 -17.75
CA ARG A 707 -15.64 2.81 -18.95
C ARG A 707 -15.96 1.94 -20.17
N ARG A 708 -15.88 0.61 -20.02
CA ARG A 708 -16.22 -0.27 -21.13
C ARG A 708 -17.73 -0.29 -21.35
N ASN A 709 -18.52 -0.30 -20.27
CA ASN A 709 -19.97 -0.43 -20.41
C ASN A 709 -20.58 0.79 -21.06
N GLN A 710 -20.05 1.98 -20.78
CA GLN A 710 -20.63 3.20 -21.34
C GLN A 710 -20.19 3.48 -22.77
N LEU A 711 -19.25 2.70 -23.31
CA LEU A 711 -18.92 2.76 -24.73
C LEU A 711 -19.81 1.86 -25.57
N HIS A 712 -20.74 1.12 -24.93
CA HIS A 712 -21.57 0.16 -25.65
C HIS A 712 -22.40 0.85 -26.71
N ASP A 713 -23.00 1.99 -26.38
CA ASP A 713 -23.91 2.62 -27.32
C ASP A 713 -23.13 3.31 -28.45
N LEU A 714 -21.92 3.77 -28.16
CA LEU A 714 -21.05 4.33 -29.19
C LEU A 714 -20.46 3.27 -30.09
N ARG A 715 -20.37 2.02 -29.64
CA ARG A 715 -19.80 0.93 -30.42
C ARG A 715 -20.84 0.17 -31.23
N PHE A 716 -21.92 -0.29 -30.58
CA PHE A 716 -22.88 -1.19 -31.19
C PHE A 716 -24.15 -0.48 -31.64
N ALA A 717 -24.09 0.82 -31.87
CA ALA A 717 -25.26 1.56 -32.34
C ALA A 717 -24.79 2.86 -32.98
N ASP A 718 -25.71 3.51 -33.68
CA ASP A 718 -25.45 4.78 -34.33
C ASP A 718 -26.27 5.86 -33.64
N ILE A 719 -25.60 6.80 -32.99
CA ILE A 719 -26.28 7.79 -32.16
C ILE A 719 -26.90 8.90 -33.02
N ASP A 720 -26.14 9.41 -34.00
CA ASP A 720 -26.48 10.69 -34.62
C ASP A 720 -27.70 10.59 -35.53
N THR A 721 -27.89 9.46 -36.20
CA THR A 721 -28.93 9.35 -37.21
C THR A 721 -30.31 9.53 -36.61
N VAL A 722 -31.13 10.35 -37.28
CA VAL A 722 -32.55 10.50 -36.94
C VAL A 722 -33.37 10.06 -38.14
N ILE A 723 -34.30 9.14 -37.90
CA ILE A 723 -35.14 8.57 -38.94
C ILE A 723 -36.55 9.13 -38.78
N HIS A 724 -37.08 9.68 -39.86
CA HIS A 724 -38.41 10.30 -39.86
C HIS A 724 -39.14 9.94 -41.14
N ALA A 725 -40.43 9.67 -41.02
CA ALA A 725 -41.25 9.26 -42.17
C ALA A 725 -42.71 9.66 -41.95
N ALA B 111 57.47 -24.98 34.24
CA ALA B 111 58.48 -25.35 35.24
C ALA B 111 59.59 -26.18 34.61
N ASN B 112 60.35 -25.55 33.72
CA ASN B 112 61.41 -26.24 32.97
C ASN B 112 62.66 -25.39 33.00
N PHE B 113 63.78 -25.95 33.46
CA PHE B 113 65.03 -25.22 33.47
C PHE B 113 65.66 -25.22 32.09
N TYR B 114 66.64 -24.34 31.89
CA TYR B 114 67.36 -24.29 30.63
C TYR B 114 68.85 -24.11 30.92
N VAL B 115 69.68 -24.80 30.13
CA VAL B 115 71.13 -24.64 30.19
C VAL B 115 71.60 -24.03 28.87
N CYS B 116 72.35 -22.94 28.96
CA CYS B 116 72.67 -22.13 27.80
C CYS B 116 74.17 -22.09 27.56
N PRO B 117 74.68 -22.77 26.51
CA PRO B 117 76.09 -22.63 26.17
C PRO B 117 76.38 -21.23 25.65
N PRO B 118 77.62 -20.76 25.79
CA PRO B 118 77.94 -19.40 25.31
C PRO B 118 77.79 -19.30 23.80
N PRO B 119 76.99 -18.34 23.32
CA PRO B 119 76.77 -18.23 21.88
C PRO B 119 78.01 -17.75 21.15
N THR B 120 78.10 -18.14 19.88
CA THR B 120 79.17 -17.72 18.99
C THR B 120 78.57 -17.09 17.73
N GLY B 121 79.45 -16.66 16.83
CA GLY B 121 79.03 -15.92 15.65
C GLY B 121 78.42 -16.77 14.55
N ALA B 122 78.14 -18.05 14.86
CA ALA B 122 77.55 -18.96 13.89
C ALA B 122 76.21 -18.44 13.37
N THR B 123 75.37 -17.93 14.28
CA THR B 123 74.08 -17.36 13.91
C THR B 123 73.98 -15.94 14.46
N VAL B 124 73.55 -15.02 13.60
CA VAL B 124 73.46 -13.60 13.94
C VAL B 124 72.10 -13.07 13.51
N VAL B 125 71.49 -12.24 14.36
CA VAL B 125 70.20 -11.63 14.08
C VAL B 125 70.29 -10.12 14.31
N GLN B 126 69.37 -9.40 13.69
CA GLN B 126 69.26 -7.96 13.89
C GLN B 126 67.78 -7.59 14.00
N PHE B 127 67.54 -6.32 14.31
CA PHE B 127 66.18 -5.82 14.49
C PHE B 127 65.68 -5.14 13.22
N GLU B 128 64.36 -5.16 13.08
CA GLU B 128 63.71 -4.56 11.92
C GLU B 128 63.76 -3.04 12.00
N GLN B 129 63.83 -2.41 10.83
CA GLN B 129 63.75 -0.96 10.72
C GLN B 129 62.30 -0.51 10.74
N PRO B 130 62.02 0.72 11.17
CA PRO B 130 60.63 1.18 11.25
C PRO B 130 59.95 1.16 9.89
N ARG B 131 58.67 0.79 9.89
CA ARG B 131 57.88 0.67 8.69
C ARG B 131 57.19 2.00 8.37
N ARG B 132 56.99 2.25 7.07
CA ARG B 132 56.35 3.47 6.60
C ARG B 132 54.88 3.15 6.33
N CYS B 133 54.09 3.21 7.40
CA CYS B 133 52.69 2.83 7.42
C CYS B 133 51.80 3.92 6.81
N PRO B 134 50.57 3.56 6.39
CA PRO B 134 49.74 4.48 5.61
C PRO B 134 49.43 5.79 6.31
N THR B 135 48.95 6.74 5.49
CA THR B 135 48.56 8.07 5.93
C THR B 135 47.04 8.17 5.99
N ARG B 136 46.56 9.37 6.31
CA ARG B 136 45.14 9.62 6.35
C ARG B 136 44.57 9.56 4.94
N PRO B 137 43.28 9.24 4.77
CA PRO B 137 42.67 9.27 3.44
C PRO B 137 42.57 10.69 2.90
N GLU B 138 42.16 10.77 1.64
CA GLU B 138 42.12 12.07 0.95
C GLU B 138 41.12 13.01 1.63
N GLY B 139 39.94 12.49 1.99
CA GLY B 139 38.88 13.33 2.52
C GLY B 139 37.95 13.77 1.41
N GLN B 140 36.72 13.23 1.42
CA GLN B 140 35.81 13.46 0.32
C GLN B 140 35.42 14.94 0.24
N ASN B 141 35.28 15.43 -0.99
CA ASN B 141 34.92 16.82 -1.25
C ASN B 141 33.42 16.91 -1.49
N TYR B 142 32.75 17.72 -0.68
CA TYR B 142 31.30 17.86 -0.75
C TYR B 142 30.95 19.26 -1.23
N THR B 143 30.01 19.34 -2.18
CA THR B 143 29.52 20.60 -2.72
C THR B 143 28.16 20.89 -2.12
N GLU B 144 28.08 21.88 -1.24
CA GLU B 144 26.81 22.25 -0.63
C GLU B 144 25.88 22.87 -1.65
N GLY B 145 24.59 22.65 -1.47
CA GLY B 145 23.61 23.16 -2.42
C GLY B 145 22.22 23.06 -1.86
N ILE B 146 21.26 23.50 -2.68
CA ILE B 146 19.85 23.49 -2.32
C ILE B 146 19.11 22.65 -3.36
N ALA B 147 18.27 21.72 -2.91
CA ALA B 147 17.72 20.76 -3.86
C ALA B 147 16.23 20.60 -3.68
N VAL B 148 15.58 20.21 -4.78
CA VAL B 148 14.16 19.86 -4.79
C VAL B 148 14.03 18.48 -5.42
N VAL B 149 13.36 17.57 -4.70
CA VAL B 149 13.21 16.19 -5.12
C VAL B 149 11.78 16.00 -5.62
N PHE B 150 11.66 15.51 -6.86
CA PHE B 150 10.38 15.30 -7.53
C PHE B 150 10.13 13.81 -7.70
N LYS B 151 8.88 13.41 -7.46
CA LYS B 151 8.40 12.05 -7.62
C LYS B 151 7.34 12.01 -8.72
N GLU B 152 7.02 10.80 -9.16
CA GLU B 152 6.03 10.61 -10.22
C GLU B 152 4.67 11.12 -9.76
N ASN B 153 3.89 11.62 -10.73
CA ASN B 153 2.57 12.16 -10.48
C ASN B 153 1.52 11.08 -10.73
N ILE B 154 0.80 10.71 -9.68
CA ILE B 154 -0.29 9.74 -9.80
C ILE B 154 -1.67 10.38 -9.62
N ALA B 155 -1.75 11.55 -9.01
CA ALA B 155 -3.04 12.20 -8.79
C ALA B 155 -3.62 12.68 -10.11
N PRO B 156 -4.92 12.43 -10.36
CA PRO B 156 -5.52 12.88 -11.61
C PRO B 156 -5.67 14.39 -11.66
N TYR B 157 -5.78 14.90 -12.88
CA TYR B 157 -6.10 16.30 -13.09
C TYR B 157 -7.57 16.53 -12.80
N LYS B 158 -7.85 17.51 -11.93
CA LYS B 158 -9.21 17.77 -11.46
C LYS B 158 -9.67 19.15 -11.91
N PHE B 159 -10.94 19.26 -12.30
CA PHE B 159 -11.52 20.55 -12.65
C PHE B 159 -13.01 20.52 -12.34
N LYS B 160 -13.64 21.69 -12.52
CA LYS B 160 -15.05 21.86 -12.22
C LYS B 160 -15.85 21.78 -13.51
N ALA B 161 -17.01 21.13 -13.46
CA ALA B 161 -17.89 21.03 -14.61
C ALA B 161 -19.32 21.26 -14.17
N THR B 162 -20.18 21.52 -15.14
CA THR B 162 -21.60 21.74 -14.89
C THR B 162 -22.41 20.83 -15.79
N MET B 163 -23.37 20.13 -15.22
CA MET B 163 -24.22 19.20 -15.93
C MET B 163 -25.65 19.73 -15.99
N TYR B 164 -26.18 19.80 -17.20
CA TYR B 164 -27.56 20.22 -17.44
C TYR B 164 -28.30 19.03 -18.04
N TYR B 165 -29.40 18.63 -17.41
CA TYR B 165 -30.18 17.55 -17.98
C TYR B 165 -31.60 17.61 -17.45
N LYS B 166 -32.53 17.05 -18.21
CA LYS B 166 -33.93 17.00 -17.83
C LYS B 166 -34.31 15.56 -17.53
N ASP B 167 -34.84 15.32 -16.33
CA ASP B 167 -35.34 14.01 -15.94
C ASP B 167 -36.81 13.92 -16.36
N VAL B 168 -37.11 13.04 -17.30
CA VAL B 168 -38.45 12.88 -17.85
C VAL B 168 -39.00 11.54 -17.37
N THR B 169 -40.10 11.59 -16.62
CA THR B 169 -40.72 10.40 -16.08
C THR B 169 -42.16 10.33 -16.54
N VAL B 170 -42.52 9.25 -17.22
CA VAL B 170 -43.89 9.03 -17.68
C VAL B 170 -44.41 7.76 -17.02
N SER B 171 -45.57 7.87 -16.37
CA SER B 171 -46.14 6.81 -15.57
C SER B 171 -47.49 6.37 -16.13
N GLN B 172 -47.72 5.06 -16.15
CA GLN B 172 -48.99 4.47 -16.54
C GLN B 172 -49.64 3.87 -15.31
N VAL B 173 -50.88 4.25 -15.05
CA VAL B 173 -51.59 3.88 -13.83
C VAL B 173 -52.92 3.25 -14.20
N TRP B 174 -53.27 2.16 -13.52
CA TRP B 174 -54.58 1.54 -13.62
C TRP B 174 -55.36 1.83 -12.35
N PHE B 175 -56.57 2.37 -12.51
CA PHE B 175 -57.42 2.75 -11.40
C PHE B 175 -58.45 1.67 -11.17
N GLY B 176 -58.34 0.96 -10.04
CA GLY B 176 -59.28 -0.08 -9.69
C GLY B 176 -60.49 0.45 -8.94
N HIS B 177 -61.24 -0.49 -8.36
CA HIS B 177 -62.44 -0.11 -7.62
C HIS B 177 -62.10 0.70 -6.38
N ARG B 178 -61.09 0.26 -5.62
CA ARG B 178 -60.68 0.94 -4.39
C ARG B 178 -59.18 1.10 -4.30
N TYR B 179 -58.46 0.97 -5.42
CA TYR B 179 -57.00 1.04 -5.40
C TYR B 179 -56.51 1.49 -6.76
N SER B 180 -55.26 1.97 -6.77
CA SER B 180 -54.55 2.35 -7.99
C SER B 180 -53.22 1.62 -8.02
N GLN B 181 -52.76 1.28 -9.23
CA GLN B 181 -51.58 0.47 -9.39
C GLN B 181 -50.69 1.05 -10.47
N PHE B 182 -49.39 1.09 -10.21
CA PHE B 182 -48.39 1.50 -11.18
C PHE B 182 -48.08 0.32 -12.08
N MET B 183 -48.53 0.37 -13.32
CA MET B 183 -48.27 -0.70 -14.28
C MET B 183 -47.06 -0.42 -15.14
N GLY B 184 -46.40 0.72 -14.95
CA GLY B 184 -45.15 1.02 -15.62
C GLY B 184 -44.70 2.45 -15.34
N ILE B 185 -43.39 2.63 -15.17
CA ILE B 185 -42.78 3.93 -14.99
C ILE B 185 -41.54 3.99 -15.88
N PHE B 186 -41.60 4.82 -16.92
CA PHE B 186 -40.46 5.05 -17.79
C PHE B 186 -39.71 6.28 -17.33
N GLU B 187 -38.45 6.10 -16.95
CA GLU B 187 -37.58 7.18 -16.50
C GLU B 187 -36.46 7.36 -17.52
N ASP B 188 -36.25 8.61 -17.94
CA ASP B 188 -35.21 8.91 -18.92
C ASP B 188 -34.51 10.19 -18.54
N ARG B 189 -33.26 10.33 -18.99
CA ARG B 189 -32.49 11.54 -18.83
C ARG B 189 -32.22 12.12 -20.22
N ALA B 190 -32.44 13.41 -20.38
CA ALA B 190 -32.30 14.05 -21.67
C ALA B 190 -31.36 15.22 -21.60
N PRO B 191 -30.54 15.44 -22.63
CA PRO B 191 -29.64 16.59 -22.63
C PRO B 191 -30.41 17.89 -22.81
N VAL B 192 -29.87 18.95 -22.21
CA VAL B 192 -30.42 20.29 -22.40
C VAL B 192 -29.70 20.90 -23.60
N PRO B 193 -30.42 21.35 -24.63
CA PRO B 193 -29.77 21.87 -25.83
C PRO B 193 -28.97 23.13 -25.55
N PHE B 194 -28.03 23.42 -26.46
CA PHE B 194 -27.23 24.63 -26.33
C PHE B 194 -28.12 25.87 -26.40
N GLU B 195 -29.15 25.83 -27.24
CA GLU B 195 -30.08 26.94 -27.36
C GLU B 195 -30.83 27.20 -26.05
N GLU B 196 -30.85 26.24 -25.12
CA GLU B 196 -31.50 26.42 -23.84
C GLU B 196 -30.53 26.68 -22.70
N VAL B 197 -29.29 26.21 -22.81
CA VAL B 197 -28.29 26.50 -21.79
C VAL B 197 -27.87 27.96 -21.83
N ILE B 198 -27.73 28.51 -23.03
CA ILE B 198 -27.25 29.88 -23.17
C ILE B 198 -28.40 30.87 -23.10
N ASP B 199 -29.47 30.61 -23.86
CA ASP B 199 -30.55 31.59 -23.97
C ASP B 199 -31.45 31.63 -22.75
N LYS B 200 -31.66 30.50 -22.09
CA LYS B 200 -32.61 30.41 -20.98
C LYS B 200 -31.94 30.28 -19.63
N ILE B 201 -31.07 29.29 -19.44
CA ILE B 201 -30.50 29.03 -18.12
C ILE B 201 -29.50 30.11 -17.74
N ASN B 202 -28.67 30.55 -18.69
CA ASN B 202 -27.64 31.52 -18.38
C ASN B 202 -28.11 32.96 -18.51
N ALA B 203 -29.08 33.23 -19.38
CA ALA B 203 -29.56 34.59 -19.58
C ALA B 203 -30.66 35.00 -18.61
N LYS B 204 -31.60 34.09 -18.33
CA LYS B 204 -32.72 34.38 -17.46
C LYS B 204 -32.75 33.55 -16.19
N GLY B 205 -31.95 32.49 -16.09
CA GLY B 205 -32.01 31.63 -14.94
C GLY B 205 -33.22 30.72 -14.90
N VAL B 206 -33.94 30.60 -16.01
CA VAL B 206 -35.13 29.75 -16.10
C VAL B 206 -34.85 28.61 -17.06
N CYS B 207 -35.77 27.66 -17.13
CA CYS B 207 -35.63 26.50 -18.01
C CYS B 207 -36.98 26.19 -18.62
N ARG B 208 -36.98 25.59 -19.80
CA ARG B 208 -38.24 25.23 -20.42
C ARG B 208 -38.89 24.07 -19.67
N SER B 209 -40.22 24.00 -19.78
CA SER B 209 -40.99 22.93 -19.16
C SER B 209 -41.23 21.77 -20.11
N THR B 210 -40.56 21.76 -21.26
CA THR B 210 -40.66 20.67 -22.22
C THR B 210 -39.26 20.14 -22.52
N ALA B 211 -39.20 18.84 -22.83
CA ALA B 211 -37.96 18.18 -23.18
C ALA B 211 -38.04 17.70 -24.62
N LYS B 212 -37.23 18.29 -25.49
CA LYS B 212 -37.11 17.88 -26.88
C LYS B 212 -35.70 17.32 -27.08
N TYR B 213 -35.61 16.03 -27.37
CA TYR B 213 -34.32 15.38 -27.47
C TYR B 213 -34.41 14.22 -28.47
N VAL B 214 -33.30 13.53 -28.66
CA VAL B 214 -33.22 12.41 -29.58
C VAL B 214 -32.91 11.15 -28.77
N ARG B 215 -33.76 10.14 -28.89
CA ARG B 215 -33.57 8.88 -28.17
C ARG B 215 -33.95 7.74 -29.11
N ASN B 216 -33.07 6.73 -29.20
CA ASN B 216 -33.29 5.56 -30.04
C ASN B 216 -33.65 5.96 -31.46
N ASN B 217 -32.91 6.94 -31.99
CA ASN B 217 -33.07 7.44 -33.35
C ASN B 217 -34.50 7.92 -33.59
N LEU B 218 -35.00 8.74 -32.67
CA LEU B 218 -36.32 9.36 -32.80
C LEU B 218 -36.33 10.64 -32.00
N GLU B 219 -36.99 11.66 -32.53
CA GLU B 219 -37.06 12.96 -31.87
C GLU B 219 -38.24 12.97 -30.90
N THR B 220 -37.94 12.72 -29.64
CA THR B 220 -38.96 12.67 -28.60
C THR B 220 -39.22 14.06 -28.03
N THR B 221 -40.50 14.38 -27.83
CA THR B 221 -40.94 15.61 -27.20
C THR B 221 -41.85 15.27 -26.04
N ALA B 222 -41.55 15.82 -24.87
CA ALA B 222 -42.31 15.55 -23.65
C ALA B 222 -42.70 16.86 -23.00
N PHE B 223 -43.94 16.92 -22.50
CA PHE B 223 -44.47 18.11 -21.85
C PHE B 223 -44.73 17.85 -20.38
N HIS B 224 -44.33 18.79 -19.53
CA HIS B 224 -44.58 18.67 -18.10
C HIS B 224 -46.05 18.84 -17.81
N ARG B 225 -46.61 17.93 -17.01
CA ARG B 225 -48.03 17.90 -16.67
C ARG B 225 -48.93 17.85 -17.91
N ASP B 226 -48.36 17.46 -19.05
CA ASP B 226 -49.08 17.36 -20.32
C ASP B 226 -49.74 18.68 -20.70
N ASP B 227 -49.11 19.80 -20.33
CA ASP B 227 -49.62 21.13 -20.58
C ASP B 227 -48.75 21.84 -21.62
N HIS B 228 -49.07 23.11 -21.88
CA HIS B 228 -48.32 23.90 -22.83
C HIS B 228 -46.94 24.22 -22.29
N GLU B 229 -46.03 24.57 -23.21
CA GLU B 229 -44.66 24.91 -22.82
C GLU B 229 -44.64 26.24 -22.07
N THR B 230 -43.86 26.27 -20.99
CA THR B 230 -43.77 27.47 -20.15
C THR B 230 -42.37 27.50 -19.53
N ASP B 231 -41.94 28.70 -19.14
CA ASP B 231 -40.67 28.88 -18.47
C ASP B 231 -40.84 28.66 -16.97
N MET B 232 -39.94 27.86 -16.39
CA MET B 232 -39.96 27.54 -14.98
C MET B 232 -38.67 28.02 -14.33
N GLU B 233 -38.80 28.70 -13.20
CA GLU B 233 -37.64 29.24 -12.51
C GLU B 233 -36.84 28.12 -11.85
N LEU B 234 -35.53 28.25 -11.87
CA LEU B 234 -34.63 27.29 -11.24
C LEU B 234 -34.45 27.65 -9.78
N LYS B 235 -34.87 26.75 -8.89
CA LYS B 235 -34.75 26.96 -7.45
C LYS B 235 -33.77 25.95 -6.85
N PRO B 236 -33.07 26.32 -5.76
CA PRO B 236 -32.04 25.44 -5.21
C PRO B 236 -32.62 24.14 -4.68
N ALA B 237 -31.80 23.09 -4.73
CA ALA B 237 -32.19 21.78 -4.26
C ALA B 237 -32.09 21.70 -2.74
N ASN B 238 -32.77 20.70 -2.17
CA ASN B 238 -32.75 20.49 -0.74
C ASN B 238 -31.35 20.10 -0.28
N ALA B 239 -30.92 20.69 0.83
CA ALA B 239 -29.55 20.54 1.29
C ALA B 239 -29.29 19.12 1.78
N ALA B 240 -28.11 18.61 1.45
CA ALA B 240 -27.58 17.37 1.99
C ALA B 240 -26.13 17.59 2.42
N THR B 241 -25.66 16.77 3.36
CA THR B 241 -24.28 16.94 3.88
C THR B 241 -23.27 16.49 2.82
N ARG B 242 -22.08 17.11 2.80
CA ARG B 242 -21.02 16.69 1.86
C ARG B 242 -21.60 16.56 0.44
N THR B 243 -22.30 17.60 -0.04
CA THR B 243 -22.85 17.56 -1.42
C THR B 243 -22.59 18.91 -2.11
N SER B 244 -22.40 18.88 -3.43
CA SER B 244 -22.17 20.10 -4.20
C SER B 244 -23.49 20.82 -4.47
N ARG B 245 -23.37 22.00 -5.08
CA ARG B 245 -24.54 22.80 -5.37
C ARG B 245 -25.39 22.17 -6.46
N GLY B 246 -26.68 22.45 -6.44
CA GLY B 246 -27.61 21.92 -7.42
C GLY B 246 -28.88 22.73 -7.47
N TRP B 247 -29.55 22.67 -8.61
CA TRP B 247 -30.76 23.43 -8.86
C TRP B 247 -31.75 22.58 -9.64
N HIS B 248 -33.04 22.81 -9.41
CA HIS B 248 -34.10 22.09 -10.09
C HIS B 248 -35.30 22.99 -10.22
N THR B 249 -36.21 22.60 -11.11
CA THR B 249 -37.44 23.36 -11.36
C THR B 249 -38.66 22.73 -10.69
N THR B 250 -38.93 21.47 -10.99
CA THR B 250 -40.10 20.78 -10.45
C THR B 250 -39.74 20.07 -9.15
N ASP B 251 -40.76 19.88 -8.32
CA ASP B 251 -40.61 19.19 -7.04
C ASP B 251 -41.44 17.91 -6.92
N LEU B 252 -42.62 17.86 -7.54
CA LEU B 252 -43.56 16.77 -7.36
C LEU B 252 -43.74 16.03 -8.68
N LYS B 253 -43.94 14.71 -8.59
CA LYS B 253 -44.28 13.91 -9.76
C LYS B 253 -45.75 14.09 -10.10
N TYR B 254 -46.04 14.17 -11.40
CA TYR B 254 -47.40 14.31 -11.87
C TYR B 254 -47.96 12.94 -12.25
N ASN B 255 -49.15 12.64 -11.73
CA ASN B 255 -49.85 11.40 -12.04
C ASN B 255 -51.25 11.73 -12.53
N PRO B 256 -51.81 10.89 -13.40
CA PRO B 256 -53.11 11.20 -14.00
C PRO B 256 -54.23 11.20 -12.97
N SER B 257 -55.26 12.01 -13.25
CA SER B 257 -56.45 12.04 -12.41
C SER B 257 -57.16 10.69 -12.47
N ARG B 258 -57.80 10.33 -11.35
CA ARG B 258 -58.46 9.04 -11.25
C ARG B 258 -59.70 8.99 -12.13
N VAL B 259 -59.74 8.00 -13.03
CA VAL B 259 -60.93 7.66 -13.79
C VAL B 259 -61.13 6.16 -13.69
N GLU B 260 -62.35 5.74 -13.35
CA GLU B 260 -62.60 4.33 -13.04
C GLU B 260 -62.34 3.45 -14.25
N ALA B 261 -61.62 2.35 -14.01
CA ALA B 261 -61.43 1.26 -14.97
C ALA B 261 -60.81 1.77 -16.28
N PHE B 262 -59.65 2.42 -16.15
CA PHE B 262 -58.90 2.85 -17.31
C PHE B 262 -57.40 2.84 -16.99
N HIS B 263 -56.61 2.75 -18.06
CA HIS B 263 -55.17 2.96 -17.99
C HIS B 263 -54.86 4.38 -18.44
N ARG B 264 -54.21 5.16 -17.57
CA ARG B 264 -53.95 6.56 -17.81
C ARG B 264 -52.46 6.86 -17.76
N TYR B 265 -52.01 7.77 -18.61
CA TYR B 265 -50.60 8.12 -18.73
C TYR B 265 -50.37 9.54 -18.25
N GLY B 266 -49.23 9.77 -17.62
CA GLY B 266 -48.88 11.09 -17.15
C GLY B 266 -47.39 11.38 -17.22
N THR B 267 -47.02 12.59 -17.65
CA THR B 267 -45.64 12.94 -17.90
C THR B 267 -45.21 14.06 -16.96
N THR B 268 -43.98 13.96 -16.45
CA THR B 268 -43.37 15.01 -15.65
C THR B 268 -41.94 15.24 -16.13
N VAL B 269 -41.54 16.50 -16.18
CA VAL B 269 -40.21 16.92 -16.62
C VAL B 269 -39.59 17.77 -15.52
N ASN B 270 -38.40 17.39 -15.07
CA ASN B 270 -37.69 18.12 -14.03
C ASN B 270 -36.34 18.54 -14.58
N CYS B 271 -36.15 19.85 -14.76
CA CYS B 271 -34.94 20.40 -15.34
C CYS B 271 -33.92 20.60 -14.23
N ILE B 272 -32.78 19.91 -14.34
CA ILE B 272 -31.79 19.82 -13.27
C ILE B 272 -30.46 20.38 -13.75
N VAL B 273 -29.87 21.23 -12.92
CA VAL B 273 -28.55 21.80 -13.15
C VAL B 273 -27.68 21.41 -11.96
N GLU B 274 -26.47 20.94 -12.22
CA GLU B 274 -25.63 20.41 -11.16
C GLU B 274 -24.19 20.84 -11.37
N GLU B 275 -23.48 21.04 -10.27
CA GLU B 275 -22.05 21.31 -10.30
C GLU B 275 -21.32 20.07 -9.83
N VAL B 276 -20.41 19.56 -10.67
CA VAL B 276 -19.72 18.30 -10.40
C VAL B 276 -18.22 18.51 -10.55
N ASP B 277 -17.47 17.55 -10.02
CA ASP B 277 -16.02 17.53 -10.14
C ASP B 277 -15.64 16.49 -11.19
N ALA B 278 -14.73 16.88 -12.09
CA ALA B 278 -14.31 16.02 -13.17
C ALA B 278 -12.83 15.70 -13.04
N ARG B 279 -12.51 14.42 -13.24
CA ARG B 279 -11.14 13.92 -13.11
C ARG B 279 -10.71 13.27 -14.41
N SER B 280 -9.46 13.55 -14.82
CA SER B 280 -8.89 12.97 -16.02
C SER B 280 -7.48 12.49 -15.72
N VAL B 281 -7.08 11.39 -16.34
CA VAL B 281 -5.77 10.80 -16.12
C VAL B 281 -5.01 10.76 -17.44
N TYR B 282 -3.70 10.57 -17.33
CA TYR B 282 -2.84 10.58 -18.51
C TYR B 282 -3.24 9.45 -19.44
N PRO B 283 -3.25 9.68 -20.77
CA PRO B 283 -2.83 10.90 -21.46
C PRO B 283 -3.93 11.94 -21.68
N TYR B 284 -4.95 11.94 -20.83
CA TYR B 284 -6.00 12.96 -20.84
C TYR B 284 -6.72 13.01 -22.20
N ASP B 285 -7.25 11.85 -22.61
CA ASP B 285 -8.09 11.77 -23.78
C ASP B 285 -9.57 11.59 -23.45
N GLU B 286 -9.91 11.51 -22.17
CA GLU B 286 -11.28 11.44 -21.70
C GLU B 286 -11.29 11.75 -20.21
N PHE B 287 -12.44 12.20 -19.72
CA PHE B 287 -12.59 12.55 -18.32
C PHE B 287 -13.92 12.02 -17.80
N VAL B 288 -14.02 11.89 -16.48
CA VAL B 288 -15.19 11.36 -15.82
C VAL B 288 -15.86 12.49 -15.04
N LEU B 289 -17.04 12.19 -14.50
CA LEU B 289 -17.79 13.13 -13.69
C LEU B 289 -18.08 12.51 -12.32
N ALA B 290 -18.53 13.35 -11.40
CA ALA B 290 -18.86 12.89 -10.05
C ALA B 290 -19.98 11.86 -10.06
N THR B 291 -20.81 11.85 -11.10
CA THR B 291 -21.94 10.94 -11.19
C THR B 291 -21.58 9.59 -11.81
N GLY B 292 -20.31 9.38 -12.15
CA GLY B 292 -19.88 8.12 -12.71
C GLY B 292 -20.09 7.99 -14.21
N ASP B 293 -20.37 9.09 -14.90
CA ASP B 293 -20.60 9.09 -16.34
C ASP B 293 -19.33 9.55 -17.03
N PHE B 294 -18.81 8.72 -17.94
CA PHE B 294 -17.64 9.08 -18.70
C PHE B 294 -17.97 10.06 -19.81
N VAL B 295 -17.01 10.92 -20.14
CA VAL B 295 -17.10 11.80 -21.29
C VAL B 295 -15.89 11.53 -22.16
N TYR B 296 -16.12 11.01 -23.36
CA TYR B 296 -15.04 10.54 -24.22
C TYR B 296 -14.55 11.68 -25.12
N MET B 297 -13.91 12.64 -24.46
CA MET B 297 -13.33 13.78 -25.14
C MET B 297 -12.31 14.42 -24.22
N SER B 298 -11.20 14.88 -24.79
CA SER B 298 -10.13 15.43 -23.99
C SER B 298 -10.58 16.71 -23.29
N PRO B 299 -10.23 16.90 -22.01
CA PRO B 299 -10.64 18.12 -21.31
C PRO B 299 -10.13 19.40 -21.95
N PHE B 300 -9.04 19.32 -22.70
CA PHE B 300 -8.40 20.48 -23.29
C PHE B 300 -8.80 20.69 -24.74
N TYR B 301 -9.79 19.96 -25.23
CA TYR B 301 -10.23 20.09 -26.62
C TYR B 301 -10.86 21.46 -26.85
N GLY B 302 -10.63 22.00 -28.03
CA GLY B 302 -11.21 23.28 -28.38
C GLY B 302 -10.88 23.67 -29.82
N TYR B 303 -10.95 24.97 -30.08
CA TYR B 303 -10.57 25.53 -31.37
C TYR B 303 -9.40 26.50 -31.26
N ARG B 304 -8.79 26.63 -30.09
CA ARG B 304 -7.81 27.66 -29.83
C ARG B 304 -6.40 27.07 -29.74
N GLU B 305 -5.44 27.77 -30.36
CA GLU B 305 -4.00 27.57 -30.19
C GLU B 305 -3.63 26.08 -30.20
N GLY B 306 -4.03 25.42 -31.28
CA GLY B 306 -3.65 24.04 -31.51
C GLY B 306 -4.21 23.05 -30.50
N SER B 307 -5.31 23.40 -29.83
CA SER B 307 -6.00 22.48 -28.94
C SER B 307 -7.08 21.69 -29.69
N HIS B 308 -7.11 21.76 -31.01
CA HIS B 308 -8.05 21.02 -31.82
C HIS B 308 -7.50 19.67 -32.28
N THR B 309 -6.27 19.35 -31.92
CA THR B 309 -5.67 18.06 -32.23
C THR B 309 -5.90 17.03 -31.13
N GLU B 310 -6.59 17.40 -30.05
CA GLU B 310 -6.83 16.49 -28.96
C GLU B 310 -7.86 15.44 -29.36
N HIS B 311 -7.98 14.41 -28.53
CA HIS B 311 -8.89 13.32 -28.82
C HIS B 311 -10.34 13.74 -28.68
N THR B 312 -11.18 13.21 -29.57
CA THR B 312 -12.62 13.37 -29.46
C THR B 312 -13.29 12.17 -30.12
N SER B 313 -14.38 11.69 -29.51
CA SER B 313 -15.15 10.57 -30.02
C SER B 313 -16.56 10.98 -30.45
N TYR B 314 -16.86 12.28 -30.45
CA TYR B 314 -18.19 12.77 -30.73
C TYR B 314 -18.19 13.58 -32.02
N ALA B 315 -19.35 13.59 -32.69
CA ALA B 315 -19.53 14.37 -33.90
C ALA B 315 -19.30 15.85 -33.60
N ALA B 316 -18.87 16.59 -34.64
CA ALA B 316 -18.62 18.02 -34.48
C ALA B 316 -19.88 18.79 -34.16
N ASP B 317 -21.05 18.21 -34.40
CA ASP B 317 -22.32 18.87 -34.11
C ASP B 317 -22.53 19.01 -32.60
N ARG B 318 -21.88 18.17 -31.79
CA ARG B 318 -22.16 18.12 -30.36
C ARG B 318 -21.25 19.03 -29.53
N PHE B 319 -20.20 19.59 -30.11
CA PHE B 319 -19.27 20.44 -29.38
C PHE B 319 -19.41 21.88 -29.83
N LYS B 320 -19.52 22.79 -28.88
CA LYS B 320 -19.57 24.22 -29.18
C LYS B 320 -18.73 24.96 -28.16
N GLN B 321 -17.76 25.72 -28.64
CA GLN B 321 -16.90 26.53 -27.78
C GLN B 321 -17.27 27.99 -27.95
N VAL B 322 -17.72 28.61 -26.87
CA VAL B 322 -18.22 29.98 -26.90
C VAL B 322 -17.30 30.85 -26.08
N ASP B 323 -16.81 31.93 -26.70
CA ASP B 323 -15.97 32.90 -26.02
C ASP B 323 -16.79 34.14 -25.68
N GLY B 324 -16.31 34.88 -24.68
CA GLY B 324 -17.08 35.98 -24.14
C GLY B 324 -18.32 35.50 -23.41
N PHE B 325 -18.21 34.38 -22.70
CA PHE B 325 -19.32 33.85 -21.93
C PHE B 325 -19.27 34.43 -20.52
N TYR B 326 -20.37 35.01 -20.08
CA TYR B 326 -20.46 35.66 -18.77
C TYR B 326 -21.31 34.78 -17.87
N ALA B 327 -20.66 34.06 -16.97
CA ALA B 327 -21.35 33.08 -16.15
C ALA B 327 -22.29 33.75 -15.15
N ARG B 328 -23.48 33.18 -15.00
CA ARG B 328 -24.50 33.69 -14.09
C ARG B 328 -24.64 32.71 -12.94
N ASP B 329 -24.38 33.19 -11.72
CA ASP B 329 -24.57 32.37 -10.54
C ASP B 329 -26.07 32.19 -10.30
N LEU B 330 -26.50 30.93 -10.13
CA LEU B 330 -27.92 30.63 -10.04
C LEU B 330 -28.50 30.92 -8.67
N THR B 331 -27.66 31.12 -7.64
CA THR B 331 -28.11 31.46 -6.30
C THR B 331 -28.11 32.97 -6.06
N THR B 332 -26.94 33.60 -6.23
CA THR B 332 -26.81 35.03 -5.98
C THR B 332 -27.36 35.88 -7.11
N LYS B 333 -27.63 35.29 -8.28
CA LYS B 333 -28.17 36.00 -9.44
C LYS B 333 -27.23 37.11 -9.91
N ALA B 334 -25.93 36.94 -9.67
CA ALA B 334 -24.91 37.90 -10.05
C ALA B 334 -24.04 37.30 -11.14
N ARG B 335 -23.74 38.10 -12.16
CA ARG B 335 -22.98 37.64 -13.32
C ARG B 335 -21.54 38.11 -13.20
N ALA B 336 -20.60 37.20 -13.47
CA ALA B 336 -19.19 37.55 -13.44
C ALA B 336 -18.87 38.49 -14.60
N THR B 337 -17.86 39.35 -14.37
CA THR B 337 -17.52 40.38 -15.34
C THR B 337 -16.46 39.91 -16.34
N ALA B 338 -15.53 39.07 -15.89
CA ALA B 338 -14.46 38.60 -16.76
C ALA B 338 -15.01 37.59 -17.75
N PRO B 339 -14.82 37.79 -19.06
CA PRO B 339 -15.23 36.79 -20.03
C PRO B 339 -14.40 35.51 -19.91
N THR B 340 -15.04 34.40 -20.26
CA THR B 340 -14.38 33.10 -20.19
C THR B 340 -14.71 32.31 -21.45
N THR B 341 -13.80 31.39 -21.79
CA THR B 341 -14.03 30.45 -22.88
C THR B 341 -14.70 29.22 -22.31
N ARG B 342 -15.92 28.93 -22.78
CA ARG B 342 -16.75 27.87 -22.23
C ARG B 342 -16.97 26.80 -23.28
N ASN B 343 -16.65 25.55 -22.93
CA ASN B 343 -16.88 24.42 -23.81
C ASN B 343 -18.19 23.76 -23.40
N LEU B 344 -19.05 23.50 -24.37
CA LEU B 344 -20.33 22.83 -24.14
C LEU B 344 -20.41 21.59 -25.04
N LEU B 345 -20.61 20.43 -24.42
CA LEU B 345 -20.74 19.17 -25.14
C LEU B 345 -22.08 18.53 -24.77
N THR B 346 -22.83 18.11 -25.76
CA THR B 346 -24.13 17.48 -25.55
C THR B 346 -24.01 15.97 -25.74
N THR B 347 -23.80 15.26 -24.65
CA THR B 347 -23.84 13.82 -24.66
C THR B 347 -25.28 13.35 -24.85
N PRO B 348 -25.48 12.10 -25.28
CA PRO B 348 -26.86 11.62 -25.50
C PRO B 348 -27.75 11.66 -24.27
N LYS B 349 -27.17 11.69 -23.06
CA LYS B 349 -27.97 11.66 -21.85
C LYS B 349 -27.85 12.91 -20.97
N PHE B 350 -26.90 13.80 -21.25
CA PHE B 350 -26.73 15.01 -20.45
C PHE B 350 -25.86 15.98 -21.24
N THR B 351 -25.82 17.23 -20.75
CA THR B 351 -24.99 18.27 -21.35
C THR B 351 -23.95 18.72 -20.33
N VAL B 352 -22.69 18.78 -20.74
CA VAL B 352 -21.62 19.23 -19.86
C VAL B 352 -21.08 20.56 -20.37
N ALA B 353 -20.66 21.41 -19.42
CA ALA B 353 -20.04 22.68 -19.73
C ALA B 353 -18.89 22.91 -18.77
N TRP B 354 -17.76 23.37 -19.30
CA TRP B 354 -16.61 23.64 -18.45
C TRP B 354 -15.71 24.69 -19.06
N ASP B 355 -14.90 25.32 -18.22
CA ASP B 355 -13.97 26.35 -18.66
C ASP B 355 -12.75 25.71 -19.30
N TRP B 356 -12.34 26.25 -20.44
CA TRP B 356 -11.22 25.69 -21.20
C TRP B 356 -9.91 26.36 -20.81
N VAL B 357 -8.89 25.55 -20.59
CA VAL B 357 -7.54 26.03 -20.28
C VAL B 357 -6.56 25.26 -21.15
N PRO B 358 -5.41 25.85 -21.51
CA PRO B 358 -4.43 25.13 -22.32
C PRO B 358 -3.84 23.94 -21.56
N LYS B 359 -3.47 22.91 -22.33
CA LYS B 359 -3.05 21.65 -21.73
C LYS B 359 -1.69 21.75 -21.06
N ARG B 360 -0.71 22.36 -21.73
CA ARG B 360 0.67 22.27 -21.25
C ARG B 360 0.87 22.98 -19.92
N PRO B 361 0.45 24.24 -19.72
CA PRO B 361 0.69 24.88 -18.43
C PRO B 361 -0.28 24.50 -17.32
N SER B 362 -1.20 23.57 -17.58
CA SER B 362 -2.20 23.17 -16.59
C SER B 362 -1.86 21.86 -15.90
N VAL B 363 -1.25 20.92 -16.61
CA VAL B 363 -0.97 19.60 -16.07
C VAL B 363 0.53 19.33 -16.17
N CYS B 364 1.01 18.44 -15.31
CA CYS B 364 2.42 18.11 -15.26
C CYS B 364 2.56 16.68 -14.75
N THR B 365 3.41 15.88 -15.40
CA THR B 365 3.52 14.43 -15.03
C THR B 365 4.55 14.21 -13.93
N MET B 366 5.14 15.29 -13.40
CA MET B 366 6.12 15.17 -12.34
C MET B 366 5.70 16.10 -11.20
N THR B 367 5.69 15.57 -9.98
CA THR B 367 5.15 16.29 -8.82
C THR B 367 6.25 16.55 -7.82
N LYS B 368 6.31 17.79 -7.33
CA LYS B 368 7.26 18.15 -6.29
C LYS B 368 6.98 17.38 -5.02
N TRP B 369 8.02 16.79 -4.44
CA TRP B 369 7.89 15.96 -3.24
C TRP B 369 8.59 16.56 -2.03
N GLN B 370 9.87 16.92 -2.16
CA GLN B 370 10.65 17.40 -1.04
C GLN B 370 11.45 18.63 -1.42
N GLU B 371 11.64 19.53 -0.45
CA GLU B 371 12.59 20.62 -0.55
C GLU B 371 13.64 20.43 0.54
N VAL B 372 14.91 20.35 0.14
CA VAL B 372 15.99 20.13 1.09
C VAL B 372 16.95 21.32 1.04
N ASP B 373 17.19 21.90 2.22
CA ASP B 373 18.10 23.02 2.36
C ASP B 373 19.55 22.57 2.16
N GLU B 374 19.90 21.43 2.76
CA GLU B 374 21.28 20.97 2.82
C GLU B 374 21.37 19.57 2.20
N MET B 375 21.58 19.52 0.89
CA MET B 375 21.87 18.27 0.20
C MET B 375 23.32 18.31 -0.27
N LEU B 376 24.18 17.56 0.42
CA LEU B 376 25.58 17.48 0.06
C LEU B 376 25.75 16.59 -1.16
N ARG B 377 26.49 17.07 -2.15
CA ARG B 377 26.74 16.35 -3.38
C ARG B 377 28.20 15.94 -3.44
N SER B 378 28.45 14.65 -3.71
CA SER B 378 29.79 14.11 -3.79
C SER B 378 29.93 13.28 -5.06
N GLU B 379 31.17 13.12 -5.51
CA GLU B 379 31.47 12.30 -6.69
C GLU B 379 32.27 11.09 -6.24
N TYR B 380 31.83 9.90 -6.65
CA TYR B 380 32.43 8.66 -6.15
C TYR B 380 32.09 7.56 -7.14
N GLY B 381 33.12 6.82 -7.57
CA GLY B 381 32.92 5.66 -8.43
C GLY B 381 32.19 5.96 -9.73
N GLY B 382 32.50 7.10 -10.34
CA GLY B 382 31.81 7.51 -11.54
C GLY B 382 30.32 7.74 -11.35
N SER B 383 29.93 8.22 -10.17
CA SER B 383 28.53 8.51 -9.89
C SER B 383 28.44 9.65 -8.90
N PHE B 384 27.29 10.31 -8.89
CA PHE B 384 27.02 11.37 -7.93
C PHE B 384 26.19 10.82 -6.78
N ARG B 385 26.57 11.18 -5.56
CA ARG B 385 25.82 10.87 -4.36
C ARG B 385 25.22 12.15 -3.83
N PHE B 386 23.90 12.17 -3.68
CA PHE B 386 23.18 13.30 -3.11
C PHE B 386 22.64 12.88 -1.75
N SER B 387 23.20 13.43 -0.68
CA SER B 387 22.87 13.02 0.68
C SER B 387 22.22 14.17 1.43
N SER B 388 21.05 13.92 2.00
CA SER B 388 20.33 14.90 2.81
C SER B 388 20.27 14.39 4.24
N ASP B 389 20.78 15.20 5.18
CA ASP B 389 20.81 14.82 6.58
C ASP B 389 19.49 15.10 7.28
N ALA B 390 18.73 16.10 6.81
CA ALA B 390 17.48 16.46 7.47
C ALA B 390 16.45 15.34 7.32
N ILE B 391 16.35 14.76 6.12
CA ILE B 391 15.40 13.68 5.86
C ILE B 391 16.07 12.31 5.88
N SER B 392 17.38 12.25 6.11
CA SER B 392 18.11 11.00 6.25
C SER B 392 17.99 10.15 5.01
N THR B 393 18.45 10.70 3.88
CA THR B 393 18.22 10.05 2.60
C THR B 393 19.46 10.23 1.72
N THR B 394 19.64 9.29 0.77
CA THR B 394 20.79 9.35 -0.12
C THR B 394 20.41 8.75 -1.46
N PHE B 395 20.65 9.50 -2.53
CA PHE B 395 20.35 9.07 -3.90
C PHE B 395 21.63 8.97 -4.70
N THR B 396 21.62 8.06 -5.68
CA THR B 396 22.75 7.82 -6.56
C THR B 396 22.34 8.12 -8.00
N THR B 397 23.12 8.96 -8.68
CA THR B 397 22.81 9.38 -10.03
C THR B 397 24.02 9.18 -10.92
N ASN B 398 23.78 9.05 -12.23
CA ASN B 398 24.86 9.08 -13.19
C ASN B 398 25.41 10.50 -13.31
N LEU B 399 26.62 10.59 -13.85
CA LEU B 399 27.30 11.88 -13.93
C LEU B 399 26.64 12.81 -14.94
N THR B 400 26.13 12.27 -16.03
CA THR B 400 25.49 13.10 -17.04
C THR B 400 24.15 13.62 -16.52
N GLU B 401 23.87 14.89 -16.83
CA GLU B 401 22.61 15.49 -16.44
C GLU B 401 21.47 14.87 -17.23
N TYR B 402 20.27 14.93 -16.64
CA TYR B 402 19.07 14.47 -17.32
C TYR B 402 18.41 15.65 -18.01
N PRO B 403 18.33 15.65 -19.35
CA PRO B 403 17.64 16.74 -20.03
C PRO B 403 16.19 16.84 -19.59
N LEU B 404 15.77 18.06 -19.26
CA LEU B 404 14.39 18.27 -18.82
C LEU B 404 13.39 18.16 -19.97
N SER B 405 13.89 18.18 -21.21
CA SER B 405 12.99 18.11 -22.37
C SER B 405 12.43 16.71 -22.57
N ARG B 406 13.14 15.68 -22.11
CA ARG B 406 12.68 14.32 -22.30
C ARG B 406 11.51 13.95 -21.38
N VAL B 407 11.23 14.76 -20.35
CA VAL B 407 10.08 14.50 -19.50
C VAL B 407 8.82 14.96 -20.22
N ASP B 408 7.88 14.05 -20.41
CA ASP B 408 6.62 14.38 -21.06
C ASP B 408 5.82 15.32 -20.16
N LEU B 409 5.43 16.48 -20.70
CA LEU B 409 4.69 17.50 -19.97
C LEU B 409 5.45 17.89 -18.70
N GLY B 410 6.68 18.35 -18.89
CA GLY B 410 7.53 18.71 -17.78
C GLY B 410 7.80 20.21 -17.72
N ASP B 411 6.77 21.02 -18.00
CA ASP B 411 6.94 22.47 -17.92
C ASP B 411 6.91 22.97 -16.48
N CYS B 412 6.26 22.21 -15.58
CA CYS B 412 6.10 22.67 -14.20
C CYS B 412 7.40 22.55 -13.39
N ILE B 413 8.28 21.62 -13.77
CA ILE B 413 9.43 21.29 -12.95
C ILE B 413 10.37 22.48 -12.80
N GLY B 414 10.66 23.15 -13.92
CA GLY B 414 11.58 24.27 -13.89
C GLY B 414 11.09 25.42 -13.02
N LYS B 415 9.81 25.79 -13.23
CA LYS B 415 9.25 26.90 -12.47
C LYS B 415 9.20 26.56 -10.97
N ASP B 416 8.75 25.35 -10.63
CA ASP B 416 8.67 24.99 -9.23
C ASP B 416 10.05 24.95 -8.58
N ALA B 417 11.03 24.38 -9.28
CA ALA B 417 12.40 24.31 -8.74
C ALA B 417 12.96 25.71 -8.53
N ARG B 418 12.78 26.60 -9.50
CA ARG B 418 13.30 27.96 -9.36
C ARG B 418 12.63 28.69 -8.20
N ASP B 419 11.30 28.56 -8.07
CA ASP B 419 10.61 29.21 -6.97
C ASP B 419 11.13 28.72 -5.62
N ALA B 420 11.21 27.38 -5.46
CA ALA B 420 11.66 26.83 -4.19
C ALA B 420 13.10 27.24 -3.89
N MET B 421 13.97 27.18 -4.90
CA MET B 421 15.38 27.52 -4.68
C MET B 421 15.54 29.00 -4.31
N ASP B 422 14.82 29.88 -5.00
CA ASP B 422 14.91 31.31 -4.67
C ASP B 422 14.40 31.57 -3.26
N ARG B 423 13.27 30.96 -2.89
CA ARG B 423 12.73 31.16 -1.55
C ARG B 423 13.73 30.70 -0.48
N ILE B 424 14.30 29.51 -0.67
CA ILE B 424 15.24 28.98 0.31
C ILE B 424 16.50 29.83 0.38
N PHE B 425 17.02 30.25 -0.78
CA PHE B 425 18.22 31.08 -0.81
C PHE B 425 17.99 32.41 -0.10
N ALA B 426 16.82 33.02 -0.31
CA ALA B 426 16.52 34.27 0.36
C ALA B 426 16.35 34.07 1.86
N ARG B 427 15.79 32.93 2.27
CA ARG B 427 15.46 32.72 3.67
C ARG B 427 16.72 32.54 4.53
N ARG B 428 17.65 31.71 4.09
CA ARG B 428 18.72 31.24 4.97
C ARG B 428 20.13 31.57 4.46
N TYR B 429 20.40 31.39 3.17
CA TYR B 429 21.75 31.48 2.64
C TYR B 429 22.05 32.79 1.94
N ASN B 430 21.19 33.80 2.09
CA ASN B 430 21.39 35.06 1.36
C ASN B 430 22.67 35.77 1.78
N ALA B 431 22.97 35.76 3.08
CA ALA B 431 24.08 36.55 3.62
C ALA B 431 25.37 35.77 3.83
N THR B 432 25.40 34.47 3.46
CA THR B 432 26.57 33.67 3.76
C THR B 432 27.15 32.99 2.52
N HIS B 433 26.28 32.55 1.61
CA HIS B 433 26.71 31.82 0.43
C HIS B 433 26.25 32.54 -0.83
N ILE B 434 26.78 32.10 -1.98
CA ILE B 434 26.42 32.64 -3.27
C ILE B 434 26.10 31.49 -4.22
N LYS B 435 25.31 31.81 -5.24
CA LYS B 435 24.92 30.82 -6.23
C LYS B 435 26.08 30.50 -7.16
N VAL B 436 26.02 29.30 -7.75
CA VAL B 436 27.01 28.84 -8.72
C VAL B 436 26.24 28.22 -9.88
N GLY B 437 26.03 29.01 -10.94
CA GLY B 437 25.42 28.48 -12.15
C GLY B 437 23.90 28.32 -12.02
N GLN B 438 23.31 27.88 -13.13
CA GLN B 438 21.88 27.59 -13.18
C GLN B 438 21.59 26.23 -12.58
N PRO B 439 20.35 26.00 -12.13
CA PRO B 439 20.01 24.69 -11.56
C PRO B 439 20.20 23.56 -12.58
N GLN B 440 20.65 22.42 -12.08
CA GLN B 440 20.87 21.23 -12.88
C GLN B 440 19.88 20.16 -12.45
N TYR B 441 19.62 19.20 -13.35
CA TYR B 441 18.62 18.16 -13.10
C TYR B 441 19.24 16.80 -13.32
N TYR B 442 19.11 15.92 -12.33
CA TYR B 442 19.64 14.57 -12.41
C TYR B 442 18.54 13.55 -12.10
N LEU B 443 18.71 12.35 -12.63
CA LEU B 443 17.80 11.25 -12.38
C LEU B 443 18.44 10.28 -11.40
N ALA B 444 17.71 9.97 -10.33
CA ALA B 444 18.22 9.17 -9.24
C ALA B 444 17.52 7.82 -9.18
N ASN B 445 18.27 6.81 -8.75
CA ASN B 445 17.77 5.44 -8.62
C ASN B 445 16.50 5.41 -7.79
N GLY B 446 15.53 4.63 -8.27
CA GLY B 446 14.18 4.68 -7.74
C GLY B 446 13.24 5.53 -8.58
N GLY B 447 13.78 6.24 -9.57
CA GLY B 447 12.97 7.04 -10.48
C GLY B 447 12.68 8.42 -9.93
N PHE B 448 13.65 9.03 -9.25
CA PHE B 448 13.46 10.34 -8.66
C PHE B 448 14.14 11.40 -9.52
N LEU B 449 13.64 12.64 -9.43
CA LEU B 449 14.23 13.74 -10.18
C LEU B 449 14.77 14.77 -9.19
N ILE B 450 16.09 14.97 -9.17
CA ILE B 450 16.71 15.90 -8.25
C ILE B 450 17.11 17.15 -9.01
N ALA B 451 16.54 18.28 -8.62
CA ALA B 451 16.95 19.59 -9.12
C ALA B 451 17.88 20.21 -8.10
N TYR B 452 19.13 20.44 -8.50
CA TYR B 452 20.19 20.87 -7.62
C TYR B 452 20.67 22.26 -8.01
N GLN B 453 20.78 23.15 -7.02
CA GLN B 453 21.43 24.44 -7.20
C GLN B 453 22.69 24.45 -6.35
N PRO B 454 23.87 24.32 -6.95
CA PRO B 454 25.11 24.37 -6.17
C PRO B 454 25.34 25.76 -5.59
N LEU B 455 26.05 25.78 -4.46
CA LEU B 455 26.36 27.02 -3.76
C LEU B 455 27.82 27.03 -3.36
N LEU B 456 28.35 28.23 -3.14
CA LEU B 456 29.73 28.39 -2.71
C LEU B 456 29.80 29.42 -1.60
N SER B 457 30.60 29.14 -0.58
CA SER B 457 30.79 30.09 0.50
C SER B 457 31.61 31.28 0.00
N ASN B 458 31.46 32.42 0.70
CA ASN B 458 32.19 33.62 0.33
C ASN B 458 33.70 33.44 0.49
N THR B 459 34.11 32.50 1.34
CA THR B 459 35.53 32.21 1.54
C THR B 459 36.16 31.64 0.26
N VAL B 492 11.25 11.23 -25.21
CA VAL B 492 10.06 11.54 -24.41
C VAL B 492 9.55 10.29 -23.73
N GLU B 493 9.54 10.31 -22.39
CA GLU B 493 9.10 9.16 -21.61
C GLU B 493 8.48 9.65 -20.31
N ARG B 494 7.76 8.74 -19.65
CA ARG B 494 7.21 8.99 -18.33
C ARG B 494 8.08 8.26 -17.30
N ILE B 495 8.52 9.01 -16.29
CA ILE B 495 9.39 8.44 -15.26
C ILE B 495 8.52 7.74 -14.22
N LYS B 496 8.86 6.49 -13.92
CA LYS B 496 8.13 5.69 -12.95
C LYS B 496 8.98 5.58 -11.68
N THR B 497 8.43 6.03 -10.57
CA THR B 497 9.13 6.02 -9.30
C THR B 497 8.61 4.89 -8.41
N THR B 498 9.49 4.42 -7.52
CA THR B 498 9.13 3.37 -6.58
C THR B 498 8.34 3.95 -5.41
N SER B 499 7.64 3.05 -4.71
CA SER B 499 6.83 3.42 -3.55
C SER B 499 7.55 3.22 -2.22
N SER B 500 8.81 2.76 -2.24
CA SER B 500 9.57 2.49 -1.03
C SER B 500 10.87 3.27 -1.09
N ILE B 501 10.98 4.29 -0.22
CA ILE B 501 12.17 5.13 -0.14
C ILE B 501 13.18 4.49 0.80
N GLU B 502 12.90 3.25 1.25
CA GLU B 502 13.70 2.64 2.28
C GLU B 502 15.14 2.40 1.83
N PHE B 503 15.33 1.99 0.56
CA PHE B 503 16.68 1.72 0.09
C PHE B 503 17.61 2.91 0.31
N ALA B 504 17.11 4.12 0.06
CA ALA B 504 17.91 5.31 0.26
C ALA B 504 18.22 5.54 1.75
N ARG B 505 17.24 5.29 2.62
CA ARG B 505 17.47 5.47 4.04
C ARG B 505 18.51 4.48 4.58
N LEU B 506 18.45 3.24 4.08
CA LEU B 506 19.46 2.24 4.43
C LEU B 506 20.83 2.64 3.89
N GLN B 507 20.87 3.17 2.67
CA GLN B 507 22.10 3.72 2.13
C GLN B 507 22.69 4.77 3.05
N PHE B 508 21.85 5.70 3.52
CA PHE B 508 22.32 6.75 4.42
C PHE B 508 22.90 6.17 5.72
N THR B 509 22.14 5.27 6.37
CA THR B 509 22.60 4.69 7.63
C THR B 509 23.92 3.94 7.45
N TYR B 510 23.97 3.05 6.43
CA TYR B 510 25.19 2.30 6.16
C TYR B 510 26.36 3.23 5.89
N ASN B 511 26.15 4.24 5.06
CA ASN B 511 27.23 5.16 4.73
C ASN B 511 27.76 5.86 5.99
N HIS B 512 26.85 6.39 6.80
CA HIS B 512 27.25 7.15 7.97
C HIS B 512 28.09 6.30 8.92
N ILE B 513 27.60 5.10 9.21
CA ILE B 513 28.36 4.18 10.06
C ILE B 513 29.69 3.81 9.43
N GLN B 514 29.71 3.63 8.10
CA GLN B 514 30.93 3.27 7.39
C GLN B 514 32.00 4.34 7.53
N ARG B 515 31.63 5.60 7.26
CA ARG B 515 32.59 6.69 7.47
C ARG B 515 33.15 6.66 8.89
N HIS B 516 32.27 6.57 9.89
CA HIS B 516 32.76 6.65 11.26
C HIS B 516 33.75 5.52 11.58
N VAL B 517 33.36 4.27 11.31
CA VAL B 517 34.21 3.14 11.66
C VAL B 517 35.50 3.17 10.85
N ASN B 518 35.41 3.39 9.54
CA ASN B 518 36.60 3.38 8.69
C ASN B 518 37.55 4.53 8.99
N ASP B 519 37.06 5.60 9.61
CA ASP B 519 37.96 6.65 10.07
C ASP B 519 38.65 6.24 11.37
N MET B 520 37.86 5.85 12.38
CA MET B 520 38.41 5.61 13.69
C MET B 520 39.36 4.42 13.70
N LEU B 521 39.00 3.34 13.01
CA LEU B 521 39.85 2.17 12.98
C LEU B 521 41.18 2.45 12.26
N GLY B 522 41.12 3.21 11.17
CA GLY B 522 42.34 3.66 10.52
C GLY B 522 43.23 4.47 11.47
N ARG B 523 42.61 5.36 12.25
CA ARG B 523 43.38 6.11 13.24
C ARG B 523 44.04 5.17 14.24
N VAL B 524 43.31 4.15 14.69
CA VAL B 524 43.87 3.19 15.64
C VAL B 524 45.07 2.47 15.04
N ALA B 525 44.95 2.03 13.79
CA ALA B 525 46.05 1.37 13.10
C ALA B 525 47.28 2.27 13.02
N ILE B 526 47.08 3.52 12.61
CA ILE B 526 48.18 4.47 12.50
C ILE B 526 48.86 4.67 13.86
N ALA B 527 48.06 4.82 14.91
CA ALA B 527 48.62 5.01 16.24
C ALA B 527 49.41 3.78 16.69
N TRP B 528 48.92 2.58 16.38
CA TRP B 528 49.67 1.37 16.68
C TRP B 528 51.02 1.39 15.98
N CYS B 529 51.01 1.74 14.69
CA CYS B 529 52.25 1.85 13.92
C CYS B 529 53.26 2.78 14.60
N GLU B 530 52.81 3.99 14.95
CA GLU B 530 53.70 4.93 15.61
C GLU B 530 54.19 4.40 16.94
N LEU B 531 53.32 3.74 17.71
CA LEU B 531 53.72 3.21 19.00
C LEU B 531 54.84 2.18 18.86
N GLN B 532 54.72 1.29 17.86
CA GLN B 532 55.77 0.30 17.66
C GLN B 532 57.08 0.95 17.23
N ASN B 533 57.00 1.88 16.28
CA ASN B 533 58.22 2.56 15.83
C ASN B 533 58.84 3.40 16.94
N HIS B 534 58.05 3.76 17.95
CA HIS B 534 58.53 4.58 19.06
C HIS B 534 59.09 3.72 20.18
N GLU B 535 58.61 2.48 20.32
CA GLU B 535 59.11 1.53 21.31
C GLU B 535 60.36 0.81 20.85
N LEU B 536 60.62 0.80 19.54
CA LEU B 536 61.83 0.15 19.03
C LEU B 536 63.10 0.68 19.72
N THR B 537 63.16 1.97 20.02
CA THR B 537 64.35 2.53 20.66
C THR B 537 64.50 2.03 22.10
N LEU B 538 63.39 1.88 22.83
CA LEU B 538 63.48 1.31 24.17
C LEU B 538 63.98 -0.13 24.10
N TRP B 539 63.54 -0.87 23.08
CA TRP B 539 64.14 -2.17 22.82
C TRP B 539 65.65 -2.06 22.58
N ASN B 540 66.05 -1.09 21.75
CA ASN B 540 67.45 -0.92 21.39
C ASN B 540 68.33 -0.62 22.60
N GLU B 541 67.78 0.03 23.63
CA GLU B 541 68.58 0.26 24.83
C GLU B 541 68.49 -0.88 25.84
N ALA B 542 67.30 -1.47 26.01
CA ALA B 542 67.17 -2.55 27.00
C ALA B 542 67.92 -3.81 26.57
N ARG B 543 68.12 -4.01 25.26
CA ARG B 543 68.84 -5.20 24.81
C ARG B 543 70.27 -5.23 25.31
N LYS B 544 70.84 -4.08 25.69
CA LYS B 544 72.23 -4.05 26.16
C LYS B 544 72.37 -4.59 27.57
N LEU B 545 71.32 -4.46 28.39
CA LEU B 545 71.44 -4.80 29.81
C LEU B 545 71.39 -6.31 30.02
N ASN B 546 70.31 -6.96 29.60
CA ASN B 546 70.13 -8.39 29.75
C ASN B 546 69.77 -8.97 28.38
N PRO B 547 70.76 -9.14 27.49
CA PRO B 547 70.44 -9.53 26.12
C PRO B 547 69.70 -10.86 26.00
N ASN B 548 69.88 -11.76 26.97
CA ASN B 548 69.23 -13.07 26.88
C ASN B 548 67.71 -12.93 26.86
N ALA B 549 67.16 -12.09 27.74
CA ALA B 549 65.70 -11.96 27.82
C ALA B 549 65.13 -11.37 26.53
N ILE B 550 65.74 -10.29 26.02
CA ILE B 550 65.23 -9.67 24.80
C ILE B 550 65.36 -10.62 23.62
N ALA B 551 66.49 -11.31 23.50
CA ALA B 551 66.65 -12.27 22.42
C ALA B 551 65.62 -13.39 22.51
N SER B 552 65.37 -13.90 23.72
CA SER B 552 64.41 -14.98 23.89
C SER B 552 63.00 -14.54 23.52
N ALA B 553 62.60 -13.33 23.96
CA ALA B 553 61.23 -12.89 23.70
C ALA B 553 61.06 -12.52 22.22
N THR B 554 62.11 -11.99 21.59
CA THR B 554 61.96 -11.52 20.22
C THR B 554 62.09 -12.65 19.20
N VAL B 555 63.08 -13.53 19.37
CA VAL B 555 63.34 -14.56 18.36
C VAL B 555 62.19 -15.55 18.30
N GLY B 556 61.70 -15.99 19.46
CA GLY B 556 60.56 -16.89 19.48
C GLY B 556 60.72 -18.09 20.40
N ARG B 557 61.90 -18.26 20.98
CA ARG B 557 62.13 -19.35 21.91
C ARG B 557 63.20 -18.92 22.92
N ARG B 558 63.33 -19.67 24.00
CA ARG B 558 64.32 -19.38 25.02
C ARG B 558 65.73 -19.50 24.45
N VAL B 559 66.42 -18.37 24.31
CA VAL B 559 67.69 -18.29 23.59
C VAL B 559 68.67 -17.46 24.41
N SER B 560 69.93 -17.90 24.42
CA SER B 560 71.03 -17.10 24.96
C SER B 560 71.67 -16.30 23.82
N ALA B 561 72.14 -15.09 24.16
CA ALA B 561 72.69 -14.21 23.15
C ALA B 561 73.79 -13.35 23.76
N ARG B 562 74.62 -12.78 22.88
CA ARG B 562 75.63 -11.85 23.32
C ARG B 562 75.95 -10.89 22.18
N MET B 563 76.04 -9.61 22.51
CA MET B 563 76.17 -8.58 21.47
C MET B 563 77.56 -8.65 20.83
N LEU B 564 77.58 -8.32 19.53
CA LEU B 564 78.81 -8.22 18.75
C LEU B 564 78.90 -6.84 18.08
N GLY B 565 78.57 -5.80 18.83
CA GLY B 565 78.54 -4.47 18.29
C GLY B 565 77.12 -3.98 18.06
N ASP B 566 76.69 -3.94 16.79
CA ASP B 566 75.33 -3.55 16.44
C ASP B 566 74.45 -4.77 16.11
N VAL B 567 74.98 -5.98 16.31
CA VAL B 567 74.22 -7.21 16.15
C VAL B 567 74.46 -8.08 17.38
N MET B 568 73.86 -9.27 17.39
CA MET B 568 73.98 -10.16 18.52
C MET B 568 74.08 -11.61 18.05
N ALA B 569 75.06 -12.33 18.62
CA ALA B 569 75.19 -13.75 18.40
C ALA B 569 74.15 -14.51 19.23
N VAL B 570 73.65 -15.61 18.65
CA VAL B 570 72.44 -16.29 19.08
C VAL B 570 72.72 -17.78 19.26
N SER B 571 72.16 -18.39 20.29
CA SER B 571 72.27 -19.83 20.48
C SER B 571 71.10 -20.33 21.33
N THR B 572 70.42 -21.36 20.86
CA THR B 572 69.31 -21.95 21.62
C THR B 572 69.84 -22.77 22.78
N CYS B 573 69.12 -22.70 23.90
CA CYS B 573 69.49 -23.45 25.10
C CYS B 573 68.82 -24.82 25.11
N VAL B 574 69.35 -25.70 25.97
CA VAL B 574 68.89 -27.07 26.09
C VAL B 574 67.95 -27.16 27.29
N PRO B 575 66.72 -27.67 27.12
CA PRO B 575 65.85 -27.87 28.28
C PRO B 575 66.41 -28.87 29.28
N VAL B 576 66.09 -28.65 30.54
CA VAL B 576 66.49 -29.53 31.64
C VAL B 576 65.29 -29.70 32.57
N ALA B 577 65.03 -30.95 32.95
CA ALA B 577 63.86 -31.26 33.77
C ALA B 577 63.96 -30.60 35.14
N ALA B 578 62.79 -30.29 35.71
CA ALA B 578 62.75 -29.63 37.01
C ALA B 578 63.26 -30.55 38.13
N ASP B 579 62.87 -31.83 38.10
CA ASP B 579 63.21 -32.74 39.17
C ASP B 579 64.68 -33.17 39.14
N ASN B 580 65.41 -32.85 38.08
CA ASN B 580 66.82 -33.23 37.96
C ASN B 580 67.76 -32.11 38.37
N VAL B 581 67.29 -31.20 39.24
CA VAL B 581 68.09 -30.10 39.73
C VAL B 581 68.03 -30.10 41.25
N ILE B 582 69.20 -30.04 41.90
CA ILE B 582 69.29 -30.04 43.35
C ILE B 582 70.10 -28.81 43.78
N VAL B 583 69.61 -28.10 44.79
CA VAL B 583 70.21 -26.86 45.24
C VAL B 583 71.02 -27.13 46.50
N GLN B 584 72.27 -26.70 46.50
CA GLN B 584 73.10 -26.79 47.70
C GLN B 584 72.61 -25.79 48.74
N ASN B 585 72.80 -26.13 50.01
CA ASN B 585 72.20 -25.36 51.10
C ASN B 585 72.86 -23.99 51.28
N SER B 586 74.20 -23.96 51.24
CA SER B 586 74.94 -22.74 51.58
C SER B 586 75.62 -22.16 50.36
N MET B 587 75.63 -20.82 50.29
CA MET B 587 76.48 -20.10 49.34
C MET B 587 77.85 -19.77 49.92
N ARG B 588 78.15 -20.19 51.14
CA ARG B 588 79.42 -19.83 51.74
C ARG B 588 80.56 -20.49 50.99
N ILE B 589 81.65 -19.73 50.82
CA ILE B 589 82.87 -20.24 50.24
C ILE B 589 83.72 -20.78 51.39
N SER B 590 83.96 -22.09 51.37
CA SER B 590 84.59 -22.76 52.51
C SER B 590 86.07 -22.41 52.66
N SER B 591 86.69 -21.85 51.61
CA SER B 591 88.10 -21.50 51.64
C SER B 591 88.35 -19.99 51.76
N ARG B 592 87.36 -19.16 51.44
CA ARG B 592 87.53 -17.71 51.48
C ARG B 592 86.40 -17.07 52.28
N PRO B 593 86.54 -17.00 53.61
CA PRO B 593 85.56 -16.25 54.40
C PRO B 593 85.55 -14.78 54.00
N GLY B 594 84.34 -14.19 54.02
CA GLY B 594 84.18 -12.83 53.55
C GLY B 594 83.76 -12.72 52.09
N ALA B 595 83.80 -13.82 51.34
CA ALA B 595 83.33 -13.86 49.97
C ALA B 595 82.16 -14.85 49.90
N CYS B 596 81.07 -14.43 49.25
CA CYS B 596 79.84 -15.20 49.20
C CYS B 596 79.32 -15.21 47.78
N TYR B 597 78.54 -16.25 47.46
CA TYR B 597 77.87 -16.31 46.17
C TYR B 597 76.61 -15.45 46.21
N SER B 598 76.26 -14.87 45.06
CA SER B 598 75.07 -14.04 44.97
C SER B 598 73.84 -14.83 44.54
N ARG B 599 74.04 -15.95 43.84
CA ARG B 599 72.93 -16.74 43.32
C ARG B 599 73.09 -18.18 43.77
N PRO B 600 71.99 -18.93 43.90
CA PRO B 600 72.09 -20.30 44.40
C PRO B 600 72.92 -21.20 43.49
N LEU B 601 73.73 -22.05 44.12
CA LEU B 601 74.51 -23.06 43.41
C LEU B 601 73.63 -24.29 43.21
N VAL B 602 73.79 -24.94 42.06
CA VAL B 602 72.94 -26.07 41.69
C VAL B 602 73.77 -27.20 41.12
N SER B 603 73.19 -28.40 41.15
CA SER B 603 73.71 -29.55 40.46
C SER B 603 72.58 -30.12 39.60
N PHE B 604 72.86 -30.35 38.32
CA PHE B 604 71.84 -30.77 37.38
C PHE B 604 72.36 -31.93 36.54
N ARG B 605 71.41 -32.69 35.98
CA ARG B 605 71.69 -33.80 35.10
C ARG B 605 70.86 -33.64 33.84
N TYR B 606 71.48 -33.88 32.68
CA TYR B 606 70.77 -33.76 31.42
C TYR B 606 69.65 -34.78 31.31
N GLU B 607 69.92 -36.02 31.74
CA GLU B 607 68.94 -37.09 31.70
C GLU B 607 68.64 -37.58 33.12
N ASP B 608 67.65 -38.48 33.22
CA ASP B 608 67.31 -39.08 34.50
C ASP B 608 68.43 -39.97 35.04
N GLN B 609 69.36 -40.41 34.17
CA GLN B 609 70.46 -41.25 34.58
C GLN B 609 71.82 -40.63 34.25
N GLY B 610 71.84 -39.36 33.83
CA GLY B 610 73.06 -38.70 33.44
C GLY B 610 73.94 -38.34 34.64
N PRO B 611 75.23 -38.11 34.37
CA PRO B 611 76.14 -37.73 35.46
C PRO B 611 75.82 -36.34 36.00
N LEU B 612 76.26 -36.10 37.24
CA LEU B 612 76.02 -34.84 37.91
C LEU B 612 76.96 -33.75 37.36
N VAL B 613 76.39 -32.59 37.05
CA VAL B 613 77.16 -31.44 36.59
C VAL B 613 76.82 -30.25 37.49
N GLU B 614 77.84 -29.62 38.04
CA GLU B 614 77.62 -28.44 38.87
C GLU B 614 77.35 -27.22 38.00
N GLY B 615 76.75 -26.21 38.61
CA GLY B 615 76.44 -25.01 37.86
C GLY B 615 75.87 -23.92 38.74
N GLN B 616 75.61 -22.78 38.11
CA GLN B 616 75.10 -21.59 38.77
C GLN B 616 73.70 -21.31 38.26
N LEU B 617 72.76 -21.04 39.17
CA LEU B 617 71.40 -20.74 38.78
C LEU B 617 71.31 -19.30 38.28
N GLY B 618 70.66 -19.12 37.13
CA GLY B 618 70.56 -17.84 36.49
C GLY B 618 69.20 -17.20 36.65
N GLU B 619 68.90 -16.28 35.74
CA GLU B 619 67.64 -15.54 35.76
C GLU B 619 66.58 -16.29 34.98
N ASN B 620 65.36 -16.33 35.55
CA ASN B 620 64.21 -16.98 34.93
C ASN B 620 64.49 -18.45 34.63
N ASN B 621 64.96 -19.16 35.66
CA ASN B 621 65.23 -20.61 35.58
C ASN B 621 66.23 -20.93 34.47
N GLU B 622 67.45 -20.40 34.65
CA GLU B 622 68.54 -20.64 33.73
C GLU B 622 69.73 -21.20 34.51
N LEU B 623 70.49 -22.08 33.85
CA LEU B 623 71.63 -22.74 34.46
C LEU B 623 72.91 -22.24 33.81
N ARG B 624 73.85 -21.79 34.64
CA ARG B 624 75.13 -21.28 34.16
C ARG B 624 76.24 -22.26 34.49
N LEU B 625 77.06 -22.58 33.50
CA LEU B 625 78.12 -23.56 33.68
C LEU B 625 79.33 -23.00 34.44
N THR B 626 79.46 -21.67 34.50
CA THR B 626 80.59 -21.03 35.14
C THR B 626 80.17 -20.44 36.48
N ARG B 627 80.95 -20.72 37.52
CA ARG B 627 80.62 -20.29 38.89
C ARG B 627 81.45 -19.06 39.22
N ASP B 628 80.95 -17.90 38.79
CA ASP B 628 81.71 -16.65 38.91
C ASP B 628 81.03 -15.60 39.79
N ALA B 629 79.81 -15.85 40.27
CA ALA B 629 79.05 -14.85 41.00
C ALA B 629 79.55 -14.77 42.45
N ILE B 630 80.46 -13.84 42.71
CA ILE B 630 81.05 -13.67 44.03
C ILE B 630 80.98 -12.19 44.42
N GLU B 631 80.57 -11.94 45.66
CA GLU B 631 80.52 -10.59 46.21
C GLU B 631 80.94 -10.66 47.67
N PRO B 632 81.37 -9.54 48.25
CA PRO B 632 81.60 -9.51 49.69
C PRO B 632 80.31 -9.82 50.46
N CYS B 633 80.43 -10.62 51.51
CA CYS B 633 79.27 -10.99 52.31
C CYS B 633 78.79 -9.79 53.12
N THR B 634 77.47 -9.67 53.24
CA THR B 634 76.86 -8.50 53.85
C THR B 634 75.87 -8.93 54.94
N VAL B 635 75.71 -8.06 55.94
CA VAL B 635 74.76 -8.31 57.02
C VAL B 635 73.34 -8.09 56.51
N GLY B 636 72.39 -8.82 57.11
CA GLY B 636 70.99 -8.72 56.71
C GLY B 636 70.71 -9.29 55.33
N HIS B 637 71.32 -10.42 55.01
CA HIS B 637 71.14 -11.06 53.71
C HIS B 637 69.80 -11.77 53.66
N ARG B 638 68.91 -11.32 52.76
CA ARG B 638 67.60 -11.92 52.58
C ARG B 638 67.31 -11.94 51.09
N ARG B 639 67.24 -13.14 50.48
CA ARG B 639 67.10 -13.22 49.04
C ARG B 639 66.07 -14.27 48.66
N TYR B 640 65.40 -14.01 47.53
CA TYR B 640 64.50 -14.96 46.89
C TYR B 640 64.92 -15.12 45.43
N PHE B 641 64.87 -16.35 44.94
CA PHE B 641 65.21 -16.62 43.54
C PHE B 641 64.19 -17.56 42.93
N THR B 642 63.97 -17.40 41.63
CA THR B 642 63.04 -18.26 40.92
C THR B 642 63.55 -19.70 40.91
N PHE B 643 62.61 -20.64 40.97
CA PHE B 643 62.95 -22.06 41.03
C PHE B 643 61.71 -22.86 40.63
N GLY B 644 61.81 -23.58 39.52
CA GLY B 644 60.66 -24.32 39.02
C GLY B 644 59.47 -23.41 38.79
N GLY B 645 58.33 -23.78 39.35
CA GLY B 645 57.13 -22.98 39.24
C GLY B 645 56.94 -21.98 40.38
N GLY B 646 57.92 -21.88 41.28
CA GLY B 646 57.79 -20.96 42.40
C GLY B 646 59.11 -20.27 42.74
N TYR B 647 59.33 -20.00 44.02
CA TYR B 647 60.54 -19.32 44.45
C TYR B 647 61.20 -20.08 45.59
N VAL B 648 62.45 -19.72 45.85
CA VAL B 648 63.21 -20.27 46.97
C VAL B 648 63.76 -19.10 47.78
N TYR B 649 63.64 -19.21 49.10
CA TYR B 649 63.99 -18.14 50.03
C TYR B 649 65.18 -18.58 50.87
N PHE B 650 66.23 -17.75 50.86
CA PHE B 650 67.46 -17.94 51.60
C PHE B 650 67.70 -16.71 52.48
N GLU B 651 68.25 -16.92 53.68
CA GLU B 651 68.62 -15.81 54.55
C GLU B 651 70.02 -16.05 55.11
N GLU B 652 70.80 -14.98 55.21
CA GLU B 652 72.15 -15.05 55.80
C GLU B 652 72.99 -16.13 55.13
N TYR B 653 72.87 -16.22 53.80
CA TYR B 653 73.61 -17.19 52.98
C TYR B 653 73.35 -18.62 53.46
N ALA B 654 72.10 -18.89 53.83
CA ALA B 654 71.69 -20.22 54.30
C ALA B 654 70.34 -20.56 53.70
N TYR B 655 70.19 -21.81 53.26
CA TYR B 655 68.94 -22.27 52.68
C TYR B 655 67.84 -22.24 53.72
N SER B 656 66.69 -21.65 53.35
CA SER B 656 65.53 -21.66 54.25
C SER B 656 64.40 -22.53 53.74
N HIS B 657 63.81 -22.22 52.59
CA HIS B 657 62.69 -23.03 52.12
C HIS B 657 62.29 -22.62 50.71
N GLN B 658 61.19 -23.22 50.24
CA GLN B 658 60.56 -22.88 48.96
C GLN B 658 59.18 -22.28 49.22
N LEU B 659 58.69 -21.54 48.22
CA LEU B 659 57.40 -20.88 48.28
C LEU B 659 56.67 -21.06 46.96
N SER B 660 55.36 -21.27 47.04
CA SER B 660 54.52 -21.25 45.86
C SER B 660 54.41 -19.82 45.34
N ARG B 661 54.13 -19.69 44.04
CA ARG B 661 54.07 -18.38 43.42
C ARG B 661 52.92 -17.54 43.98
N ALA B 662 51.77 -18.18 44.22
CA ALA B 662 50.60 -17.46 44.72
C ALA B 662 50.77 -16.95 46.15
N ASP B 663 51.75 -17.48 46.89
CA ASP B 663 51.94 -17.07 48.27
C ASP B 663 52.46 -15.65 48.41
N ILE B 664 52.99 -15.05 47.34
CA ILE B 664 53.53 -13.71 47.36
C ILE B 664 52.61 -12.78 46.60
N THR B 665 52.36 -11.60 47.17
CA THR B 665 51.50 -10.60 46.56
C THR B 665 51.99 -10.23 45.17
N THR B 666 51.05 -10.21 44.22
CA THR B 666 51.35 -9.91 42.83
C THR B 666 50.77 -8.55 42.47
N VAL B 667 51.62 -7.68 41.93
CA VAL B 667 51.20 -6.37 41.46
C VAL B 667 51.11 -6.41 39.94
N SER B 668 50.14 -5.69 39.38
CA SER B 668 49.84 -5.78 37.96
C SER B 668 50.73 -4.81 37.16
N THR B 669 51.38 -5.35 36.12
CA THR B 669 52.14 -4.53 35.18
C THR B 669 51.45 -4.45 33.82
N PHE B 670 50.18 -4.82 33.76
CA PHE B 670 49.43 -4.85 32.52
C PHE B 670 48.34 -3.78 32.52
N ILE B 671 48.01 -3.28 31.34
CA ILE B 671 46.92 -2.33 31.17
C ILE B 671 45.71 -3.09 30.66
N ASP B 672 44.54 -2.82 31.25
CA ASP B 672 43.33 -3.54 30.95
C ASP B 672 42.54 -2.84 29.85
N LEU B 673 42.03 -3.64 28.91
CA LEU B 673 41.14 -3.18 27.86
C LEU B 673 39.98 -4.16 27.77
N ASN B 674 38.79 -3.68 28.12
CA ASN B 674 37.61 -4.55 28.20
C ASN B 674 36.78 -4.33 26.94
N ILE B 675 37.13 -5.03 25.87
CA ILE B 675 36.39 -4.96 24.63
C ILE B 675 35.26 -5.97 24.67
N THR B 676 34.04 -5.51 24.41
CA THR B 676 32.85 -6.35 24.47
C THR B 676 32.27 -6.48 23.07
N MET B 677 31.80 -7.68 22.73
CA MET B 677 31.27 -7.95 21.41
C MET B 677 29.86 -7.40 21.26
N LEU B 678 29.45 -7.20 20.00
CA LEU B 678 28.09 -6.79 19.69
C LEU B 678 27.22 -8.03 19.55
N GLU B 679 26.10 -8.03 20.25
CA GLU B 679 25.29 -9.24 20.39
C GLU B 679 24.42 -9.45 19.16
N ASP B 680 24.17 -10.71 18.84
CA ASP B 680 23.31 -11.06 17.72
C ASP B 680 21.87 -10.66 18.01
N HIS B 681 21.17 -10.18 16.99
CA HIS B 681 19.82 -9.66 17.12
C HIS B 681 18.98 -10.18 15.96
N GLU B 682 17.66 -10.20 16.17
CA GLU B 682 16.72 -10.67 15.16
C GLU B 682 15.67 -9.60 14.91
N PHE B 683 15.36 -9.35 13.64
CA PHE B 683 14.26 -8.50 13.26
C PHE B 683 13.09 -9.35 12.78
N VAL B 684 11.92 -9.15 13.39
CA VAL B 684 10.72 -9.90 13.01
C VAL B 684 9.95 -9.10 11.96
N PRO B 685 9.12 -9.73 11.15
CA PRO B 685 8.22 -8.99 10.26
C PRO B 685 7.24 -8.15 11.05
N LEU B 686 7.31 -6.83 10.84
CA LEU B 686 6.46 -5.87 11.53
C LEU B 686 5.90 -4.88 10.52
N GLU B 687 4.62 -4.58 10.65
CA GLU B 687 3.96 -3.64 9.75
C GLU B 687 2.80 -2.99 10.48
N VAL B 688 2.46 -1.77 10.05
CA VAL B 688 1.39 -1.02 10.70
C VAL B 688 0.03 -1.56 10.29
N TYR B 689 -0.25 -1.53 9.00
CA TYR B 689 -1.50 -2.05 8.45
C TYR B 689 -1.19 -3.07 7.38
N THR B 690 -1.76 -4.27 7.54
CA THR B 690 -1.54 -5.34 6.52
C THR B 690 -2.22 -4.94 5.21
N ARG B 691 -1.89 -5.62 4.12
CA ARG B 691 -2.53 -5.33 2.81
C ARG B 691 -4.04 -5.55 2.95
N HIS B 692 -4.44 -6.55 3.74
CA HIS B 692 -5.88 -6.86 3.94
C HIS B 692 -6.57 -5.70 4.64
N GLU B 693 -6.10 -5.30 5.82
CA GLU B 693 -6.74 -4.22 6.56
C GLU B 693 -7.01 -3.01 5.67
N ILE B 694 -6.07 -2.70 4.76
CA ILE B 694 -6.27 -1.59 3.85
C ILE B 694 -7.42 -1.88 2.89
N LYS B 695 -7.51 -3.12 2.41
CA LYS B 695 -8.63 -3.50 1.54
C LYS B 695 -9.96 -3.41 2.29
N ASP B 696 -9.99 -3.87 3.54
CA ASP B 696 -11.21 -3.84 4.32
C ASP B 696 -11.59 -2.43 4.78
N SER B 697 -10.64 -1.50 4.79
CA SER B 697 -10.92 -0.15 5.28
C SER B 697 -11.98 0.56 4.43
N GLY B 698 -12.11 0.16 3.16
CA GLY B 698 -13.13 0.78 2.33
C GLY B 698 -14.54 0.46 2.82
N LEU B 699 -15.44 1.41 2.62
CA LEU B 699 -16.83 1.22 3.04
C LEU B 699 -17.55 0.23 2.12
N LEU B 700 -17.31 0.31 0.82
CA LEU B 700 -17.94 -0.58 -0.14
C LEU B 700 -16.90 -1.16 -1.09
N ASP B 701 -17.13 -2.41 -1.49
CA ASP B 701 -16.31 -3.08 -2.49
C ASP B 701 -17.20 -3.50 -3.65
N TYR B 702 -16.81 -3.10 -4.86
CA TYR B 702 -17.64 -3.38 -6.03
C TYR B 702 -17.74 -4.88 -6.28
N THR B 703 -16.64 -5.61 -6.10
CA THR B 703 -16.62 -7.03 -6.45
C THR B 703 -17.61 -7.81 -5.60
N GLU B 704 -17.51 -7.68 -4.28
CA GLU B 704 -18.38 -8.46 -3.39
C GLU B 704 -19.82 -7.98 -3.47
N VAL B 705 -20.04 -6.68 -3.64
CA VAL B 705 -21.40 -6.16 -3.80
C VAL B 705 -22.06 -6.78 -5.03
N GLN B 706 -21.35 -6.78 -6.16
CA GLN B 706 -21.91 -7.38 -7.37
C GLN B 706 -22.08 -8.88 -7.22
N ARG B 707 -21.13 -9.54 -6.56
CA ARG B 707 -21.22 -10.98 -6.38
C ARG B 707 -22.45 -11.37 -5.56
N ARG B 708 -22.77 -10.57 -4.53
CA ARG B 708 -23.97 -10.85 -3.74
C ARG B 708 -25.23 -10.46 -4.52
N ASN B 709 -25.18 -9.36 -5.26
CA ASN B 709 -26.38 -8.81 -5.88
C ASN B 709 -26.82 -9.67 -7.06
N GLN B 710 -25.88 -10.30 -7.77
CA GLN B 710 -26.22 -11.06 -8.96
C GLN B 710 -26.70 -12.47 -8.65
N LEU B 711 -26.79 -12.86 -7.38
CA LEU B 711 -27.33 -14.15 -6.98
C LEU B 711 -28.82 -14.08 -6.63
N HIS B 712 -29.46 -12.92 -6.84
CA HIS B 712 -30.85 -12.76 -6.47
C HIS B 712 -31.75 -13.73 -7.21
N ASP B 713 -31.56 -13.89 -8.52
CA ASP B 713 -32.41 -14.79 -9.28
C ASP B 713 -32.12 -16.25 -8.96
N LEU B 714 -30.86 -16.57 -8.62
CA LEU B 714 -30.52 -17.94 -8.26
C LEU B 714 -30.99 -18.32 -6.87
N ARG B 715 -31.22 -17.33 -5.99
CA ARG B 715 -31.63 -17.57 -4.62
C ARG B 715 -33.14 -17.42 -4.42
N PHE B 716 -33.72 -16.33 -4.88
CA PHE B 716 -35.10 -15.98 -4.58
C PHE B 716 -36.04 -16.19 -5.76
N ALA B 717 -35.71 -17.11 -6.65
CA ALA B 717 -36.55 -17.36 -7.82
C ALA B 717 -36.26 -18.75 -8.36
N ASP B 718 -37.19 -19.24 -9.20
CA ASP B 718 -37.00 -20.47 -9.93
C ASP B 718 -36.52 -20.10 -11.33
N ILE B 719 -35.26 -20.42 -11.63
CA ILE B 719 -34.58 -19.79 -12.75
C ILE B 719 -34.89 -20.49 -14.07
N ASP B 720 -35.23 -21.78 -14.04
CA ASP B 720 -35.32 -22.57 -15.26
C ASP B 720 -36.71 -23.10 -15.56
N THR B 721 -37.58 -23.23 -14.57
CA THR B 721 -38.92 -23.74 -14.80
C THR B 721 -39.68 -22.82 -15.75
N VAL B 722 -40.41 -23.42 -16.70
CA VAL B 722 -41.20 -22.69 -17.67
C VAL B 722 -42.64 -23.19 -17.60
N ILE B 723 -43.59 -22.27 -17.69
CA ILE B 723 -45.01 -22.59 -17.63
C ILE B 723 -45.64 -22.25 -18.98
N HIS B 724 -46.32 -23.23 -19.57
CA HIS B 724 -47.02 -23.04 -20.83
C HIS B 724 -48.44 -23.59 -20.68
N ALA B 725 -49.42 -22.78 -21.09
CA ALA B 725 -50.83 -23.15 -20.94
C ALA B 725 -51.70 -22.30 -21.86
N ALA C 111 52.67 19.47 44.23
CA ALA C 111 54.06 19.82 44.61
C ALA C 111 54.30 19.45 46.08
N ASN C 112 54.24 18.15 46.37
CA ASN C 112 54.41 17.64 47.72
C ASN C 112 55.61 16.70 47.74
N PHE C 113 56.55 16.98 48.64
CA PHE C 113 57.77 16.18 48.71
C PHE C 113 57.49 14.84 49.40
N TYR C 114 58.45 13.93 49.29
CA TYR C 114 58.32 12.62 49.94
C TYR C 114 59.66 12.26 50.58
N VAL C 115 59.59 11.56 51.71
CA VAL C 115 60.76 11.00 52.36
C VAL C 115 60.58 9.49 52.42
N CYS C 116 61.62 8.75 52.03
CA CYS C 116 61.49 7.31 51.81
C CYS C 116 62.50 6.56 52.67
N PRO C 117 62.04 5.85 53.70
CA PRO C 117 62.94 5.00 54.48
C PRO C 117 63.36 3.78 53.67
N PRO C 118 64.50 3.17 54.01
CA PRO C 118 64.94 1.97 53.28
C PRO C 118 64.03 0.79 53.58
N PRO C 119 63.56 0.10 52.53
CA PRO C 119 62.65 -1.02 52.75
C PRO C 119 63.35 -2.22 53.39
N THR C 120 62.55 -3.06 54.03
CA THR C 120 63.01 -4.32 54.60
C THR C 120 62.27 -5.47 53.93
N GLY C 121 62.55 -6.69 54.41
CA GLY C 121 61.95 -7.89 53.83
C GLY C 121 60.51 -8.15 54.24
N ALA C 122 59.90 -7.24 55.02
CA ALA C 122 58.55 -7.46 55.50
C ALA C 122 57.54 -7.50 54.34
N THR C 123 57.70 -6.59 53.37
CA THR C 123 56.77 -6.46 52.27
C THR C 123 57.46 -6.81 50.96
N VAL C 124 56.81 -7.68 50.17
CA VAL C 124 57.36 -8.18 48.91
C VAL C 124 56.27 -8.15 47.85
N VAL C 125 56.63 -7.71 46.65
CA VAL C 125 55.71 -7.66 45.51
C VAL C 125 56.31 -8.40 44.33
N GLN C 126 55.45 -8.81 43.41
CA GLN C 126 55.82 -9.63 42.27
C GLN C 126 55.09 -9.11 41.02
N PHE C 127 55.75 -9.23 39.88
CA PHE C 127 55.11 -8.90 38.61
C PHE C 127 54.27 -10.07 38.12
N GLU C 128 53.15 -9.71 37.46
CA GLU C 128 52.24 -10.71 36.92
C GLU C 128 52.89 -11.46 35.76
N GLN C 129 52.51 -12.73 35.61
CA GLN C 129 52.93 -13.53 34.47
C GLN C 129 52.06 -13.23 33.26
N PRO C 130 52.58 -13.47 32.05
CA PRO C 130 51.78 -13.23 30.84
C PRO C 130 50.45 -13.95 30.89
N ARG C 131 49.38 -13.24 30.51
CA ARG C 131 48.05 -13.82 30.46
C ARG C 131 47.84 -14.59 29.16
N ARG C 132 47.09 -15.67 29.23
CA ARG C 132 46.78 -16.49 28.07
C ARG C 132 45.39 -16.11 27.58
N CYS C 133 45.36 -15.23 26.56
CA CYS C 133 44.21 -14.59 25.94
C CYS C 133 43.84 -15.30 24.64
N PRO C 134 42.55 -15.31 24.28
CA PRO C 134 42.08 -16.18 23.19
C PRO C 134 42.58 -15.74 21.83
N THR C 135 42.15 -16.54 20.83
CA THR C 135 42.47 -16.33 19.43
C THR C 135 41.22 -15.94 18.67
N ARG C 136 41.39 -15.72 17.36
CA ARG C 136 40.30 -15.40 16.44
C ARG C 136 39.25 -16.49 16.44
N PRO C 137 37.98 -16.16 16.23
CA PRO C 137 36.95 -17.20 16.09
C PRO C 137 37.13 -17.98 14.80
N GLU C 138 36.43 -19.11 14.72
CA GLU C 138 36.60 -20.02 13.59
C GLU C 138 36.17 -19.36 12.28
N GLY C 139 35.03 -18.66 12.30
CA GLY C 139 34.47 -18.10 11.09
C GLY C 139 33.46 -19.05 10.47
N GLN C 140 32.26 -18.53 10.22
CA GLN C 140 31.17 -19.37 9.74
C GLN C 140 31.48 -19.93 8.36
N ASN C 141 31.04 -21.16 8.14
CA ASN C 141 31.24 -21.84 6.86
C ASN C 141 30.06 -21.51 5.94
N TYR C 142 30.34 -20.80 4.85
CA TYR C 142 29.32 -20.38 3.91
C TYR C 142 29.29 -21.33 2.72
N THR C 143 28.10 -21.78 2.36
CA THR C 143 27.89 -22.68 1.23
C THR C 143 27.26 -21.90 0.09
N GLU C 144 27.95 -21.85 -1.05
CA GLU C 144 27.41 -21.15 -2.20
C GLU C 144 26.27 -21.96 -2.82
N GLY C 145 25.50 -21.29 -3.68
CA GLY C 145 24.41 -21.97 -4.34
C GLY C 145 23.63 -21.02 -5.23
N ILE C 146 22.60 -21.56 -5.85
CA ILE C 146 21.69 -20.79 -6.70
C ILE C 146 20.31 -20.84 -6.06
N ALA C 147 19.63 -19.70 -6.01
CA ALA C 147 18.38 -19.63 -5.26
C ALA C 147 17.29 -18.99 -6.10
N VAL C 148 16.06 -19.42 -5.85
CA VAL C 148 14.87 -18.78 -6.38
C VAL C 148 13.92 -18.52 -5.23
N VAL C 149 13.49 -17.27 -5.10
CA VAL C 149 12.61 -16.84 -4.01
C VAL C 149 11.22 -16.64 -4.57
N PHE C 150 10.25 -17.35 -3.98
CA PHE C 150 8.85 -17.31 -4.37
C PHE C 150 8.05 -16.63 -3.28
N LYS C 151 7.04 -15.87 -3.70
CA LYS C 151 6.12 -15.17 -2.81
C LYS C 151 4.70 -15.65 -3.09
N GLU C 152 3.76 -15.17 -2.27
CA GLU C 152 2.35 -15.50 -2.46
C GLU C 152 1.83 -14.90 -3.76
N ASN C 153 0.93 -15.61 -4.40
CA ASN C 153 0.35 -15.20 -5.67
C ASN C 153 -0.99 -14.53 -5.44
N ILE C 154 -1.07 -13.25 -5.78
CA ILE C 154 -2.31 -12.48 -5.61
C ILE C 154 -2.99 -12.15 -6.93
N ALA C 155 -2.29 -12.25 -8.05
CA ALA C 155 -2.90 -11.91 -9.34
C ALA C 155 -3.92 -12.97 -9.73
N PRO C 156 -5.13 -12.58 -10.14
CA PRO C 156 -6.13 -13.57 -10.52
C PRO C 156 -5.77 -14.30 -11.81
N TYR C 157 -6.25 -15.53 -11.93
CA TYR C 157 -6.09 -16.29 -13.15
C TYR C 157 -6.95 -15.67 -14.25
N LYS C 158 -6.33 -15.39 -15.39
CA LYS C 158 -7.00 -14.71 -16.50
C LYS C 158 -7.11 -15.63 -17.70
N PHE C 159 -8.24 -15.57 -18.39
CA PHE C 159 -8.43 -16.30 -19.63
C PHE C 159 -9.42 -15.57 -20.51
N LYS C 160 -9.28 -15.74 -21.82
CA LYS C 160 -10.15 -15.03 -22.76
C LYS C 160 -11.39 -15.86 -23.05
N ALA C 161 -12.55 -15.19 -23.05
CA ALA C 161 -13.82 -15.83 -23.30
C ALA C 161 -14.62 -15.02 -24.31
N THR C 162 -15.74 -15.57 -24.76
CA THR C 162 -16.58 -14.97 -25.77
C THR C 162 -18.01 -14.92 -25.29
N MET C 163 -18.65 -13.77 -25.46
CA MET C 163 -20.03 -13.56 -25.05
C MET C 163 -20.92 -13.41 -26.28
N TYR C 164 -22.02 -14.16 -26.31
CA TYR C 164 -23.01 -14.08 -27.36
C TYR C 164 -24.34 -13.70 -26.71
N TYR C 165 -24.97 -12.63 -27.18
CA TYR C 165 -26.27 -12.28 -26.65
C TYR C 165 -27.00 -11.37 -27.61
N LYS C 166 -28.33 -11.37 -27.53
CA LYS C 166 -29.17 -10.52 -28.34
C LYS C 166 -29.80 -9.45 -27.48
N ASP C 167 -29.58 -8.19 -27.86
CA ASP C 167 -30.23 -7.07 -27.21
C ASP C 167 -31.58 -6.84 -27.87
N VAL C 168 -32.66 -6.99 -27.10
CA VAL C 168 -34.02 -6.88 -27.59
C VAL C 168 -34.63 -5.62 -27.00
N THR C 169 -35.09 -4.71 -27.86
CA THR C 169 -35.65 -3.44 -27.45
C THR C 169 -37.04 -3.29 -28.04
N VAL C 170 -38.03 -3.11 -27.18
CA VAL C 170 -39.41 -2.89 -27.59
C VAL C 170 -39.80 -1.50 -27.13
N SER C 171 -40.17 -0.64 -28.08
CA SER C 171 -40.50 0.74 -27.81
C SER C 171 -41.98 1.00 -28.10
N GLN C 172 -42.63 1.70 -27.18
CA GLN C 172 -44.01 2.13 -27.33
C GLN C 172 -44.03 3.63 -27.53
N VAL C 173 -44.68 4.08 -28.60
CA VAL C 173 -44.62 5.48 -29.04
C VAL C 173 -46.04 5.99 -29.23
N TRP C 174 -46.29 7.21 -28.78
CA TRP C 174 -47.55 7.90 -29.02
C TRP C 174 -47.32 9.05 -30.00
N PHE C 175 -48.10 9.07 -31.07
CA PHE C 175 -47.95 10.06 -32.13
C PHE C 175 -49.02 11.14 -31.96
N GLY C 176 -48.59 12.34 -31.56
CA GLY C 176 -49.48 13.45 -31.35
C GLY C 176 -49.76 14.22 -32.64
N HIS C 177 -50.37 15.39 -32.48
CA HIS C 177 -50.70 16.22 -33.63
C HIS C 177 -49.45 16.72 -34.34
N ARG C 178 -48.50 17.26 -33.57
CA ARG C 178 -47.27 17.78 -34.14
C ARG C 178 -46.01 17.15 -33.56
N TYR C 179 -46.14 16.28 -32.56
CA TYR C 179 -44.98 15.76 -31.84
C TYR C 179 -45.17 14.28 -31.58
N SER C 180 -44.07 13.62 -31.24
CA SER C 180 -44.06 12.20 -30.92
C SER C 180 -43.31 12.01 -29.61
N GLN C 181 -43.73 11.01 -28.83
CA GLN C 181 -43.21 10.83 -27.48
C GLN C 181 -43.11 9.35 -27.16
N PHE C 182 -42.06 8.98 -26.43
CA PHE C 182 -41.88 7.62 -25.96
C PHE C 182 -42.67 7.39 -24.68
N MET C 183 -43.56 6.39 -24.70
CA MET C 183 -44.28 5.98 -23.51
C MET C 183 -43.59 4.85 -22.77
N GLY C 184 -42.49 4.32 -23.31
CA GLY C 184 -41.77 3.24 -22.67
C GLY C 184 -40.80 2.54 -23.60
N ILE C 185 -39.65 2.14 -23.07
CA ILE C 185 -38.65 1.39 -23.81
C ILE C 185 -38.21 0.22 -22.94
N PHE C 186 -38.63 -0.99 -23.31
CA PHE C 186 -38.23 -2.20 -22.62
C PHE C 186 -36.98 -2.76 -23.29
N GLU C 187 -35.88 -2.80 -22.55
CA GLU C 187 -34.61 -3.30 -23.06
C GLU C 187 -34.21 -4.54 -22.29
N ASP C 188 -33.88 -5.61 -23.00
CA ASP C 188 -33.54 -6.88 -22.38
C ASP C 188 -32.36 -7.52 -23.10
N ARG C 189 -31.66 -8.38 -22.39
CA ARG C 189 -30.56 -9.16 -22.94
C ARG C 189 -30.93 -10.63 -22.90
N ALA C 190 -30.85 -11.29 -24.06
CA ALA C 190 -31.24 -12.69 -24.14
C ALA C 190 -30.06 -13.55 -24.58
N PRO C 191 -29.90 -14.75 -24.02
CA PRO C 191 -28.82 -15.62 -24.44
C PRO C 191 -29.05 -16.15 -25.85
N VAL C 192 -27.95 -16.36 -26.57
CA VAL C 192 -28.00 -17.01 -27.87
C VAL C 192 -27.92 -18.51 -27.64
N PRO C 193 -28.85 -19.29 -28.18
CA PRO C 193 -28.84 -20.73 -27.93
C PRO C 193 -27.58 -21.41 -28.45
N PHE C 194 -27.21 -22.52 -27.82
CA PHE C 194 -26.06 -23.28 -28.27
C PHE C 194 -26.21 -23.73 -29.72
N GLU C 195 -27.44 -24.06 -30.11
CA GLU C 195 -27.73 -24.41 -31.50
C GLU C 195 -27.32 -23.27 -32.42
N GLU C 196 -27.63 -22.02 -32.06
CA GLU C 196 -27.31 -20.90 -32.92
C GLU C 196 -25.82 -20.53 -32.84
N VAL C 197 -25.18 -20.76 -31.70
CA VAL C 197 -23.76 -20.47 -31.59
C VAL C 197 -22.94 -21.43 -32.43
N ILE C 198 -23.32 -22.71 -32.43
CA ILE C 198 -22.55 -23.70 -33.18
C ILE C 198 -22.94 -23.70 -34.65
N ASP C 199 -24.25 -23.66 -34.95
CA ASP C 199 -24.73 -23.85 -36.30
C ASP C 199 -24.75 -22.58 -37.14
N LYS C 200 -24.99 -21.42 -36.53
CA LYS C 200 -25.13 -20.17 -37.26
C LYS C 200 -23.91 -19.27 -37.14
N ILE C 201 -23.50 -18.93 -35.92
CA ILE C 201 -22.42 -17.97 -35.76
C ILE C 201 -21.08 -18.59 -36.14
N ASN C 202 -20.83 -19.83 -35.74
CA ASN C 202 -19.53 -20.43 -35.98
C ASN C 202 -19.43 -21.07 -37.36
N ALA C 203 -20.55 -21.58 -37.90
CA ALA C 203 -20.50 -22.31 -39.15
C ALA C 203 -20.63 -21.40 -40.37
N LYS C 204 -21.48 -20.37 -40.29
CA LYS C 204 -21.71 -19.48 -41.43
C LYS C 204 -21.35 -18.03 -41.15
N GLY C 205 -21.04 -17.67 -39.90
CA GLY C 205 -20.76 -16.29 -39.58
C GLY C 205 -21.97 -15.39 -39.52
N VAL C 206 -23.18 -15.96 -39.50
CA VAL C 206 -24.40 -15.19 -39.48
C VAL C 206 -25.11 -15.39 -38.15
N CYS C 207 -26.18 -14.65 -37.92
CA CYS C 207 -27.00 -14.79 -36.72
C CYS C 207 -28.46 -14.64 -37.12
N ARG C 208 -29.34 -15.20 -36.32
CA ARG C 208 -30.76 -15.17 -36.65
C ARG C 208 -31.36 -13.84 -36.26
N SER C 209 -32.46 -13.50 -36.95
CA SER C 209 -33.17 -12.25 -36.74
C SER C 209 -34.20 -12.32 -35.62
N THR C 210 -34.32 -13.46 -34.94
CA THR C 210 -35.31 -13.66 -33.89
C THR C 210 -34.61 -14.06 -32.61
N ALA C 211 -35.17 -13.61 -31.49
CA ALA C 211 -34.66 -13.92 -30.16
C ALA C 211 -35.73 -14.76 -29.44
N LYS C 212 -35.44 -16.03 -29.21
CA LYS C 212 -36.34 -16.94 -28.52
C LYS C 212 -35.70 -17.38 -27.23
N TYR C 213 -36.30 -17.00 -26.10
CA TYR C 213 -35.67 -17.22 -24.81
C TYR C 213 -36.70 -17.28 -23.70
N VAL C 214 -36.26 -17.75 -22.54
CA VAL C 214 -37.11 -17.87 -21.36
C VAL C 214 -36.82 -16.70 -20.43
N ARG C 215 -37.82 -15.88 -20.17
CA ARG C 215 -37.71 -14.76 -19.23
C ARG C 215 -38.90 -14.77 -18.29
N ASN C 216 -38.63 -14.71 -16.99
CA ASN C 216 -39.67 -14.76 -15.96
C ASN C 216 -40.60 -15.95 -16.16
N ASN C 217 -40.00 -17.11 -16.47
CA ASN C 217 -40.74 -18.36 -16.64
C ASN C 217 -41.77 -18.25 -17.76
N LEU C 218 -41.31 -17.80 -18.94
CA LEU C 218 -42.18 -17.72 -20.10
C LEU C 218 -41.34 -17.82 -21.36
N GLU C 219 -41.80 -18.65 -22.30
CA GLU C 219 -41.11 -18.87 -23.57
C GLU C 219 -41.51 -17.76 -24.53
N THR C 220 -40.63 -16.76 -24.70
CA THR C 220 -40.95 -15.58 -25.50
C THR C 220 -40.12 -15.55 -26.77
N THR C 221 -40.74 -15.04 -27.83
CA THR C 221 -40.09 -14.84 -29.12
C THR C 221 -40.22 -13.39 -29.53
N ALA C 222 -39.12 -12.81 -30.00
CA ALA C 222 -39.09 -11.44 -30.52
C ALA C 222 -38.56 -11.46 -31.94
N PHE C 223 -39.19 -10.67 -32.80
CA PHE C 223 -38.81 -10.56 -34.20
C PHE C 223 -38.23 -9.18 -34.48
N HIS C 224 -37.09 -9.14 -35.15
CA HIS C 224 -36.51 -7.87 -35.54
C HIS C 224 -37.37 -7.22 -36.62
N ARG C 225 -37.63 -5.92 -36.46
CA ARG C 225 -38.47 -5.14 -37.38
C ARG C 225 -39.88 -5.70 -37.49
N ASP C 226 -40.26 -6.60 -36.59
CA ASP C 226 -41.57 -7.25 -36.63
C ASP C 226 -41.83 -7.90 -37.97
N ASP C 227 -40.79 -8.50 -38.56
CA ASP C 227 -40.85 -9.12 -39.87
C ASP C 227 -40.49 -10.60 -39.74
N HIS C 228 -40.44 -11.29 -40.88
CA HIS C 228 -40.13 -12.71 -40.88
C HIS C 228 -38.66 -12.95 -40.54
N GLU C 229 -38.37 -14.18 -40.11
CA GLU C 229 -37.02 -14.52 -39.68
C GLU C 229 -36.09 -14.67 -40.88
N THR C 230 -34.93 -14.02 -40.80
CA THR C 230 -33.87 -14.13 -41.80
C THR C 230 -32.54 -14.23 -41.09
N ASP C 231 -31.51 -14.60 -41.85
CA ASP C 231 -30.15 -14.62 -41.32
C ASP C 231 -29.44 -13.32 -41.68
N MET C 232 -28.62 -12.82 -40.75
CA MET C 232 -27.98 -11.52 -40.89
C MET C 232 -26.49 -11.67 -40.66
N GLU C 233 -25.69 -11.00 -41.49
CA GLU C 233 -24.25 -11.05 -41.38
C GLU C 233 -23.79 -10.33 -40.11
N LEU C 234 -22.74 -10.84 -39.49
CA LEU C 234 -22.14 -10.22 -38.32
C LEU C 234 -21.00 -9.32 -38.78
N LYS C 235 -21.17 -8.00 -38.63
CA LYS C 235 -20.19 -7.04 -39.07
C LYS C 235 -19.49 -6.40 -37.87
N PRO C 236 -18.24 -5.97 -38.03
CA PRO C 236 -17.50 -5.42 -36.90
C PRO C 236 -18.11 -4.14 -36.35
N ALA C 237 -17.91 -3.93 -35.06
CA ALA C 237 -18.38 -2.73 -34.38
C ALA C 237 -17.41 -1.57 -34.62
N ASN C 238 -17.89 -0.37 -34.28
CA ASN C 238 -17.08 0.83 -34.46
C ASN C 238 -15.87 0.80 -33.54
N ALA C 239 -14.72 1.21 -34.08
CA ALA C 239 -13.47 1.14 -33.33
C ALA C 239 -13.47 2.13 -32.18
N ALA C 240 -13.09 1.65 -31.00
CA ALA C 240 -12.94 2.49 -29.82
C ALA C 240 -11.64 2.11 -29.10
N THR C 241 -10.93 3.13 -28.64
CA THR C 241 -9.63 2.91 -28.00
C THR C 241 -9.76 2.05 -26.75
N ARG C 242 -8.79 1.15 -26.57
CA ARG C 242 -8.74 0.21 -25.45
C ARG C 242 -10.02 -0.60 -25.35
N THR C 243 -10.47 -1.14 -26.48
CA THR C 243 -11.66 -1.99 -26.52
C THR C 243 -11.35 -3.25 -27.31
N SER C 244 -11.71 -4.40 -26.74
CA SER C 244 -11.56 -5.67 -27.40
C SER C 244 -12.47 -5.74 -28.63
N ARG C 245 -12.24 -6.75 -29.46
CA ARG C 245 -13.01 -6.91 -30.67
C ARG C 245 -14.48 -7.17 -30.35
N GLY C 246 -15.34 -6.82 -31.30
CA GLY C 246 -16.77 -6.99 -31.14
C GLY C 246 -17.51 -6.95 -32.46
N TRP C 247 -18.64 -7.65 -32.53
CA TRP C 247 -19.39 -7.80 -33.77
C TRP C 247 -20.87 -7.65 -33.48
N HIS C 248 -21.60 -7.12 -34.46
CA HIS C 248 -23.03 -6.91 -34.32
C HIS C 248 -23.68 -7.00 -35.69
N THR C 249 -25.00 -7.20 -35.69
CA THR C 249 -25.77 -7.34 -36.91
C THR C 249 -26.47 -6.05 -37.34
N THR C 250 -27.13 -5.38 -36.40
CA THR C 250 -27.86 -4.15 -36.70
C THR C 250 -27.20 -2.96 -36.00
N ASP C 251 -27.54 -1.77 -36.46
CA ASP C 251 -27.08 -0.53 -35.86
C ASP C 251 -28.18 0.50 -35.62
N LEU C 252 -29.31 0.41 -36.31
CA LEU C 252 -30.40 1.36 -36.17
C LEU C 252 -31.56 0.72 -35.42
N LYS C 253 -32.14 1.49 -34.49
CA LYS C 253 -33.34 1.07 -33.79
C LYS C 253 -34.55 1.21 -34.70
N TYR C 254 -35.46 0.24 -34.62
CA TYR C 254 -36.69 0.28 -35.38
C TYR C 254 -37.81 0.81 -34.50
N ASN C 255 -38.46 1.88 -34.97
CA ASN C 255 -39.59 2.48 -34.30
C ASN C 255 -40.81 2.43 -35.20
N PRO C 256 -42.02 2.33 -34.62
CA PRO C 256 -43.20 2.13 -35.44
C PRO C 256 -43.50 3.33 -36.33
N SER C 257 -44.11 3.04 -37.49
CA SER C 257 -44.53 4.08 -38.40
C SER C 257 -45.58 4.97 -37.75
N ARG C 258 -45.58 6.25 -38.13
CA ARG C 258 -46.48 7.21 -37.50
C ARG C 258 -47.91 7.01 -37.99
N VAL C 259 -48.82 6.85 -37.01
CA VAL C 259 -50.25 6.94 -37.25
C VAL C 259 -50.82 7.88 -36.20
N GLU C 260 -51.60 8.88 -36.63
CA GLU C 260 -52.05 9.92 -35.72
C GLU C 260 -52.89 9.35 -34.58
N ALA C 261 -52.56 9.76 -33.36
CA ALA C 261 -53.33 9.44 -32.16
C ALA C 261 -53.44 7.93 -31.93
N PHE C 262 -52.28 7.29 -31.80
CA PHE C 262 -52.24 5.87 -31.47
C PHE C 262 -50.98 5.56 -30.68
N HIS C 263 -51.07 4.52 -29.86
CA HIS C 263 -49.90 3.95 -29.19
C HIS C 263 -49.44 2.75 -30.01
N ARG C 264 -48.19 2.78 -30.47
CA ARG C 264 -47.66 1.78 -31.37
C ARG C 264 -46.42 1.14 -30.76
N TYR C 265 -46.24 -0.16 -31.03
CA TYR C 265 -45.13 -0.93 -30.50
C TYR C 265 -44.19 -1.35 -31.61
N GLY C 266 -42.90 -1.30 -31.32
CA GLY C 266 -41.89 -1.70 -32.29
C GLY C 266 -40.73 -2.45 -31.66
N THR C 267 -40.29 -3.53 -32.30
CA THR C 267 -39.30 -4.44 -31.73
C THR C 267 -38.04 -4.44 -32.57
N THR C 268 -36.89 -4.46 -31.90
CA THR C 268 -35.59 -4.48 -32.55
C THR C 268 -34.70 -5.50 -31.85
N VAL C 269 -34.01 -6.32 -32.62
CA VAL C 269 -33.10 -7.34 -32.09
C VAL C 269 -31.72 -7.10 -32.69
N ASN C 270 -30.72 -6.99 -31.82
CA ASN C 270 -29.33 -6.77 -32.22
C ASN C 270 -28.50 -7.91 -31.67
N CYS C 271 -27.95 -8.74 -32.56
CA CYS C 271 -27.16 -9.90 -32.17
C CYS C 271 -25.71 -9.48 -31.99
N ILE C 272 -25.20 -9.54 -30.76
CA ILE C 272 -23.91 -9.01 -30.38
C ILE C 272 -23.00 -10.14 -29.93
N VAL C 273 -21.78 -10.13 -30.44
CA VAL C 273 -20.72 -11.06 -30.06
C VAL C 273 -19.55 -10.23 -29.57
N GLU C 274 -18.97 -10.62 -28.44
CA GLU C 274 -17.86 -9.87 -27.86
C GLU C 274 -16.77 -10.84 -27.39
N GLU C 275 -15.54 -10.36 -27.42
CA GLU C 275 -14.42 -11.02 -26.77
C GLU C 275 -14.09 -10.28 -25.48
N VAL C 276 -14.09 -11.00 -24.36
CA VAL C 276 -13.84 -10.41 -23.07
C VAL C 276 -12.74 -11.18 -22.36
N ASP C 277 -12.16 -10.54 -21.35
CA ASP C 277 -11.18 -11.17 -20.48
C ASP C 277 -11.85 -11.51 -19.16
N ALA C 278 -11.79 -12.78 -18.77
CA ALA C 278 -12.43 -13.27 -17.56
C ALA C 278 -11.37 -13.60 -16.52
N ARG C 279 -11.64 -13.22 -15.28
CA ARG C 279 -10.71 -13.36 -14.17
C ARG C 279 -11.34 -14.21 -13.07
N SER C 280 -10.54 -15.09 -12.48
CA SER C 280 -10.99 -15.95 -11.39
C SER C 280 -9.96 -15.91 -10.27
N VAL C 281 -10.43 -16.13 -9.04
CA VAL C 281 -9.57 -16.11 -7.87
C VAL C 281 -9.80 -17.40 -7.09
N TYR C 282 -8.85 -17.70 -6.19
CA TYR C 282 -8.89 -18.94 -5.44
C TYR C 282 -10.15 -19.00 -4.60
N PRO C 283 -10.81 -20.18 -4.48
CA PRO C 283 -10.40 -21.46 -5.05
C PRO C 283 -10.93 -21.76 -6.45
N TYR C 284 -11.09 -20.72 -7.27
CA TYR C 284 -11.46 -20.86 -8.68
C TYR C 284 -12.75 -21.64 -8.86
N ASP C 285 -13.78 -21.24 -8.10
CA ASP C 285 -15.12 -21.79 -8.27
C ASP C 285 -16.07 -20.80 -8.95
N GLU C 286 -15.60 -19.58 -9.23
CA GLU C 286 -16.38 -18.59 -9.96
C GLU C 286 -15.42 -17.76 -10.82
N PHE C 287 -15.94 -17.16 -11.88
CA PHE C 287 -15.15 -16.23 -12.67
C PHE C 287 -16.06 -15.15 -13.21
N VAL C 288 -15.53 -13.94 -13.30
CA VAL C 288 -16.28 -12.77 -13.72
C VAL C 288 -15.71 -12.27 -15.03
N LEU C 289 -16.59 -11.71 -15.87
CA LEU C 289 -16.22 -11.23 -17.19
C LEU C 289 -15.83 -9.76 -17.12
N ALA C 290 -15.36 -9.23 -18.25
CA ALA C 290 -14.97 -7.83 -18.33
C ALA C 290 -16.14 -6.89 -18.18
N THR C 291 -17.37 -7.37 -18.38
CA THR C 291 -18.56 -6.54 -18.29
C THR C 291 -19.13 -6.46 -16.89
N GLY C 292 -18.51 -7.12 -15.91
CA GLY C 292 -19.00 -7.10 -14.55
C GLY C 292 -20.08 -8.15 -14.27
N ASP C 293 -20.26 -9.11 -15.16
CA ASP C 293 -21.25 -10.16 -14.98
C ASP C 293 -20.56 -11.42 -14.48
N PHE C 294 -20.99 -11.93 -13.33
CA PHE C 294 -20.42 -13.13 -12.77
C PHE C 294 -20.94 -14.37 -13.47
N VAL C 295 -20.11 -15.41 -13.51
CA VAL C 295 -20.52 -16.74 -13.93
C VAL C 295 -20.17 -17.70 -12.80
N TYR C 296 -21.20 -18.34 -12.24
CA TYR C 296 -21.03 -19.15 -11.03
C TYR C 296 -20.74 -20.60 -11.41
N MET C 297 -19.56 -20.78 -12.01
CA MET C 297 -19.08 -22.11 -12.33
C MET C 297 -17.57 -22.05 -12.51
N SER C 298 -16.89 -23.09 -12.07
CA SER C 298 -15.43 -23.10 -12.11
C SER C 298 -14.94 -23.04 -13.55
N PRO C 299 -13.90 -22.25 -13.84
CA PRO C 299 -13.39 -22.18 -15.21
C PRO C 299 -12.92 -23.51 -15.76
N PHE C 300 -12.57 -24.46 -14.89
CA PHE C 300 -12.01 -25.74 -15.29
C PHE C 300 -13.05 -26.84 -15.29
N TYR C 301 -14.34 -26.50 -15.18
CA TYR C 301 -15.39 -27.51 -15.18
C TYR C 301 -15.52 -28.16 -16.54
N GLY C 302 -15.81 -29.45 -16.56
CA GLY C 302 -15.99 -30.16 -17.80
C GLY C 302 -16.44 -31.59 -17.58
N TYR C 303 -16.26 -32.40 -18.61
CA TYR C 303 -16.60 -33.82 -18.55
C TYR C 303 -15.38 -34.73 -18.63
N ARG C 304 -14.18 -34.17 -18.69
CA ARG C 304 -12.98 -34.96 -18.93
C ARG C 304 -11.91 -34.62 -17.92
N GLU C 305 -11.09 -35.63 -17.59
CA GLU C 305 -9.91 -35.49 -16.73
C GLU C 305 -10.34 -35.00 -15.33
N GLY C 306 -11.35 -35.67 -14.77
CA GLY C 306 -11.81 -35.37 -13.43
C GLY C 306 -12.26 -33.93 -13.20
N SER C 307 -12.70 -33.27 -14.26
CA SER C 307 -13.19 -31.90 -14.17
C SER C 307 -14.65 -31.82 -13.73
N HIS C 308 -15.34 -32.97 -13.62
CA HIS C 308 -16.73 -32.95 -13.20
C HIS C 308 -16.88 -32.61 -11.72
N THR C 309 -15.85 -32.84 -10.92
CA THR C 309 -15.90 -32.52 -9.50
C THR C 309 -15.81 -31.03 -9.21
N GLU C 310 -15.57 -30.19 -10.22
CA GLU C 310 -15.49 -28.75 -9.98
C GLU C 310 -16.87 -28.18 -9.67
N HIS C 311 -16.87 -27.02 -9.03
CA HIS C 311 -18.10 -26.39 -8.59
C HIS C 311 -18.94 -25.90 -9.75
N THR C 312 -20.26 -26.04 -9.64
CA THR C 312 -21.20 -25.49 -10.59
C THR C 312 -22.50 -25.17 -9.87
N SER C 313 -23.21 -24.16 -10.37
CA SER C 313 -24.48 -23.75 -9.80
C SER C 313 -25.62 -23.75 -10.81
N TYR C 314 -25.38 -24.21 -12.03
CA TYR C 314 -26.38 -24.20 -13.08
C TYR C 314 -26.79 -25.62 -13.42
N ALA C 315 -28.03 -25.75 -13.91
CA ALA C 315 -28.56 -27.05 -14.29
C ALA C 315 -27.71 -27.67 -15.40
N ALA C 316 -27.74 -29.00 -15.47
CA ALA C 316 -26.95 -29.71 -16.47
C ALA C 316 -27.39 -29.40 -17.90
N ASP C 317 -28.58 -28.85 -18.09
CA ASP C 317 -29.05 -28.43 -19.40
C ASP C 317 -28.45 -27.11 -19.85
N ARG C 318 -27.86 -26.35 -18.93
CA ARG C 318 -27.30 -25.05 -19.25
C ARG C 318 -25.86 -25.12 -19.73
N PHE C 319 -25.17 -26.24 -19.54
CA PHE C 319 -23.76 -26.38 -19.88
C PHE C 319 -23.60 -27.40 -20.99
N LYS C 320 -22.56 -27.20 -21.81
CA LYS C 320 -22.30 -28.10 -22.93
C LYS C 320 -20.83 -28.00 -23.29
N GLN C 321 -20.13 -29.12 -23.30
CA GLN C 321 -18.72 -29.17 -23.67
C GLN C 321 -18.62 -29.88 -25.02
N VAL C 322 -18.17 -29.15 -26.04
CA VAL C 322 -18.08 -29.65 -27.40
C VAL C 322 -16.61 -29.85 -27.74
N ASP C 323 -16.28 -31.04 -28.22
CA ASP C 323 -14.92 -31.39 -28.60
C ASP C 323 -14.82 -31.43 -30.12
N GLY C 324 -13.61 -31.20 -30.61
CA GLY C 324 -13.40 -31.03 -32.04
C GLY C 324 -14.06 -29.78 -32.58
N PHE C 325 -14.06 -28.70 -31.80
CA PHE C 325 -14.65 -27.44 -32.21
C PHE C 325 -13.61 -26.63 -32.98
N TYR C 326 -13.93 -26.24 -34.20
CA TYR C 326 -13.03 -25.48 -35.05
C TYR C 326 -13.45 -24.02 -35.04
N ALA C 327 -12.70 -23.18 -34.32
CA ALA C 327 -13.06 -21.79 -34.14
C ALA C 327 -12.92 -21.03 -35.45
N ARG C 328 -13.89 -20.15 -35.73
CA ARG C 328 -13.90 -19.33 -36.93
C ARG C 328 -13.65 -17.89 -36.54
N ASP C 329 -12.61 -17.29 -37.11
CA ASP C 329 -12.34 -15.89 -36.88
C ASP C 329 -13.38 -15.05 -37.62
N LEU C 330 -13.97 -14.10 -36.91
CA LEU C 330 -15.12 -13.36 -37.45
C LEU C 330 -14.70 -12.17 -38.30
N THR C 331 -13.42 -11.79 -38.29
CA THR C 331 -12.92 -10.71 -39.14
C THR C 331 -12.22 -11.24 -40.39
N THR C 332 -11.21 -12.10 -40.20
CA THR C 332 -10.48 -12.65 -41.33
C THR C 332 -11.24 -13.77 -42.05
N LYS C 333 -12.28 -14.31 -41.42
CA LYS C 333 -13.08 -15.39 -41.98
C LYS C 333 -12.24 -16.63 -42.28
N ALA C 334 -11.19 -16.84 -41.50
CA ALA C 334 -10.30 -17.98 -41.64
C ALA C 334 -10.45 -18.89 -40.43
N ARG C 335 -10.65 -20.18 -40.68
CA ARG C 335 -10.94 -21.15 -39.63
C ARG C 335 -9.66 -21.84 -39.17
N ALA C 336 -9.53 -21.96 -37.85
CA ALA C 336 -8.40 -22.68 -37.27
C ALA C 336 -8.49 -24.16 -37.61
N THR C 337 -7.32 -24.83 -37.61
CA THR C 337 -7.23 -26.22 -37.99
C THR C 337 -7.14 -27.16 -36.78
N ALA C 338 -6.46 -26.73 -35.72
CA ALA C 338 -6.31 -27.58 -34.55
C ALA C 338 -7.64 -27.66 -33.79
N PRO C 339 -8.16 -28.86 -33.52
CA PRO C 339 -9.38 -28.96 -32.72
C PRO C 339 -9.14 -28.52 -31.29
N THR C 340 -10.20 -27.96 -30.68
CA THR C 340 -10.14 -27.50 -29.31
C THR C 340 -11.39 -27.92 -28.56
N THR C 341 -11.26 -28.07 -27.25
CA THR C 341 -12.41 -28.28 -26.40
C THR C 341 -13.03 -26.93 -26.04
N ARG C 342 -14.35 -26.83 -26.21
CA ARG C 342 -15.05 -25.56 -26.01
C ARG C 342 -16.13 -25.77 -24.96
N ASN C 343 -16.08 -24.99 -23.88
CA ASN C 343 -17.11 -24.98 -22.86
C ASN C 343 -18.10 -23.86 -23.18
N LEU C 344 -19.38 -24.19 -23.18
CA LEU C 344 -20.45 -23.24 -23.48
C LEU C 344 -21.47 -23.28 -22.35
N LEU C 345 -21.74 -22.11 -21.76
CA LEU C 345 -22.73 -21.98 -20.70
C LEU C 345 -23.74 -20.91 -21.07
N THR C 346 -25.02 -21.22 -20.92
CA THR C 346 -26.11 -20.30 -21.29
C THR C 346 -26.72 -19.74 -20.02
N THR C 347 -26.18 -18.61 -19.57
CA THR C 347 -26.77 -17.88 -18.46
C THR C 347 -28.07 -17.23 -18.91
N PRO C 348 -28.95 -16.87 -17.97
CA PRO C 348 -30.22 -16.23 -18.36
C PRO C 348 -30.06 -14.90 -19.06
N LYS C 349 -28.87 -14.29 -19.01
CA LYS C 349 -28.65 -12.99 -19.63
C LYS C 349 -27.79 -13.04 -20.88
N PHE C 350 -26.99 -14.10 -21.06
CA PHE C 350 -26.05 -14.18 -22.17
C PHE C 350 -25.51 -15.60 -22.25
N THR C 351 -24.67 -15.84 -23.25
CA THR C 351 -24.00 -17.12 -23.44
C THR C 351 -22.49 -16.90 -23.43
N VAL C 352 -21.78 -17.69 -22.64
CA VAL C 352 -20.32 -17.63 -22.59
C VAL C 352 -19.75 -18.88 -23.22
N ALA C 353 -18.60 -18.71 -23.89
CA ALA C 353 -17.87 -19.82 -24.45
C ALA C 353 -16.38 -19.57 -24.25
N TRP C 354 -15.66 -20.61 -23.84
CA TRP C 354 -14.22 -20.47 -23.65
C TRP C 354 -13.53 -21.81 -23.80
N ASP C 355 -12.23 -21.75 -24.07
CA ASP C 355 -11.42 -22.95 -24.24
C ASP C 355 -11.13 -23.58 -22.89
N TRP C 356 -11.28 -24.91 -22.82
CA TRP C 356 -11.09 -25.63 -21.57
C TRP C 356 -9.65 -26.08 -21.43
N VAL C 357 -9.08 -25.88 -20.24
CA VAL C 357 -7.72 -26.32 -19.93
C VAL C 357 -7.75 -27.02 -18.57
N PRO C 358 -6.86 -27.98 -18.31
CA PRO C 358 -6.84 -28.63 -17.01
C PRO C 358 -6.43 -27.66 -15.90
N LYS C 359 -6.97 -27.91 -14.69
CA LYS C 359 -6.81 -26.96 -13.60
C LYS C 359 -5.40 -26.94 -13.05
N ARG C 360 -4.82 -28.12 -12.81
CA ARG C 360 -3.58 -28.18 -12.04
C ARG C 360 -2.41 -27.50 -12.75
N PRO C 361 -2.12 -27.75 -14.03
CA PRO C 361 -1.01 -27.07 -14.68
C PRO C 361 -1.31 -25.64 -15.14
N SER C 362 -2.48 -25.10 -14.82
CA SER C 362 -2.88 -23.78 -15.29
C SER C 362 -2.72 -22.68 -14.24
N VAL C 363 -2.86 -23.02 -12.95
CA VAL C 363 -2.84 -22.04 -11.89
C VAL C 363 -1.64 -22.31 -10.98
N CYS C 364 -1.19 -21.25 -10.31
CA CYS C 364 -0.06 -21.34 -9.40
C CYS C 364 -0.39 -20.50 -8.17
N THR C 365 -0.28 -21.09 -6.98
CA THR C 365 -0.54 -20.39 -5.74
C THR C 365 0.70 -19.67 -5.21
N MET C 366 1.85 -19.87 -5.84
CA MET C 366 3.06 -19.13 -5.51
C MET C 366 3.70 -18.65 -6.82
N THR C 367 4.24 -17.44 -6.78
CA THR C 367 4.80 -16.79 -7.96
C THR C 367 6.29 -16.54 -7.74
N LYS C 368 7.08 -16.82 -8.77
CA LYS C 368 8.51 -16.58 -8.70
C LYS C 368 8.79 -15.09 -8.60
N TRP C 369 9.51 -14.69 -7.56
CA TRP C 369 9.80 -13.29 -7.29
C TRP C 369 11.23 -12.90 -7.63
N GLN C 370 12.21 -13.63 -7.11
CA GLN C 370 13.62 -13.26 -7.28
C GLN C 370 14.45 -14.46 -7.71
N GLU C 371 15.45 -14.20 -8.54
CA GLU C 371 16.47 -15.18 -8.90
C GLU C 371 17.80 -14.67 -8.36
N VAL C 372 18.45 -15.47 -7.52
CA VAL C 372 19.68 -15.09 -6.86
C VAL C 372 20.80 -15.99 -7.34
N ASP C 373 21.84 -15.38 -7.92
CA ASP C 373 22.99 -16.12 -8.41
C ASP C 373 23.84 -16.61 -7.25
N GLU C 374 24.06 -15.76 -6.25
CA GLU C 374 24.93 -16.04 -5.12
C GLU C 374 24.16 -15.77 -3.83
N MET C 375 23.48 -16.79 -3.33
CA MET C 375 22.78 -16.72 -2.05
C MET C 375 23.50 -17.62 -1.06
N LEU C 376 24.34 -17.02 -0.22
CA LEU C 376 25.14 -17.80 0.71
C LEU C 376 24.25 -18.38 1.80
N ARG C 377 24.45 -19.67 2.09
CA ARG C 377 23.71 -20.38 3.11
C ARG C 377 24.63 -20.71 4.27
N SER C 378 24.20 -20.37 5.49
CA SER C 378 24.96 -20.66 6.68
C SER C 378 24.05 -21.31 7.72
N GLU C 379 24.63 -22.14 8.57
CA GLU C 379 23.90 -22.82 9.63
C GLU C 379 24.35 -22.23 10.96
N TYR C 380 23.38 -21.75 11.75
CA TYR C 380 23.70 -21.00 12.95
C TYR C 380 22.48 -21.00 13.87
N GLY C 381 22.73 -21.27 15.15
CA GLY C 381 21.66 -21.22 16.15
C GLY C 381 20.46 -22.07 15.82
N GLY C 382 20.70 -23.27 15.29
CA GLY C 382 19.61 -24.14 14.89
C GLY C 382 18.72 -23.55 13.81
N SER C 383 19.32 -22.79 12.89
CA SER C 383 18.57 -22.19 11.80
C SER C 383 19.48 -22.01 10.60
N PHE C 384 18.86 -21.79 9.45
CA PHE C 384 19.57 -21.50 8.21
C PHE C 384 19.42 -20.02 7.88
N ARG C 385 20.54 -19.36 7.60
CA ARG C 385 20.55 -17.97 7.15
C ARG C 385 20.92 -17.95 5.68
N PHE C 386 20.06 -17.36 4.86
CA PHE C 386 20.28 -17.20 3.43
C PHE C 386 20.50 -15.71 3.18
N SER C 387 21.72 -15.35 2.79
CA SER C 387 22.12 -13.95 2.62
C SER C 387 22.52 -13.70 1.19
N SER C 388 21.97 -12.63 0.61
CA SER C 388 22.26 -12.25 -0.77
C SER C 388 22.74 -10.80 -0.78
N ASP C 389 23.94 -10.58 -1.33
CA ASP C 389 24.49 -9.25 -1.48
C ASP C 389 23.97 -8.53 -2.71
N ALA C 390 23.44 -9.27 -3.69
CA ALA C 390 22.90 -8.64 -4.88
C ALA C 390 21.67 -7.81 -4.54
N ILE C 391 20.80 -8.34 -3.68
CA ILE C 391 19.61 -7.63 -3.23
C ILE C 391 19.73 -7.14 -1.80
N SER C 392 20.83 -7.46 -1.11
CA SER C 392 21.06 -7.05 0.28
C SER C 392 19.92 -7.52 1.17
N THR C 393 19.72 -8.84 1.18
CA THR C 393 18.56 -9.41 1.84
C THR C 393 18.95 -10.71 2.54
N THR C 394 18.40 -10.92 3.73
CA THR C 394 18.70 -12.09 4.53
C THR C 394 17.39 -12.72 5.02
N PHE C 395 17.27 -14.02 4.82
CA PHE C 395 16.13 -14.79 5.30
C PHE C 395 16.59 -15.83 6.33
N THR C 396 15.70 -16.14 7.27
CA THR C 396 15.96 -17.13 8.30
C THR C 396 14.94 -18.25 8.18
N THR C 397 15.42 -19.48 8.11
CA THR C 397 14.56 -20.65 7.95
C THR C 397 14.88 -21.69 9.02
N ASN C 398 13.94 -22.58 9.28
CA ASN C 398 14.21 -23.72 10.13
C ASN C 398 15.06 -24.74 9.37
N LEU C 399 15.72 -25.62 10.12
CA LEU C 399 16.66 -26.56 9.52
C LEU C 399 15.96 -27.65 8.72
N THR C 400 14.66 -27.85 8.94
CA THR C 400 13.93 -28.91 8.25
C THR C 400 13.40 -28.42 6.91
N GLU C 401 13.37 -29.33 5.95
CA GLU C 401 12.84 -29.02 4.63
C GLU C 401 11.34 -28.74 4.69
N TYR C 402 10.86 -27.99 3.72
CA TYR C 402 9.43 -27.80 3.53
C TYR C 402 8.97 -28.69 2.38
N PRO C 403 8.15 -29.70 2.64
CA PRO C 403 7.67 -30.55 1.53
C PRO C 403 6.81 -29.76 0.56
N LEU C 404 7.13 -29.92 -0.73
CA LEU C 404 6.40 -29.19 -1.76
C LEU C 404 4.98 -29.76 -1.96
N SER C 405 4.71 -30.96 -1.46
CA SER C 405 3.36 -31.51 -1.56
C SER C 405 2.39 -30.80 -0.63
N ARG C 406 2.89 -30.17 0.44
CA ARG C 406 2.01 -29.47 1.37
C ARG C 406 1.43 -28.20 0.77
N VAL C 407 2.04 -27.66 -0.28
CA VAL C 407 1.55 -26.44 -0.92
C VAL C 407 0.36 -26.80 -1.80
N ASP C 408 -0.76 -26.12 -1.56
CA ASP C 408 -1.93 -26.32 -2.41
C ASP C 408 -1.64 -25.79 -3.81
N LEU C 409 -1.88 -26.63 -4.81
CA LEU C 409 -1.63 -26.29 -6.21
C LEU C 409 -0.17 -25.89 -6.41
N GLY C 410 0.72 -26.85 -6.15
CA GLY C 410 2.14 -26.57 -6.16
C GLY C 410 2.94 -27.37 -7.18
N ASP C 411 2.35 -27.60 -8.36
CA ASP C 411 3.07 -28.21 -9.46
C ASP C 411 3.93 -27.20 -10.23
N CYS C 412 3.83 -25.92 -9.88
CA CYS C 412 4.39 -24.81 -10.62
C CYS C 412 5.80 -24.45 -10.13
N ILE C 413 6.00 -24.50 -8.80
CA ILE C 413 7.24 -24.06 -8.20
C ILE C 413 8.41 -24.91 -8.68
N GLY C 414 8.24 -26.23 -8.69
CA GLY C 414 9.33 -27.11 -9.07
C GLY C 414 9.83 -26.84 -10.49
N LYS C 415 8.89 -26.73 -11.43
CA LYS C 415 9.27 -26.50 -12.82
C LYS C 415 9.94 -25.14 -12.98
N ASP C 416 9.35 -24.09 -12.39
CA ASP C 416 9.92 -22.75 -12.55
C ASP C 416 11.31 -22.66 -11.92
N ALA C 417 11.47 -23.23 -10.72
CA ALA C 417 12.76 -23.20 -10.05
C ALA C 417 13.81 -23.98 -10.83
N ARG C 418 13.45 -25.17 -11.33
CA ARG C 418 14.39 -25.94 -12.12
C ARG C 418 14.83 -25.18 -13.36
N ASP C 419 13.88 -24.57 -14.08
CA ASP C 419 14.24 -23.81 -15.27
C ASP C 419 15.21 -22.67 -14.92
N ALA C 420 14.86 -21.87 -13.90
CA ALA C 420 15.69 -20.71 -13.57
C ALA C 420 17.08 -21.13 -13.10
N MET C 421 17.16 -22.13 -12.22
CA MET C 421 18.46 -22.54 -11.68
C MET C 421 19.32 -23.18 -12.77
N ASP C 422 18.73 -24.00 -13.65
CA ASP C 422 19.50 -24.57 -14.74
C ASP C 422 20.03 -23.47 -15.67
N ARG C 423 19.20 -22.47 -15.97
CA ARG C 423 19.65 -21.39 -16.83
C ARG C 423 20.82 -20.64 -16.19
N ILE C 424 20.70 -20.32 -14.90
CA ILE C 424 21.77 -19.59 -14.22
C ILE C 424 23.06 -20.41 -14.18
N PHE C 425 22.94 -21.70 -13.85
CA PHE C 425 24.12 -22.56 -13.77
C PHE C 425 24.81 -22.68 -15.13
N ALA C 426 24.02 -22.81 -16.19
CA ALA C 426 24.61 -22.87 -17.52
C ALA C 426 25.27 -21.55 -17.90
N ARG C 427 24.68 -20.43 -17.49
CA ARG C 427 25.22 -19.12 -17.88
C ARG C 427 26.54 -18.84 -17.17
N ARG C 428 26.61 -19.07 -15.86
CA ARG C 428 27.69 -18.50 -15.08
C ARG C 428 28.63 -19.52 -14.45
N TYR C 429 28.09 -20.62 -13.92
CA TYR C 429 28.88 -21.56 -13.10
C TYR C 429 29.15 -22.88 -13.81
N ASN C 430 29.07 -22.91 -15.14
CA ASN C 430 29.31 -24.16 -15.86
C ASN C 430 30.77 -24.58 -15.76
N ALA C 431 31.69 -23.63 -15.87
CA ALA C 431 33.12 -23.92 -15.97
C ALA C 431 33.86 -23.83 -14.63
N THR C 432 33.17 -23.49 -13.55
CA THR C 432 33.87 -23.26 -12.30
C THR C 432 33.34 -24.12 -11.15
N HIS C 433 32.04 -24.39 -11.11
CA HIS C 433 31.43 -25.14 -10.02
C HIS C 433 30.65 -26.32 -10.57
N ILE C 434 30.22 -27.18 -9.66
CA ILE C 434 29.37 -28.33 -9.97
C ILE C 434 28.22 -28.35 -8.99
N LYS C 435 27.10 -28.93 -9.43
CA LYS C 435 25.93 -29.03 -8.58
C LYS C 435 26.10 -30.16 -7.57
N VAL C 436 25.44 -30.00 -6.42
CA VAL C 436 25.51 -30.96 -5.32
C VAL C 436 24.08 -31.32 -4.96
N GLY C 437 23.58 -32.43 -5.50
CA GLY C 437 22.26 -32.90 -5.17
C GLY C 437 21.16 -32.13 -5.87
N GLN C 438 19.94 -32.61 -5.66
CA GLN C 438 18.75 -31.97 -6.22
C GLN C 438 18.37 -30.75 -5.38
N PRO C 439 17.62 -29.81 -5.97
CA PRO C 439 17.23 -28.61 -5.24
C PRO C 439 16.41 -28.93 -3.99
N GLN C 440 16.62 -28.13 -2.95
CA GLN C 440 15.92 -28.26 -1.68
C GLN C 440 15.05 -27.03 -1.46
N TYR C 441 13.95 -27.20 -0.73
CA TYR C 441 12.96 -26.15 -0.56
C TYR C 441 12.79 -25.83 0.92
N TYR C 442 12.88 -24.55 1.26
CA TYR C 442 12.76 -24.09 2.64
C TYR C 442 11.73 -22.97 2.72
N LEU C 443 11.19 -22.80 3.93
CA LEU C 443 10.23 -21.74 4.21
C LEU C 443 10.87 -20.72 5.14
N ALA C 444 10.84 -19.46 4.73
CA ALA C 444 11.53 -18.38 5.43
C ALA C 444 10.52 -17.41 6.04
N ASN C 445 10.92 -16.79 7.15
CA ASN C 445 10.08 -15.87 7.89
C ASN C 445 9.57 -14.75 6.98
N GLY C 446 8.30 -14.43 7.14
CA GLY C 446 7.59 -13.60 6.20
C GLY C 446 6.72 -14.41 5.26
N GLY C 447 6.97 -15.71 5.16
CA GLY C 447 6.22 -16.58 4.28
C GLY C 447 6.83 -16.66 2.90
N PHE C 448 8.16 -16.80 2.83
CA PHE C 448 8.86 -16.87 1.56
C PHE C 448 9.26 -18.31 1.28
N LEU C 449 9.25 -18.70 0.00
CA LEU C 449 9.63 -20.05 -0.37
C LEU C 449 10.95 -20.00 -1.13
N ILE C 450 12.00 -20.58 -0.55
CA ILE C 450 13.34 -20.52 -1.12
C ILE C 450 13.66 -21.89 -1.70
N ALA C 451 13.91 -21.92 -3.01
CA ALA C 451 14.46 -23.10 -3.68
C ALA C 451 15.96 -22.90 -3.82
N TYR C 452 16.74 -23.81 -3.25
CA TYR C 452 18.18 -23.66 -3.13
C TYR C 452 18.87 -24.87 -3.75
N GLN C 453 19.83 -24.60 -4.61
CA GLN C 453 20.70 -25.63 -5.17
C GLN C 453 22.11 -25.38 -4.67
N PRO C 454 22.61 -26.19 -3.73
CA PRO C 454 23.99 -26.04 -3.27
C PRO C 454 24.98 -26.33 -4.38
N LEU C 455 26.13 -25.67 -4.32
CA LEU C 455 27.15 -25.77 -5.34
C LEU C 455 28.50 -25.99 -4.70
N LEU C 456 29.42 -26.61 -5.44
CA LEU C 456 30.76 -26.86 -4.93
C LEU C 456 31.78 -26.57 -6.02
N SER C 457 32.86 -25.90 -5.65
CA SER C 457 33.91 -25.59 -6.60
C SER C 457 34.62 -26.87 -7.06
N ASN C 458 35.29 -26.78 -8.21
CA ASN C 458 36.03 -27.92 -8.74
C ASN C 458 37.15 -28.36 -7.82
N THR C 459 37.64 -27.45 -6.96
CA THR C 459 38.70 -27.78 -6.01
C THR C 459 38.23 -28.83 -5.00
N VAL C 492 -2.16 -29.93 3.65
CA VAL C 492 -2.35 -28.98 2.54
C VAL C 492 -2.69 -27.60 3.09
N GLU C 493 -1.86 -26.62 2.73
CA GLU C 493 -2.01 -25.27 3.27
C GLU C 493 -1.46 -24.27 2.26
N ARG C 494 -1.88 -23.02 2.42
CA ARG C 494 -1.46 -21.92 1.55
C ARG C 494 -0.61 -20.95 2.36
N ILE C 495 0.51 -20.52 1.76
CA ILE C 495 1.49 -19.70 2.46
C ILE C 495 1.16 -18.23 2.26
N LYS C 496 1.17 -17.47 3.37
CA LYS C 496 0.90 -16.04 3.34
C LYS C 496 2.20 -15.25 3.41
N THR C 497 2.39 -14.34 2.45
CA THR C 497 3.60 -13.54 2.34
C THR C 497 3.30 -12.10 2.73
N THR C 498 4.13 -11.55 3.61
CA THR C 498 3.96 -10.16 4.04
C THR C 498 4.34 -9.21 2.92
N SER C 499 3.78 -8.00 2.97
CA SER C 499 4.00 -6.98 1.96
C SER C 499 5.29 -6.20 2.18
N SER C 500 6.01 -6.43 3.27
CA SER C 500 7.19 -5.67 3.63
C SER C 500 8.43 -6.56 3.58
N ILE C 501 9.52 -6.01 3.04
CA ILE C 501 10.80 -6.71 2.98
C ILE C 501 11.86 -6.04 3.84
N GLU C 502 11.45 -5.08 4.68
CA GLU C 502 12.41 -4.29 5.44
C GLU C 502 13.07 -5.10 6.55
N PHE C 503 12.40 -6.12 7.09
CA PHE C 503 12.96 -6.94 8.15
C PHE C 503 14.16 -7.75 7.66
N ALA C 504 14.29 -7.96 6.34
CA ALA C 504 15.38 -8.72 5.78
C ALA C 504 16.56 -7.82 5.43
N ARG C 505 16.29 -6.66 4.83
CA ARG C 505 17.36 -5.71 4.54
C ARG C 505 17.99 -5.18 5.82
N LEU C 506 17.17 -4.89 6.84
CA LEU C 506 17.71 -4.52 8.14
C LEU C 506 18.58 -5.62 8.73
N GLN C 507 18.12 -6.87 8.62
CA GLN C 507 18.91 -8.00 9.09
C GLN C 507 20.26 -8.07 8.38
N PHE C 508 20.25 -7.86 7.05
CA PHE C 508 21.51 -7.89 6.30
C PHE C 508 22.45 -6.80 6.76
N THR C 509 21.95 -5.57 6.90
CA THR C 509 22.78 -4.46 7.33
C THR C 509 23.37 -4.73 8.71
N TYR C 510 22.54 -5.18 9.65
CA TYR C 510 23.01 -5.43 11.00
C TYR C 510 24.04 -6.55 11.01
N ASN C 511 23.80 -7.64 10.29
CA ASN C 511 24.75 -8.73 10.27
C ASN C 511 26.09 -8.29 9.69
N HIS C 512 26.06 -7.53 8.61
CA HIS C 512 27.29 -7.08 7.97
C HIS C 512 28.12 -6.19 8.90
N ILE C 513 27.46 -5.17 9.47
CA ILE C 513 28.17 -4.24 10.34
C ILE C 513 28.66 -4.96 11.60
N GLN C 514 27.82 -5.81 12.18
CA GLN C 514 28.19 -6.54 13.39
C GLN C 514 29.38 -7.45 13.14
N ARG C 515 29.37 -8.17 12.01
CA ARG C 515 30.51 -9.01 11.65
C ARG C 515 31.79 -8.19 11.59
N HIS C 516 31.77 -7.09 10.83
CA HIS C 516 32.99 -6.30 10.68
C HIS C 516 33.47 -5.74 12.01
N VAL C 517 32.56 -5.16 12.80
CA VAL C 517 32.98 -4.50 14.03
C VAL C 517 33.51 -5.52 15.04
N ASN C 518 32.84 -6.67 15.16
CA ASN C 518 33.31 -7.69 16.09
C ASN C 518 34.67 -8.24 15.67
N ASP C 519 34.85 -8.51 14.37
CA ASP C 519 36.13 -8.98 13.89
C ASP C 519 37.25 -8.00 14.22
N MET C 520 37.06 -6.73 13.87
CA MET C 520 38.11 -5.74 14.07
C MET C 520 38.40 -5.54 15.56
N LEU C 521 37.35 -5.46 16.38
CA LEU C 521 37.55 -5.25 17.80
C LEU C 521 38.24 -6.44 18.46
N GLY C 522 37.91 -7.66 18.02
CA GLY C 522 38.66 -8.82 18.46
C GLY C 522 40.13 -8.74 18.08
N ARG C 523 40.42 -8.27 16.86
CA ARG C 523 41.80 -8.08 16.46
C ARG C 523 42.51 -7.08 17.37
N VAL C 524 41.85 -5.97 17.69
CA VAL C 524 42.46 -4.98 18.57
C VAL C 524 42.70 -5.56 19.95
N ALA C 525 41.74 -6.33 20.48
CA ALA C 525 41.94 -6.95 21.78
C ALA C 525 43.14 -7.90 21.78
N ILE C 526 43.26 -8.73 20.73
CA ILE C 526 44.40 -9.64 20.63
C ILE C 526 45.71 -8.88 20.56
N ALA C 527 45.75 -7.80 19.76
CA ALA C 527 46.97 -7.01 19.64
C ALA C 527 47.32 -6.35 20.97
N TRP C 528 46.31 -5.87 21.70
CA TRP C 528 46.54 -5.31 23.02
C TRP C 528 47.17 -6.34 23.95
N CYS C 529 46.62 -7.56 23.93
CA CYS C 529 47.17 -8.63 24.74
C CYS C 529 48.63 -8.90 24.38
N GLU C 530 48.94 -8.97 23.08
CA GLU C 530 50.30 -9.19 22.65
C GLU C 530 51.23 -8.09 23.14
N LEU C 531 50.82 -6.84 22.99
CA LEU C 531 51.68 -5.73 23.42
C LEU C 531 51.90 -5.75 24.93
N GLN C 532 50.84 -6.03 25.69
CA GLN C 532 50.99 -6.06 27.15
C GLN C 532 51.92 -7.19 27.60
N ASN C 533 51.84 -8.34 26.93
CA ASN C 533 52.78 -9.41 27.25
C ASN C 533 54.19 -9.07 26.77
N HIS C 534 54.31 -8.31 25.69
CA HIS C 534 55.62 -8.03 25.09
C HIS C 534 56.38 -6.95 25.87
N GLU C 535 55.67 -6.04 26.53
CA GLU C 535 56.32 -4.97 27.29
C GLU C 535 56.78 -5.44 28.66
N LEU C 536 56.34 -6.62 29.12
CA LEU C 536 56.71 -7.11 30.44
C LEU C 536 58.22 -7.35 30.53
N THR C 537 58.85 -7.78 29.45
CA THR C 537 60.29 -8.00 29.48
C THR C 537 61.07 -6.69 29.62
N LEU C 538 60.57 -5.61 29.03
CA LEU C 538 61.18 -4.30 29.24
C LEU C 538 60.98 -3.85 30.69
N TRP C 539 59.78 -4.09 31.24
CA TRP C 539 59.54 -3.74 32.63
C TRP C 539 60.45 -4.52 33.57
N ASN C 540 60.71 -5.79 33.27
CA ASN C 540 61.53 -6.62 34.14
C ASN C 540 62.91 -6.04 34.37
N GLU C 541 63.46 -5.36 33.35
CA GLU C 541 64.78 -4.77 33.45
C GLU C 541 64.74 -3.33 33.92
N ALA C 542 63.75 -2.55 33.47
CA ALA C 542 63.59 -1.20 33.97
C ALA C 542 63.39 -1.20 35.49
N ARG C 543 62.77 -2.26 36.02
CA ARG C 543 62.68 -2.43 37.46
C ARG C 543 64.08 -2.54 38.07
N LYS C 544 65.01 -3.17 37.36
CA LYS C 544 66.38 -3.29 37.85
C LYS C 544 67.14 -1.97 37.76
N LEU C 545 66.83 -1.14 36.77
CA LEU C 545 67.55 0.13 36.64
C LEU C 545 67.29 1.05 37.83
N ASN C 546 66.02 1.26 38.20
CA ASN C 546 65.68 2.11 39.32
C ASN C 546 64.37 1.63 39.92
N PRO C 547 64.44 0.74 40.92
CA PRO C 547 63.21 0.13 41.45
C PRO C 547 62.22 1.12 42.06
N ASN C 548 62.68 2.28 42.54
CA ASN C 548 61.79 3.20 43.23
C ASN C 548 60.68 3.69 42.33
N ALA C 549 61.04 4.24 41.16
CA ALA C 549 60.05 4.77 40.23
C ALA C 549 59.13 3.65 39.72
N ILE C 550 59.71 2.48 39.42
CA ILE C 550 58.93 1.36 38.89
C ILE C 550 57.88 0.92 39.91
N ALA C 551 58.30 0.74 41.16
CA ALA C 551 57.35 0.35 42.20
C ALA C 551 56.30 1.43 42.41
N SER C 552 56.71 2.70 42.44
CA SER C 552 55.77 3.79 42.68
C SER C 552 54.69 3.85 41.60
N ALA C 553 55.10 3.66 40.34
CA ALA C 553 54.12 3.71 39.26
C ALA C 553 53.31 2.42 39.18
N THR C 554 53.85 1.31 39.67
CA THR C 554 53.17 0.03 39.51
C THR C 554 52.15 -0.25 40.61
N VAL C 555 52.53 -0.08 41.88
CA VAL C 555 51.63 -0.45 42.97
C VAL C 555 50.45 0.52 43.04
N GLY C 556 50.71 1.81 42.87
CA GLY C 556 49.63 2.80 42.90
C GLY C 556 49.94 4.01 43.76
N ARG C 557 51.00 3.94 44.56
CA ARG C 557 51.37 5.05 45.43
C ARG C 557 52.89 5.15 45.47
N ARG C 558 53.38 6.34 45.86
CA ARG C 558 54.81 6.57 46.02
C ARG C 558 55.42 5.60 47.02
N VAL C 559 56.31 4.73 46.54
CA VAL C 559 56.89 3.66 47.36
C VAL C 559 58.37 3.53 47.03
N SER C 560 59.21 3.50 48.08
CA SER C 560 60.60 3.11 47.92
C SER C 560 60.70 1.58 47.85
N ALA C 561 61.56 1.10 46.98
CA ALA C 561 61.74 -0.34 46.79
C ALA C 561 63.22 -0.66 46.65
N ARG C 562 63.55 -1.91 46.95
CA ARG C 562 64.94 -2.37 46.82
C ARG C 562 64.94 -3.86 46.48
N MET C 563 65.82 -4.24 45.55
CA MET C 563 65.78 -5.58 44.99
C MET C 563 66.40 -6.60 45.95
N LEU C 564 65.67 -7.70 46.17
CA LEU C 564 66.13 -8.83 46.98
C LEU C 564 66.26 -10.08 46.13
N GLY C 565 66.68 -9.94 44.87
CA GLY C 565 66.72 -11.07 43.97
C GLY C 565 65.71 -10.91 42.84
N ASP C 566 64.72 -11.81 42.78
CA ASP C 566 63.66 -11.71 41.79
C ASP C 566 62.42 -11.02 42.35
N VAL C 567 62.51 -10.45 43.56
CA VAL C 567 61.39 -9.78 44.20
C VAL C 567 61.78 -8.36 44.55
N MET C 568 60.86 -7.62 45.19
CA MET C 568 61.07 -6.22 45.51
C MET C 568 60.63 -5.96 46.94
N ALA C 569 61.57 -5.58 47.81
CA ALA C 569 61.22 -5.10 49.13
C ALA C 569 60.60 -3.72 49.02
N VAL C 570 59.51 -3.52 49.77
CA VAL C 570 58.57 -2.42 49.57
C VAL C 570 58.47 -1.61 50.86
N SER C 571 58.39 -0.28 50.72
CA SER C 571 58.14 0.58 51.87
C SER C 571 57.51 1.88 51.41
N THR C 572 56.33 2.20 51.97
CA THR C 572 55.64 3.42 51.57
C THR C 572 56.33 4.65 52.14
N CYS C 573 56.38 5.70 51.34
CA CYS C 573 57.06 6.93 51.70
C CYS C 573 56.11 7.88 52.42
N VAL C 574 56.68 8.72 53.28
CA VAL C 574 55.92 9.67 54.07
C VAL C 574 55.88 11.01 53.33
N PRO C 575 54.71 11.55 53.02
CA PRO C 575 54.65 12.89 52.42
C PRO C 575 55.18 13.97 53.35
N VAL C 576 55.78 15.00 52.76
CA VAL C 576 56.30 16.16 53.49
C VAL C 576 55.92 17.40 52.71
N ALA C 577 55.43 18.42 53.43
CA ALA C 577 54.97 19.65 52.79
C ALA C 577 56.13 20.40 52.14
N ALA C 578 55.81 21.16 51.09
CA ALA C 578 56.82 21.89 50.35
C ALA C 578 57.44 23.00 51.18
N ASP C 579 56.62 23.69 51.98
CA ASP C 579 57.09 24.85 52.74
C ASP C 579 58.04 24.48 53.88
N ASN C 580 58.17 23.18 54.19
CA ASN C 580 59.03 22.73 55.28
C ASN C 580 60.44 22.36 54.80
N VAL C 581 60.87 22.88 53.66
CA VAL C 581 62.15 22.50 53.07
C VAL C 581 62.94 23.77 52.74
N ILE C 582 64.23 23.77 53.11
CA ILE C 582 65.12 24.88 52.84
C ILE C 582 66.31 24.34 52.04
N VAL C 583 66.67 25.06 50.97
CA VAL C 583 67.74 24.65 50.07
C VAL C 583 69.00 25.45 50.41
N GLN C 584 70.09 24.74 50.66
CA GLN C 584 71.37 25.41 50.84
C GLN C 584 71.93 25.86 49.48
N ASN C 585 72.78 26.87 49.52
CA ASN C 585 73.22 27.52 48.29
C ASN C 585 74.20 26.64 47.50
N SER C 586 75.18 26.06 48.19
CA SER C 586 76.30 25.40 47.53
C SER C 586 76.31 23.90 47.79
N MET C 587 76.74 23.14 46.79
CA MET C 587 76.99 21.72 46.94
C MET C 587 78.44 21.41 47.28
N ARG C 588 79.30 22.43 47.39
CA ARG C 588 80.70 22.19 47.67
C ARG C 588 80.88 21.67 49.09
N ILE C 589 81.85 20.76 49.25
CA ILE C 589 82.19 20.22 50.55
C ILE C 589 83.17 21.18 51.22
N SER C 590 82.77 21.72 52.37
CA SER C 590 83.60 22.70 53.07
C SER C 590 84.86 22.09 53.68
N SER C 591 84.91 20.76 53.80
CA SER C 591 86.04 20.09 54.43
C SER C 591 86.99 19.41 53.43
N ARG C 592 86.50 19.09 52.23
CA ARG C 592 87.30 18.39 51.23
C ARG C 592 87.21 19.12 49.89
N PRO C 593 88.16 20.03 49.61
CA PRO C 593 88.23 20.59 48.26
C PRO C 593 88.49 19.51 47.22
N GLY C 594 87.88 19.69 46.05
CA GLY C 594 88.01 18.72 44.97
C GLY C 594 86.91 17.67 44.93
N ALA C 595 86.08 17.60 45.96
CA ALA C 595 84.93 16.71 45.98
C ALA C 595 83.66 17.54 46.11
N CYS C 596 82.66 17.24 45.28
CA CYS C 596 81.44 18.03 45.21
C CYS C 596 80.24 17.10 45.22
N TYR C 597 79.15 17.57 45.84
CA TYR C 597 77.91 16.81 45.87
C TYR C 597 77.17 16.96 44.54
N SER C 598 76.75 15.83 43.96
CA SER C 598 76.01 15.82 42.72
C SER C 598 74.52 16.10 42.91
N ARG C 599 74.04 16.12 44.15
CA ARG C 599 72.64 16.38 44.45
C ARG C 599 72.57 17.50 45.47
N PRO C 600 71.71 18.50 45.29
CA PRO C 600 71.67 19.64 46.22
C PRO C 600 71.29 19.21 47.63
N LEU C 601 71.94 19.85 48.60
CA LEU C 601 71.70 19.58 50.01
C LEU C 601 70.55 20.43 50.52
N VAL C 602 69.66 19.81 51.29
CA VAL C 602 68.47 20.49 51.80
C VAL C 602 68.26 20.12 53.26
N SER C 603 67.41 20.90 53.92
CA SER C 603 67.03 20.66 55.30
C SER C 603 65.50 20.69 55.40
N PHE C 604 64.93 19.65 56.01
CA PHE C 604 63.49 19.49 56.05
C PHE C 604 63.04 19.16 57.47
N ARG C 605 61.77 19.47 57.73
CA ARG C 605 61.11 19.16 58.98
C ARG C 605 59.79 18.45 58.67
N TYR C 606 59.47 17.43 59.48
CA TYR C 606 58.28 16.64 59.20
C TYR C 606 57.01 17.47 59.34
N GLU C 607 56.94 18.29 60.40
CA GLU C 607 55.79 19.16 60.64
C GLU C 607 56.28 20.57 60.89
N ASP C 608 55.33 21.48 61.14
CA ASP C 608 55.65 22.87 61.39
C ASP C 608 56.44 23.04 62.68
N GLN C 609 56.26 22.12 63.64
CA GLN C 609 56.94 22.21 64.93
C GLN C 609 58.07 21.20 65.06
N GLY C 610 58.39 20.46 63.99
CA GLY C 610 59.40 19.43 64.05
C GLY C 610 60.81 19.99 64.03
N PRO C 611 61.78 19.18 64.47
CA PRO C 611 63.18 19.58 64.42
C PRO C 611 63.69 19.63 62.99
N LEU C 612 64.86 20.25 62.83
CA LEU C 612 65.49 20.39 61.53
C LEU C 612 66.33 19.14 61.23
N VAL C 613 66.09 18.52 60.07
CA VAL C 613 66.79 17.31 59.67
C VAL C 613 67.48 17.55 58.34
N GLU C 614 68.77 17.21 58.28
CA GLU C 614 69.55 17.40 57.06
C GLU C 614 69.25 16.27 56.07
N GLY C 615 69.52 16.52 54.80
CA GLY C 615 69.40 15.47 53.81
C GLY C 615 69.75 15.99 52.42
N GLN C 616 69.51 15.11 51.44
CA GLN C 616 69.81 15.41 50.04
C GLN C 616 68.53 15.35 49.22
N LEU C 617 68.55 16.06 48.10
CA LEU C 617 67.45 15.98 47.16
C LEU C 617 67.44 14.61 46.47
N GLY C 618 66.27 14.22 46.00
CA GLY C 618 66.12 12.95 45.30
C GLY C 618 65.57 13.17 43.90
N GLU C 619 65.00 12.10 43.32
CA GLU C 619 64.45 12.15 41.98
C GLU C 619 62.93 12.23 42.06
N ASN C 620 62.34 13.20 41.35
CA ASN C 620 60.91 13.45 41.36
C ASN C 620 60.42 13.75 42.78
N ASN C 621 61.01 14.78 43.38
CA ASN C 621 60.61 15.30 44.69
C ASN C 621 60.69 14.21 45.76
N GLU C 622 61.93 13.75 46.00
CA GLU C 622 62.20 12.73 47.00
C GLU C 622 63.27 13.25 47.95
N LEU C 623 63.18 12.81 49.21
CA LEU C 623 64.13 13.20 50.24
C LEU C 623 64.90 11.96 50.69
N ARG C 624 66.22 12.07 50.74
CA ARG C 624 67.09 10.97 51.12
C ARG C 624 67.87 11.36 52.37
N LEU C 625 68.00 10.40 53.30
CA LEU C 625 68.67 10.64 54.57
C LEU C 625 70.18 10.41 54.50
N THR C 626 70.69 9.93 53.38
CA THR C 626 72.11 9.60 53.24
C THR C 626 72.80 10.65 52.37
N ARG C 627 73.91 11.19 52.87
CA ARG C 627 74.71 12.16 52.13
C ARG C 627 75.91 11.43 51.53
N ASP C 628 75.66 10.75 50.40
CA ASP C 628 76.68 9.90 49.79
C ASP C 628 76.98 10.24 48.34
N ALA C 629 76.20 11.12 47.70
CA ALA C 629 76.41 11.46 46.30
C ALA C 629 77.56 12.45 46.19
N ILE C 630 78.77 11.93 45.99
CA ILE C 630 79.98 12.73 45.89
C ILE C 630 80.73 12.34 44.63
N GLU C 631 81.21 13.35 43.90
CA GLU C 631 81.98 13.13 42.68
C GLU C 631 83.08 14.18 42.61
N PRO C 632 84.16 13.91 41.87
CA PRO C 632 85.16 14.95 41.64
C PRO C 632 84.55 16.14 40.91
N CYS C 633 84.96 17.34 41.32
CA CYS C 633 84.39 18.57 40.78
C CYS C 633 84.97 18.83 39.39
N THR C 634 84.10 19.30 38.49
CA THR C 634 84.46 19.48 37.08
C THR C 634 84.06 20.90 36.64
N VAL C 635 84.87 21.46 35.74
CA VAL C 635 84.61 22.80 35.23
C VAL C 635 83.36 22.79 34.34
N GLY C 636 82.68 23.92 34.30
CA GLY C 636 81.45 24.05 33.53
C GLY C 636 80.29 23.29 34.13
N HIS C 637 80.10 23.40 35.45
CA HIS C 637 79.06 22.67 36.16
C HIS C 637 77.75 23.45 36.11
N ARG C 638 76.82 22.97 35.29
CA ARG C 638 75.48 23.54 35.18
C ARG C 638 74.48 22.43 35.44
N ARG C 639 73.49 22.69 36.30
CA ARG C 639 72.53 21.65 36.66
C ARG C 639 71.15 22.23 36.87
N TYR C 640 70.14 21.43 36.49
CA TYR C 640 68.74 21.68 36.84
C TYR C 640 68.26 20.51 37.70
N PHE C 641 67.47 20.81 38.72
CA PHE C 641 66.83 19.76 39.50
C PHE C 641 65.35 20.09 39.68
N THR C 642 64.53 19.04 39.78
CA THR C 642 63.12 19.24 40.08
C THR C 642 62.94 19.65 41.53
N PHE C 643 62.01 20.58 41.76
CA PHE C 643 61.73 21.08 43.10
C PHE C 643 60.27 21.52 43.13
N GLY C 644 59.45 20.80 43.87
CA GLY C 644 58.03 21.08 43.93
C GLY C 644 57.41 21.00 42.53
N GLY C 645 56.74 22.07 42.14
CA GLY C 645 56.16 22.16 40.81
C GLY C 645 57.07 22.76 39.76
N GLY C 646 58.30 23.13 40.12
CA GLY C 646 59.19 23.80 39.20
C GLY C 646 60.60 23.24 39.21
N TYR C 647 61.56 24.05 38.79
CA TYR C 647 62.95 23.65 38.78
C TYR C 647 63.77 24.58 39.65
N VAL C 648 64.93 24.08 40.07
CA VAL C 648 65.96 24.87 40.72
C VAL C 648 67.22 24.73 39.89
N TYR C 649 67.84 25.87 39.56
CA TYR C 649 68.99 25.94 38.68
C TYR C 649 70.23 26.31 39.48
N PHE C 650 71.27 25.48 39.35
CA PHE C 650 72.56 25.69 39.98
C PHE C 650 73.65 25.82 38.93
N GLU C 651 74.61 26.71 39.16
CA GLU C 651 75.76 26.85 38.29
C GLU C 651 77.02 26.92 39.15
N GLU C 652 78.05 26.19 38.71
CA GLU C 652 79.34 26.13 39.41
C GLU C 652 79.16 25.75 40.88
N TYR C 653 78.34 24.73 41.11
CA TYR C 653 78.07 24.19 42.44
C TYR C 653 77.55 25.27 43.39
N ALA C 654 76.79 26.23 42.87
CA ALA C 654 76.23 27.30 43.66
C ALA C 654 74.79 27.55 43.23
N TYR C 655 73.94 27.90 44.20
CA TYR C 655 72.57 28.24 43.90
C TYR C 655 72.51 29.41 42.94
N SER C 656 71.77 29.23 41.84
CA SER C 656 71.57 30.32 40.88
C SER C 656 70.17 30.90 40.97
N HIS C 657 69.12 30.09 40.78
CA HIS C 657 67.76 30.62 40.93
C HIS C 657 66.75 29.48 40.86
N GLN C 658 65.46 29.86 40.83
CA GLN C 658 64.35 28.96 40.60
C GLN C 658 63.68 29.28 39.26
N LEU C 659 62.93 28.31 38.75
CA LEU C 659 62.26 28.43 37.45
C LEU C 659 60.90 27.75 37.51
N SER C 660 59.93 28.33 36.80
CA SER C 660 58.64 27.69 36.64
C SER C 660 58.74 26.52 35.65
N ARG C 661 57.80 25.58 35.77
CA ARG C 661 57.78 24.44 34.87
C ARG C 661 57.56 24.88 33.42
N ALA C 662 56.75 25.92 33.20
CA ALA C 662 56.47 26.40 31.86
C ALA C 662 57.70 27.04 31.20
N ASP C 663 58.72 27.40 31.99
CA ASP C 663 59.86 28.15 31.46
C ASP C 663 60.72 27.33 30.51
N ILE C 664 60.64 25.99 30.58
CA ILE C 664 61.51 25.10 29.82
C ILE C 664 60.66 24.40 28.76
N THR C 665 61.20 24.36 27.54
CA THR C 665 60.51 23.70 26.44
C THR C 665 60.37 22.21 26.72
N THR C 666 59.23 21.65 26.31
CA THR C 666 58.96 20.23 26.49
C THR C 666 58.74 19.57 25.13
N VAL C 667 59.27 18.36 24.97
CA VAL C 667 58.99 17.53 23.80
C VAL C 667 58.03 16.43 24.21
N SER C 668 57.13 16.08 23.29
CA SER C 668 56.09 15.09 23.58
C SER C 668 56.70 13.69 23.58
N THR C 669 56.48 12.98 24.69
CA THR C 669 56.84 11.58 24.80
C THR C 669 55.65 10.68 24.49
N PHE C 670 54.51 11.29 24.11
CA PHE C 670 53.25 10.60 24.02
C PHE C 670 52.82 10.49 22.57
N ILE C 671 52.09 9.42 22.26
CA ILE C 671 51.50 9.21 20.95
C ILE C 671 50.03 9.63 21.01
N ASP C 672 49.59 10.38 19.99
CA ASP C 672 48.24 10.92 19.98
C ASP C 672 47.29 10.01 19.23
N LEU C 673 46.10 9.82 19.79
CA LEU C 673 45.04 9.03 19.17
C LEU C 673 43.74 9.84 19.27
N ASN C 674 43.35 10.48 18.19
CA ASN C 674 42.21 11.39 18.20
C ASN C 674 40.97 10.67 17.70
N ILE C 675 40.39 9.87 18.60
CA ILE C 675 39.14 9.18 18.32
C ILE C 675 37.99 10.05 18.81
N THR C 676 37.09 10.43 17.89
CA THR C 676 35.90 11.16 18.25
C THR C 676 34.69 10.24 18.21
N MET C 677 33.56 10.76 18.68
CA MET C 677 32.35 9.96 18.85
C MET C 677 31.44 10.08 17.63
N LEU C 678 30.47 9.17 17.57
CA LEU C 678 29.46 9.21 16.52
C LEU C 678 28.24 9.97 17.01
N GLU C 679 27.73 10.86 16.18
CA GLU C 679 26.68 11.78 16.62
C GLU C 679 25.32 11.08 16.67
N ASP C 680 24.42 11.64 17.48
CA ASP C 680 23.05 11.21 17.50
C ASP C 680 22.33 11.71 16.25
N HIS C 681 21.36 10.93 15.79
CA HIS C 681 20.60 11.25 14.60
C HIS C 681 19.12 10.99 14.83
N GLU C 682 18.28 11.66 14.05
CA GLU C 682 16.84 11.51 14.11
C GLU C 682 16.32 11.06 12.74
N PHE C 683 15.56 9.97 12.74
CA PHE C 683 14.87 9.52 11.54
C PHE C 683 13.42 9.99 11.61
N VAL C 684 13.10 10.97 10.76
CA VAL C 684 11.76 11.52 10.69
C VAL C 684 10.89 10.61 9.83
N PRO C 685 9.57 10.64 10.00
CA PRO C 685 8.68 9.88 9.11
C PRO C 685 8.77 10.37 7.67
N LEU C 686 9.11 9.44 6.78
CA LEU C 686 9.28 9.73 5.36
C LEU C 686 8.37 8.80 4.57
N GLU C 687 7.60 9.36 3.64
CA GLU C 687 6.66 8.58 2.85
C GLU C 687 6.74 9.04 1.40
N VAL C 688 6.87 8.10 0.48
CA VAL C 688 6.83 8.46 -0.94
C VAL C 688 5.41 8.88 -1.31
N TYR C 689 4.42 8.08 -0.93
CA TYR C 689 3.01 8.42 -1.09
C TYR C 689 2.27 8.02 0.18
N THR C 690 1.45 8.94 0.69
CA THR C 690 0.54 8.58 1.75
C THR C 690 -0.56 7.67 1.18
N ARG C 691 -1.17 6.89 2.09
CA ARG C 691 -2.24 5.99 1.66
C ARG C 691 -3.44 6.78 1.13
N HIS C 692 -3.64 8.01 1.60
CA HIS C 692 -4.68 8.86 1.04
C HIS C 692 -4.38 9.19 -0.42
N GLU C 693 -3.12 9.46 -0.74
CA GLU C 693 -2.75 9.73 -2.12
C GLU C 693 -2.97 8.52 -3.00
N ILE C 694 -2.63 7.33 -2.49
CA ILE C 694 -2.82 6.10 -3.26
C ILE C 694 -4.31 5.84 -3.51
N LYS C 695 -5.14 6.07 -2.49
CA LYS C 695 -6.59 5.91 -2.67
C LYS C 695 -7.12 6.93 -3.67
N ASP C 696 -6.63 8.17 -3.60
CA ASP C 696 -7.10 9.22 -4.50
C ASP C 696 -6.58 9.03 -5.93
N SER C 697 -5.57 8.18 -6.12
CA SER C 697 -5.04 7.94 -7.46
C SER C 697 -6.09 7.35 -8.39
N GLY C 698 -7.05 6.61 -7.84
CA GLY C 698 -8.08 6.01 -8.66
C GLY C 698 -8.96 7.06 -9.32
N LEU C 699 -9.42 6.74 -10.53
CA LEU C 699 -10.27 7.67 -11.27
C LEU C 699 -11.66 7.74 -10.66
N LEU C 700 -12.23 6.60 -10.30
CA LEU C 700 -13.58 6.55 -9.76
C LEU C 700 -13.60 5.68 -8.50
N ASP C 701 -14.46 6.06 -7.56
CA ASP C 701 -14.66 5.30 -6.33
C ASP C 701 -16.12 4.90 -6.24
N TYR C 702 -16.36 3.60 -6.03
CA TYR C 702 -17.73 3.10 -5.99
C TYR C 702 -18.50 3.69 -4.82
N THR C 703 -17.87 3.81 -3.66
CA THR C 703 -18.54 4.28 -2.46
C THR C 703 -19.06 5.70 -2.64
N GLU C 704 -18.16 6.62 -3.05
CA GLU C 704 -18.54 8.02 -3.19
C GLU C 704 -19.58 8.20 -4.28
N VAL C 705 -19.42 7.51 -5.41
CA VAL C 705 -20.36 7.62 -6.51
C VAL C 705 -21.75 7.18 -6.08
N GLN C 706 -21.83 6.01 -5.43
CA GLN C 706 -23.13 5.51 -4.99
C GLN C 706 -23.72 6.42 -3.94
N ARG C 707 -22.90 6.96 -3.04
CA ARG C 707 -23.40 7.85 -2.01
C ARG C 707 -24.00 9.11 -2.61
N ARG C 708 -23.38 9.63 -3.67
CA ARG C 708 -23.93 10.83 -4.30
C ARG C 708 -25.19 10.50 -5.12
N ASN C 709 -25.20 9.37 -5.81
CA ASN C 709 -26.36 9.04 -6.64
C ASN C 709 -27.59 8.72 -5.80
N GLN C 710 -27.41 8.07 -4.65
CA GLN C 710 -28.57 7.67 -3.87
C GLN C 710 -29.21 8.83 -3.12
N LEU C 711 -28.61 10.01 -3.13
CA LEU C 711 -29.21 11.21 -2.56
C LEU C 711 -30.06 11.98 -3.57
N HIS C 712 -30.23 11.46 -4.78
CA HIS C 712 -30.99 12.16 -5.81
C HIS C 712 -32.43 12.39 -5.38
N ASP C 713 -33.07 11.37 -4.81
CA ASP C 713 -34.46 11.53 -4.38
C ASP C 713 -34.59 12.45 -3.18
N LEU C 714 -33.62 12.43 -2.28
CA LEU C 714 -33.66 13.30 -1.11
C LEU C 714 -33.33 14.74 -1.42
N ARG C 715 -32.64 14.99 -2.54
CA ARG C 715 -32.27 16.35 -2.92
C ARG C 715 -33.22 16.97 -3.94
N PHE C 716 -33.48 16.28 -5.05
CA PHE C 716 -34.17 16.87 -6.18
C PHE C 716 -35.64 16.47 -6.27
N ALA C 717 -36.20 15.90 -5.20
CA ALA C 717 -37.57 15.42 -5.27
C ALA C 717 -38.19 15.44 -3.88
N ASP C 718 -39.52 15.33 -3.85
CA ASP C 718 -40.30 15.28 -2.62
C ASP C 718 -40.70 13.84 -2.37
N ILE C 719 -40.32 13.31 -1.22
CA ILE C 719 -40.49 11.90 -0.91
C ILE C 719 -41.74 11.66 -0.06
N ASP C 720 -41.93 12.47 0.99
CA ASP C 720 -42.98 12.20 1.96
C ASP C 720 -44.36 12.54 1.41
N THR C 721 -44.45 13.60 0.60
CA THR C 721 -45.75 14.09 0.15
C THR C 721 -46.49 13.04 -0.66
N VAL C 722 -47.78 12.86 -0.33
CA VAL C 722 -48.66 11.95 -1.07
C VAL C 722 -49.88 12.74 -1.52
N ILE C 723 -50.24 12.55 -2.80
CA ILE C 723 -51.35 13.27 -3.42
C ILE C 723 -52.43 12.27 -3.79
N HIS C 724 -53.66 12.55 -3.36
CA HIS C 724 -54.83 11.77 -3.74
C HIS C 724 -55.93 12.71 -4.21
N ALA C 725 -56.59 12.32 -5.30
CA ALA C 725 -57.65 13.15 -5.88
C ALA C 725 -58.51 12.31 -6.83
N VAL D 2 -37.65 -2.19 32.36
CA VAL D 2 -38.35 -1.01 32.86
C VAL D 2 -39.21 -1.39 34.07
N GLN D 3 -39.36 -0.46 35.00
CA GLN D 3 -40.17 -0.66 36.19
C GLN D 3 -41.30 0.36 36.19
N LEU D 4 -42.53 -0.11 36.43
CA LEU D 4 -43.70 0.74 36.50
C LEU D 4 -44.15 0.87 37.95
N VAL D 5 -44.38 2.10 38.39
CA VAL D 5 -44.81 2.39 39.75
C VAL D 5 -46.05 3.27 39.69
N GLN D 6 -47.09 2.89 40.40
CA GLN D 6 -48.34 3.64 40.42
C GLN D 6 -48.50 4.37 41.75
N SER D 7 -49.54 5.20 41.81
CA SER D 7 -49.81 6.01 42.99
C SER D 7 -50.48 5.16 44.06
N GLY D 8 -50.98 5.82 45.12
CA GLY D 8 -51.62 5.13 46.22
C GLY D 8 -53.10 4.88 45.97
N ALA D 9 -53.76 4.38 47.02
CA ALA D 9 -55.18 4.10 46.95
C ALA D 9 -55.98 5.40 46.84
N GLU D 10 -57.19 5.27 46.29
CA GLU D 10 -58.06 6.41 46.06
C GLU D 10 -59.44 6.13 46.66
N VAL D 11 -59.96 7.10 47.40
CA VAL D 11 -61.31 7.02 47.96
C VAL D 11 -62.07 8.25 47.48
N LYS D 12 -63.18 8.03 46.77
CA LYS D 12 -63.87 9.13 46.10
C LYS D 12 -65.38 8.93 46.23
N THR D 13 -66.10 10.05 46.06
CA THR D 13 -67.55 10.08 46.08
C THR D 13 -68.09 9.96 44.66
N PRO D 14 -69.34 9.50 44.51
CA PRO D 14 -69.92 9.39 43.17
C PRO D 14 -70.01 10.75 42.49
N GLY D 15 -69.77 10.74 41.18
CA GLY D 15 -69.82 11.95 40.38
C GLY D 15 -68.50 12.70 40.30
N ALA D 16 -67.47 12.25 41.02
CA ALA D 16 -66.19 12.92 41.01
C ALA D 16 -65.33 12.41 39.85
N SER D 17 -64.08 12.88 39.80
CA SER D 17 -63.12 12.45 38.80
C SER D 17 -61.85 11.98 39.49
N VAL D 18 -61.17 11.01 38.86
CA VAL D 18 -59.94 10.46 39.40
C VAL D 18 -58.85 10.51 38.34
N ARG D 19 -57.62 10.73 38.80
CA ARG D 19 -56.44 10.67 37.94
C ARG D 19 -55.43 9.74 38.60
N VAL D 20 -55.09 8.66 37.88
CA VAL D 20 -54.12 7.67 38.35
C VAL D 20 -52.85 7.85 37.52
N SER D 21 -51.72 7.88 38.21
CA SER D 21 -50.41 8.12 37.60
C SER D 21 -49.59 6.84 37.61
N CYS D 22 -48.86 6.60 36.52
CA CYS D 22 -47.99 5.45 36.38
C CYS D 22 -46.66 5.95 35.82
N LYS D 23 -45.59 5.80 36.58
CA LYS D 23 -44.28 6.31 36.24
C LYS D 23 -43.35 5.17 35.89
N ALA D 24 -42.60 5.32 34.80
CA ALA D 24 -41.68 4.32 34.30
C ALA D 24 -40.25 4.73 34.59
N SER D 25 -39.45 3.76 35.04
CA SER D 25 -38.04 3.99 35.38
C SER D 25 -37.17 2.95 34.68
N GLY D 26 -36.04 3.39 34.15
CA GLY D 26 -35.08 2.51 33.51
C GLY D 26 -34.95 2.69 32.01
N HIS D 27 -35.84 3.46 31.38
CA HIS D 27 -35.73 3.78 29.98
C HIS D 27 -36.27 5.20 29.76
N THR D 28 -36.30 5.61 28.50
CA THR D 28 -36.77 6.95 28.18
C THR D 28 -38.29 7.06 28.18
N PHE D 29 -39.00 5.95 28.30
CA PHE D 29 -40.45 5.87 28.46
C PHE D 29 -41.17 6.19 27.14
N ARG D 30 -40.44 6.64 26.11
CA ARG D 30 -41.03 7.00 24.83
C ARG D 30 -41.00 5.86 23.82
N THR D 31 -40.51 4.67 24.20
CA THR D 31 -40.28 3.59 23.25
C THR D 31 -41.41 2.55 23.27
N PHE D 32 -42.34 2.63 24.22
CA PHE D 32 -43.39 1.63 24.34
C PHE D 32 -44.69 2.31 24.74
N ASP D 33 -45.80 1.63 24.44
CA ASP D 33 -47.12 2.15 24.76
C ASP D 33 -47.50 1.81 26.20
N ILE D 34 -48.56 2.43 26.68
CA ILE D 34 -49.08 2.24 28.03
C ILE D 34 -50.53 1.80 27.93
N ASN D 35 -50.82 0.64 28.49
CA ASN D 35 -52.17 0.10 28.55
C ASN D 35 -52.70 0.27 29.96
N TRP D 36 -53.92 0.79 30.07
CA TRP D 36 -54.63 0.86 31.33
C TRP D 36 -55.75 -0.17 31.30
N VAL D 37 -55.74 -1.05 32.32
CA VAL D 37 -56.68 -2.16 32.41
C VAL D 37 -57.13 -2.28 33.87
N ARG D 38 -58.43 -2.47 34.08
CA ARG D 38 -58.98 -2.54 35.43
C ARG D 38 -59.54 -3.93 35.70
N GLN D 39 -59.56 -4.29 36.98
CA GLN D 39 -60.12 -5.56 37.44
C GLN D 39 -61.01 -5.30 38.64
N ALA D 40 -62.27 -5.76 38.54
CA ALA D 40 -63.19 -5.67 39.66
C ALA D 40 -62.85 -6.72 40.70
N ALA D 41 -63.46 -6.59 41.89
CA ALA D 41 -63.21 -7.50 42.99
C ALA D 41 -63.75 -8.89 42.66
N GLY D 42 -62.84 -9.82 42.38
CA GLY D 42 -63.22 -11.19 42.06
C GLY D 42 -63.72 -11.39 40.64
N GLN D 43 -63.59 -10.39 39.77
CA GLN D 43 -64.02 -10.50 38.39
C GLN D 43 -62.80 -10.61 37.47
N GLY D 44 -63.07 -10.78 36.18
CA GLY D 44 -61.99 -10.91 35.22
C GLY D 44 -61.39 -9.57 34.83
N LEU D 45 -60.26 -9.65 34.14
CA LEU D 45 -59.57 -8.45 33.67
C LEU D 45 -60.40 -7.75 32.61
N GLU D 46 -60.42 -6.42 32.65
CA GLU D 46 -61.22 -5.61 31.74
C GLU D 46 -60.39 -4.46 31.23
N TRP D 47 -60.13 -4.45 29.92
CA TRP D 47 -59.29 -3.45 29.31
C TRP D 47 -59.99 -2.11 29.26
N MET D 48 -59.22 -1.04 29.53
CA MET D 48 -59.73 0.31 29.43
C MET D 48 -59.20 1.03 28.19
N GLY D 49 -57.90 1.06 27.98
CA GLY D 49 -57.41 1.73 26.80
C GLY D 49 -55.90 1.68 26.68
N TRP D 50 -55.39 2.29 25.61
CA TRP D 50 -53.97 2.36 25.33
C TRP D 50 -53.58 3.76 24.90
N MET D 51 -52.31 4.11 25.13
CA MET D 51 -51.76 5.40 24.79
C MET D 51 -50.34 5.25 24.29
N SER D 52 -49.98 6.02 23.26
CA SER D 52 -48.61 6.08 22.80
C SER D 52 -47.96 7.33 23.36
N PRO D 53 -47.03 7.23 24.31
CA PRO D 53 -46.50 8.45 24.94
C PRO D 53 -45.63 9.29 24.02
N ASN D 54 -45.08 8.71 22.95
CA ASN D 54 -44.23 9.48 22.06
C ASN D 54 -45.03 10.50 21.27
N SER D 55 -46.12 10.05 20.63
CA SER D 55 -46.94 10.91 19.78
C SER D 55 -48.22 11.39 20.45
N GLY D 56 -48.66 10.71 21.51
CA GLY D 56 -49.87 11.12 22.21
C GLY D 56 -51.16 10.54 21.66
N ASN D 57 -51.10 9.69 20.64
CA ASN D 57 -52.32 9.06 20.15
C ASN D 57 -52.84 8.03 21.15
N THR D 58 -54.16 8.00 21.30
CA THR D 58 -54.82 7.15 22.28
C THR D 58 -55.89 6.31 21.60
N GLY D 59 -56.31 5.25 22.29
CA GLY D 59 -57.38 4.41 21.84
C GLY D 59 -58.15 3.82 23.01
N TYR D 60 -59.46 4.00 23.03
CA TYR D 60 -60.28 3.63 24.17
C TYR D 60 -61.25 2.51 23.80
N ALA D 61 -61.72 1.81 24.82
CA ALA D 61 -62.76 0.81 24.64
C ALA D 61 -64.09 1.48 24.33
N ARG D 62 -65.00 0.70 23.75
CA ARG D 62 -66.32 1.23 23.41
C ARG D 62 -67.11 1.60 24.65
N GLN D 63 -66.95 0.82 25.73
CA GLN D 63 -67.68 1.08 26.97
C GLN D 63 -67.06 2.20 27.80
N PHE D 64 -65.89 2.72 27.39
CA PHE D 64 -65.21 3.77 28.13
C PHE D 64 -65.03 5.05 27.33
N GLN D 65 -65.55 5.12 26.11
CA GLN D 65 -65.32 6.30 25.29
C GLN D 65 -66.11 7.49 25.82
N GLY D 66 -65.43 8.63 25.96
CA GLY D 66 -66.05 9.83 26.46
C GLY D 66 -65.93 10.03 27.96
N ARG D 67 -65.46 9.02 28.70
CA ARG D 67 -65.26 9.15 30.13
C ARG D 67 -63.81 8.94 30.57
N VAL D 68 -62.92 8.59 29.65
CA VAL D 68 -61.53 8.31 29.96
C VAL D 68 -60.66 9.27 29.15
N THR D 69 -59.74 9.95 29.84
CA THR D 69 -58.79 10.83 29.20
C THR D 69 -57.38 10.36 29.53
N MET D 70 -56.57 10.18 28.51
CA MET D 70 -55.23 9.62 28.66
C MET D 70 -54.20 10.67 28.29
N THR D 71 -53.28 10.96 29.21
CA THR D 71 -52.28 11.99 28.99
C THR D 71 -50.95 11.52 29.54
N ARG D 72 -49.90 12.31 29.30
CA ARG D 72 -48.59 11.96 29.80
C ARG D 72 -47.71 13.21 29.86
N ASN D 73 -46.71 13.14 30.73
CA ASN D 73 -45.68 14.17 30.88
C ASN D 73 -44.34 13.49 30.62
N ILE D 74 -43.68 13.91 29.53
CA ILE D 74 -42.42 13.29 29.13
C ILE D 74 -41.32 13.62 30.13
N SER D 75 -41.34 14.83 30.67
CA SER D 75 -40.24 15.30 31.52
C SER D 75 -40.07 14.42 32.76
N ALA D 76 -41.18 13.96 33.33
CA ALA D 76 -41.14 13.04 34.46
C ALA D 76 -41.39 11.60 34.04
N ASN D 77 -41.60 11.35 32.74
CA ASN D 77 -41.86 10.01 32.22
C ASN D 77 -43.07 9.38 32.93
N THR D 78 -44.15 10.15 33.04
CA THR D 78 -45.33 9.71 33.77
C THR D 78 -46.54 9.70 32.83
N ALA D 79 -47.42 8.73 33.02
CA ALA D 79 -48.65 8.62 32.25
C ALA D 79 -49.84 8.69 33.19
N TYR D 80 -50.82 9.54 32.87
CA TYR D 80 -51.99 9.75 33.70
C TYR D 80 -53.24 9.27 32.98
N MET D 81 -54.12 8.64 33.74
CA MET D 81 -55.42 8.19 33.26
C MET D 81 -56.50 8.85 34.11
N GLU D 82 -57.49 9.46 33.47
CA GLU D 82 -58.52 10.23 34.15
C GLU D 82 -59.88 9.64 33.85
N LEU D 83 -60.61 9.29 34.91
CA LEU D 83 -62.00 8.85 34.82
C LEU D 83 -62.89 9.99 35.30
N ARG D 84 -63.92 10.28 34.51
CA ARG D 84 -64.84 11.39 34.79
C ARG D 84 -66.24 10.84 34.96
N GLY D 85 -66.93 11.30 36.01
CA GLY D 85 -68.29 10.87 36.29
C GLY D 85 -68.35 9.44 36.79
N LEU D 86 -67.70 9.18 37.92
CA LEU D 86 -67.65 7.85 38.49
C LEU D 86 -69.02 7.41 38.98
N ARG D 87 -69.15 6.09 39.17
CA ARG D 87 -70.35 5.50 39.75
C ARG D 87 -69.90 4.34 40.64
N PHE D 88 -70.87 3.55 41.09
CA PHE D 88 -70.59 2.53 42.09
C PHE D 88 -69.84 1.33 41.51
N ASP D 89 -70.04 1.03 40.23
CA ASP D 89 -69.42 -0.15 39.64
C ASP D 89 -67.96 0.09 39.21
N ASP D 90 -67.46 1.31 39.36
CA ASP D 90 -66.10 1.65 38.96
C ASP D 90 -65.07 1.40 40.06
N THR D 91 -65.46 0.79 41.18
CA THR D 91 -64.52 0.47 42.24
C THR D 91 -63.75 -0.79 41.85
N ALA D 92 -62.45 -0.62 41.57
CA ALA D 92 -61.66 -1.70 41.00
C ALA D 92 -60.17 -1.41 41.22
N VAL D 93 -59.36 -2.42 40.96
CA VAL D 93 -57.91 -2.26 40.96
C VAL D 93 -57.45 -1.96 39.53
N TYR D 94 -56.68 -0.89 39.36
CA TYR D 94 -56.28 -0.40 38.06
C TYR D 94 -54.78 -0.67 37.84
N TYR D 95 -54.43 -1.10 36.63
CA TYR D 95 -53.07 -1.48 36.29
C TYR D 95 -52.63 -0.76 35.02
N CYS D 96 -51.35 -0.41 34.99
CA CYS D 96 -50.67 0.08 33.80
C CYS D 96 -49.66 -0.97 33.34
N ALA D 97 -49.61 -1.21 32.03
CA ALA D 97 -48.77 -2.25 31.46
C ALA D 97 -48.13 -1.75 30.17
N ARG D 98 -47.10 -2.46 29.73
CA ARG D 98 -46.47 -2.23 28.44
C ARG D 98 -46.96 -3.30 27.46
N GLY D 99 -47.81 -2.89 26.52
CA GLY D 99 -48.39 -3.85 25.60
C GLY D 99 -48.70 -3.30 24.24
N PRO D 100 -49.81 -3.76 23.64
CA PRO D 100 -50.18 -3.33 22.29
C PRO D 100 -50.36 -1.82 22.15
N GLY D 101 -50.36 -1.34 20.91
CA GLY D 101 -50.49 0.06 20.63
C GLY D 101 -49.78 0.48 19.36
N SER D 102 -49.04 1.59 19.44
CA SER D 102 -48.29 2.07 18.28
C SER D 102 -47.22 1.08 17.88
N THR D 103 -46.53 0.49 18.87
CA THR D 103 -45.42 -0.42 18.60
C THR D 103 -45.86 -1.78 18.05
N GLY D 104 -47.15 -2.03 17.97
CA GLY D 104 -47.65 -3.26 17.37
C GLY D 104 -48.96 -3.67 18.02
N THR D 105 -49.85 -4.24 17.21
CA THR D 105 -51.14 -4.69 17.70
C THR D 105 -51.08 -6.09 18.31
N THR D 106 -49.93 -6.75 18.27
CA THR D 106 -49.77 -8.09 18.81
C THR D 106 -48.86 -8.13 20.04
N GLY D 107 -48.47 -6.98 20.59
CA GLY D 107 -47.56 -6.96 21.70
C GLY D 107 -48.15 -7.61 22.95
N SER D 108 -47.24 -8.00 23.85
CA SER D 108 -47.60 -8.65 25.10
C SER D 108 -47.33 -7.71 26.27
N MET D 109 -48.21 -7.77 27.27
CA MET D 109 -48.05 -6.98 28.49
C MET D 109 -47.12 -7.72 29.43
N ASP D 110 -45.82 -7.55 29.19
CA ASP D 110 -44.80 -8.25 29.96
C ASP D 110 -44.61 -7.65 31.35
N VAL D 111 -44.62 -6.32 31.46
CA VAL D 111 -44.38 -5.64 32.73
C VAL D 111 -45.67 -4.95 33.17
N TRP D 112 -46.00 -5.08 34.45
CA TRP D 112 -47.21 -4.52 35.02
C TRP D 112 -46.86 -3.62 36.20
N GLY D 113 -47.81 -2.77 36.56
CA GLY D 113 -47.68 -1.94 37.74
C GLY D 113 -48.29 -2.60 38.97
N GLN D 114 -48.04 -1.99 40.13
CA GLN D 114 -48.56 -2.55 41.38
C GLN D 114 -50.08 -2.46 41.47
N GLY D 115 -50.70 -1.53 40.74
CA GLY D 115 -52.14 -1.40 40.75
C GLY D 115 -52.65 -0.49 41.85
N THR D 116 -53.64 0.35 41.53
CA THR D 116 -54.24 1.26 42.49
C THR D 116 -55.69 0.86 42.72
N THR D 117 -56.07 0.73 43.99
CA THR D 117 -57.44 0.38 44.33
C THR D 117 -58.27 1.65 44.43
N VAL D 118 -59.32 1.75 43.63
CA VAL D 118 -60.20 2.90 43.62
C VAL D 118 -61.57 2.45 44.10
N THR D 119 -62.04 3.10 45.17
CA THR D 119 -63.31 2.76 45.81
C THR D 119 -64.23 3.96 45.74
N VAL D 120 -65.44 3.75 45.23
CA VAL D 120 -66.42 4.82 45.12
C VAL D 120 -67.57 4.59 46.09
N ALA E 2 -64.83 -8.95 18.56
CA ALA E 2 -65.77 -9.99 19.04
C ALA E 2 -65.47 -10.34 20.49
N GLY E 3 -65.71 -11.60 20.85
CA GLY E 3 -65.51 -12.07 22.20
C GLY E 3 -64.71 -13.36 22.23
N LEU E 4 -64.12 -13.62 23.39
CA LEU E 4 -63.38 -14.85 23.64
C LEU E 4 -64.09 -15.64 24.73
N THR E 5 -64.25 -16.94 24.49
CA THR E 5 -64.94 -17.83 25.42
C THR E 5 -63.93 -18.74 26.10
N GLN E 6 -64.06 -18.85 27.42
CA GLN E 6 -63.23 -19.74 28.21
C GLN E 6 -64.11 -20.57 29.13
N PRO E 7 -63.67 -21.78 29.50
CA PRO E 7 -64.38 -22.55 30.51
C PRO E 7 -64.23 -21.90 31.88
N PRO E 8 -65.33 -21.74 32.62
CA PRO E 8 -65.24 -21.09 33.93
C PRO E 8 -64.38 -21.83 34.94
N SER E 9 -64.32 -23.16 34.89
CA SER E 9 -63.58 -23.93 35.86
C SER E 9 -62.95 -25.17 35.22
N VAL E 10 -61.74 -25.50 35.64
CA VAL E 10 -61.04 -26.70 35.20
C VAL E 10 -60.36 -27.31 36.42
N SER E 11 -60.54 -28.62 36.62
CA SER E 11 -59.98 -29.32 37.77
C SER E 11 -59.21 -30.55 37.29
N VAL E 12 -57.99 -30.72 37.78
CA VAL E 12 -57.15 -31.86 37.44
C VAL E 12 -56.44 -32.35 38.70
N ALA E 13 -55.91 -33.58 38.60
CA ALA E 13 -55.14 -34.18 39.68
C ALA E 13 -53.70 -33.68 39.64
N PRO E 14 -52.97 -33.75 40.76
CA PRO E 14 -51.58 -33.28 40.77
C PRO E 14 -50.67 -33.96 39.75
N GLY E 15 -50.92 -35.22 39.41
CA GLY E 15 -50.08 -35.88 38.43
C GLY E 15 -50.57 -35.71 37.01
N LYS E 16 -51.84 -35.35 36.86
CA LYS E 16 -52.44 -35.24 35.53
C LYS E 16 -52.11 -33.90 34.88
N THR E 17 -52.47 -33.79 33.62
CA THR E 17 -52.22 -32.57 32.84
C THR E 17 -53.51 -31.75 32.74
N ALA E 18 -53.35 -30.43 32.75
CA ALA E 18 -54.46 -29.50 32.72
C ALA E 18 -54.54 -28.85 31.34
N ARG E 19 -55.74 -28.85 30.76
CA ARG E 19 -55.98 -28.30 29.44
C ARG E 19 -57.03 -27.21 29.55
N ILE E 20 -56.68 -26.00 29.10
CA ILE E 20 -57.56 -24.84 29.15
C ILE E 20 -57.77 -24.35 27.73
N SER E 21 -59.04 -24.23 27.33
CA SER E 21 -59.40 -23.84 25.98
C SER E 21 -59.77 -22.36 25.91
N CYS E 22 -59.57 -21.77 24.74
CA CYS E 22 -59.94 -20.38 24.48
C CYS E 22 -60.53 -20.35 23.08
N GLY E 23 -61.85 -20.14 23.00
CA GLY E 23 -62.56 -20.19 21.73
C GLY E 23 -62.83 -18.80 21.17
N GLY E 24 -62.89 -18.73 19.86
CA GLY E 24 -63.10 -17.46 19.18
C GLY E 24 -63.26 -17.67 17.70
N ASN E 25 -63.88 -16.69 17.05
CA ASN E 25 -64.06 -16.74 15.60
C ASN E 25 -62.74 -16.38 14.92
N ASN E 26 -62.18 -17.33 14.18
CA ASN E 26 -60.91 -17.15 13.49
C ASN E 26 -59.80 -16.71 14.47
N ILE E 27 -59.69 -17.44 15.57
CA ILE E 27 -58.64 -17.18 16.55
C ILE E 27 -57.27 -17.60 16.03
N GLY E 28 -57.23 -18.36 14.93
CA GLY E 28 -55.97 -18.84 14.40
C GLY E 28 -55.12 -17.76 13.74
N SER E 29 -55.73 -16.63 13.39
CA SER E 29 -55.03 -15.53 12.73
C SER E 29 -54.56 -14.47 13.72
N LYS E 30 -54.73 -14.69 15.02
CA LYS E 30 -54.35 -13.73 16.03
C LYS E 30 -53.33 -14.35 16.98
N SER E 31 -52.53 -13.49 17.61
CA SER E 31 -51.53 -13.92 18.58
C SER E 31 -52.18 -13.96 19.95
N VAL E 32 -52.42 -15.17 20.46
CA VAL E 32 -53.07 -15.35 21.75
C VAL E 32 -51.99 -15.39 22.83
N HIS E 33 -52.18 -14.58 23.88
CA HIS E 33 -51.26 -14.52 24.99
C HIS E 33 -51.96 -15.06 26.24
N TRP E 34 -51.24 -15.86 27.00
CA TRP E 34 -51.77 -16.49 28.20
C TRP E 34 -51.12 -15.86 29.43
N TYR E 35 -51.96 -15.30 30.30
CA TYR E 35 -51.54 -14.65 31.54
C TYR E 35 -52.05 -15.46 32.73
N GLN E 36 -51.22 -15.54 33.77
CA GLN E 36 -51.57 -16.22 35.01
C GLN E 36 -51.63 -15.19 36.14
N GLN E 37 -52.71 -15.24 36.93
CA GLN E 37 -52.87 -14.33 38.05
C GLN E 37 -53.23 -15.12 39.31
N LYS E 38 -52.33 -15.08 40.29
CA LYS E 38 -52.68 -15.54 41.62
C LYS E 38 -53.39 -14.42 42.37
N PRO E 39 -54.25 -14.77 43.35
CA PRO E 39 -55.03 -13.74 44.04
C PRO E 39 -54.15 -12.69 44.70
N GLY E 40 -54.59 -11.43 44.56
CA GLY E 40 -53.89 -10.30 45.14
C GLY E 40 -52.57 -9.97 44.48
N GLN E 41 -52.41 -10.33 43.21
CA GLN E 41 -51.19 -10.06 42.46
C GLN E 41 -51.55 -9.57 41.07
N ALA E 42 -50.61 -8.86 40.45
CA ALA E 42 -50.77 -8.49 39.05
C ALA E 42 -50.52 -9.70 38.16
N PRO E 43 -51.25 -9.83 37.04
CA PRO E 43 -51.07 -11.00 36.18
C PRO E 43 -49.65 -11.09 35.66
N VAL E 44 -49.18 -12.32 35.50
CA VAL E 44 -47.84 -12.59 34.98
C VAL E 44 -47.99 -13.36 33.66
N LEU E 45 -47.24 -12.94 32.65
CA LEU E 45 -47.31 -13.56 31.35
C LEU E 45 -46.63 -14.92 31.38
N VAL E 46 -47.36 -15.95 30.97
CA VAL E 46 -46.81 -17.30 30.90
C VAL E 46 -46.69 -17.82 29.48
N ILE E 47 -47.45 -17.28 28.52
CA ILE E 47 -47.30 -17.69 27.13
C ILE E 47 -47.50 -16.46 26.24
N TYR E 48 -46.59 -16.24 25.29
CA TYR E 48 -46.77 -15.20 24.28
C TYR E 48 -46.54 -15.74 22.89
N TYR E 49 -47.27 -15.15 21.93
CA TYR E 49 -47.18 -15.50 20.50
C TYR E 49 -47.47 -16.99 20.27
N ASP E 50 -48.37 -17.53 21.08
CA ASP E 50 -49.10 -18.77 20.88
C ASP E 50 -48.32 -20.06 21.12
N SER E 51 -47.00 -20.02 21.12
CA SER E 51 -46.22 -21.21 21.45
C SER E 51 -44.88 -20.85 22.06
N ASP E 52 -44.84 -19.81 22.89
CA ASP E 52 -43.57 -19.33 23.43
C ASP E 52 -43.69 -19.04 24.91
N ARG E 53 -42.59 -19.31 25.62
CA ARG E 53 -42.49 -19.13 27.06
C ARG E 53 -41.55 -17.99 27.40
N PRO E 54 -41.96 -17.10 28.31
CA PRO E 54 -41.04 -16.06 28.78
C PRO E 54 -39.86 -16.64 29.54
N SER E 55 -38.84 -15.80 29.72
CA SER E 55 -37.68 -16.21 30.50
C SER E 55 -38.09 -16.47 31.94
N GLY E 56 -37.60 -17.58 32.50
CA GLY E 56 -37.94 -17.98 33.84
C GLY E 56 -39.21 -18.83 33.96
N ILE E 57 -39.91 -19.07 32.85
CA ILE E 57 -41.10 -19.89 32.87
C ILE E 57 -40.71 -21.35 32.65
N PRO E 58 -41.16 -22.27 33.51
CA PRO E 58 -40.78 -23.68 33.34
C PRO E 58 -41.36 -24.28 32.07
N GLU E 59 -40.70 -25.32 31.59
CA GLU E 59 -41.05 -25.94 30.31
C GLU E 59 -42.39 -26.68 30.35
N ARG E 60 -42.98 -26.85 31.54
CA ARG E 60 -44.24 -27.57 31.63
C ARG E 60 -45.35 -26.89 30.85
N PHE E 61 -45.32 -25.54 30.78
CA PHE E 61 -46.36 -24.81 30.08
C PHE E 61 -46.16 -24.92 28.57
N SER E 62 -47.26 -25.12 27.85
CA SER E 62 -47.22 -25.16 26.40
C SER E 62 -48.49 -24.53 25.84
N GLY E 63 -48.41 -24.08 24.60
CA GLY E 63 -49.54 -23.45 23.95
C GLY E 63 -49.70 -23.91 22.53
N SER E 64 -50.95 -23.94 22.07
CA SER E 64 -51.28 -24.31 20.71
C SER E 64 -52.40 -23.40 20.22
N ASN E 65 -52.48 -23.20 18.90
CA ASN E 65 -53.41 -22.25 18.34
C ASN E 65 -53.72 -22.69 16.92
N SER E 66 -54.99 -23.00 16.62
CA SER E 66 -55.35 -23.41 15.28
C SER E 66 -56.85 -23.24 15.09
N GLY E 67 -57.22 -22.90 13.85
CA GLY E 67 -58.62 -22.79 13.48
C GLY E 67 -59.42 -21.82 14.34
N ASN E 68 -60.31 -22.36 15.17
CA ASN E 68 -61.12 -21.57 16.07
C ASN E 68 -60.86 -21.89 17.54
N THR E 69 -59.71 -22.49 17.85
CA THR E 69 -59.40 -22.90 19.21
C THR E 69 -57.94 -22.62 19.54
N ALA E 70 -57.71 -22.04 20.71
CA ALA E 70 -56.39 -21.97 21.32
C ALA E 70 -56.41 -22.83 22.58
N THR E 71 -55.25 -23.35 22.95
CA THR E 71 -55.16 -24.30 24.05
C THR E 71 -53.89 -24.04 24.86
N LEU E 72 -54.05 -24.01 26.18
CA LEU E 72 -52.94 -23.96 27.11
C LEU E 72 -52.86 -25.29 27.85
N THR E 73 -51.66 -25.88 27.89
CA THR E 73 -51.46 -27.18 28.49
C THR E 73 -50.40 -27.07 29.58
N ILE E 74 -50.73 -27.60 30.77
CA ILE E 74 -49.80 -27.63 31.89
C ILE E 74 -49.58 -29.10 32.26
N SER E 75 -48.34 -29.55 32.14
CA SER E 75 -47.98 -30.93 32.45
C SER E 75 -47.45 -31.01 33.89
N ARG E 76 -47.82 -32.08 34.59
CA ARG E 76 -47.40 -32.32 35.97
C ARG E 76 -47.77 -31.12 36.85
N VAL E 77 -49.07 -30.86 36.92
CA VAL E 77 -49.57 -29.66 37.58
C VAL E 77 -49.36 -29.78 39.08
N GLU E 78 -48.50 -28.92 39.64
CA GLU E 78 -48.26 -28.91 41.07
C GLU E 78 -49.32 -28.09 41.79
N ALA E 79 -49.23 -28.07 43.12
CA ALA E 79 -50.15 -27.29 43.93
C ALA E 79 -49.98 -25.79 43.78
N GLY E 80 -48.82 -25.35 43.26
CA GLY E 80 -48.53 -23.94 43.08
C GLY E 80 -49.21 -23.30 41.88
N ASP E 81 -49.93 -24.08 41.08
CA ASP E 81 -50.52 -23.61 39.84
C ASP E 81 -51.99 -23.21 39.99
N GLU E 82 -52.50 -23.10 41.21
CA GLU E 82 -53.84 -22.56 41.41
C GLU E 82 -53.82 -21.06 41.14
N ALA E 83 -54.49 -20.65 40.06
CA ALA E 83 -54.58 -19.26 39.70
C ALA E 83 -55.68 -19.10 38.65
N ASP E 84 -55.86 -17.87 38.18
CA ASP E 84 -56.77 -17.59 37.09
C ASP E 84 -55.97 -17.36 35.81
N TYR E 85 -56.40 -18.01 34.73
CA TYR E 85 -55.69 -17.99 33.46
C TYR E 85 -56.52 -17.23 32.44
N TYR E 86 -55.89 -16.29 31.75
CA TYR E 86 -56.59 -15.41 30.81
C TYR E 86 -55.92 -15.50 29.45
N CYS E 87 -56.74 -15.68 28.41
CA CYS E 87 -56.27 -15.59 27.03
C CYS E 87 -56.64 -14.23 26.47
N GLN E 88 -55.68 -13.60 25.80
CA GLN E 88 -55.83 -12.23 25.32
C GLN E 88 -55.41 -12.14 23.87
N VAL E 89 -56.20 -11.41 23.08
CA VAL E 89 -55.92 -11.15 21.67
C VAL E 89 -56.16 -9.68 21.39
N TRP E 90 -55.94 -9.27 20.15
CA TRP E 90 -56.26 -7.93 19.68
C TRP E 90 -57.23 -8.06 18.52
N ASP E 91 -58.46 -7.57 18.72
CA ASP E 91 -59.51 -7.69 17.73
C ASP E 91 -60.14 -6.32 17.49
N SER E 92 -59.95 -5.79 16.28
CA SER E 92 -60.61 -4.56 15.82
C SER E 92 -60.32 -3.39 16.77
N GLY E 93 -59.04 -3.04 16.86
CA GLY E 93 -58.65 -1.84 17.57
C GLY E 93 -58.86 -1.88 19.06
N SER E 94 -58.93 -3.07 19.66
CA SER E 94 -59.08 -3.20 21.10
C SER E 94 -58.71 -4.62 21.48
N VAL E 95 -57.96 -4.77 22.58
CA VAL E 95 -57.60 -6.11 23.03
C VAL E 95 -58.83 -6.74 23.69
N VAL E 96 -58.98 -8.04 23.48
CA VAL E 96 -60.08 -8.80 24.05
C VAL E 96 -59.48 -9.83 25.00
N PHE E 97 -59.98 -9.82 26.24
CA PHE E 97 -59.58 -10.76 27.26
C PHE E 97 -60.57 -11.92 27.34
N GLY E 98 -60.05 -13.08 27.73
CA GLY E 98 -60.92 -14.19 28.03
C GLY E 98 -61.63 -14.02 29.36
N GLY E 99 -62.68 -14.82 29.57
CA GLY E 99 -63.44 -14.73 30.79
C GLY E 99 -62.67 -15.17 32.03
N GLY E 100 -61.60 -15.94 31.85
CA GLY E 100 -60.80 -16.40 32.98
C GLY E 100 -61.21 -17.79 33.44
N THR E 101 -60.22 -18.64 33.70
CA THR E 101 -60.45 -20.00 34.15
C THR E 101 -59.72 -20.22 35.46
N LYS E 102 -60.43 -20.74 36.46
CA LYS E 102 -59.88 -21.01 37.77
C LYS E 102 -59.38 -22.45 37.83
N LEU E 103 -58.08 -22.63 38.00
CA LEU E 103 -57.47 -23.95 38.00
C LEU E 103 -57.42 -24.48 39.42
N THR E 104 -58.01 -25.66 39.64
CA THR E 104 -58.06 -26.30 40.94
C THR E 104 -57.29 -27.61 40.88
N VAL E 105 -56.40 -27.81 41.86
CA VAL E 105 -55.65 -29.06 41.97
C VAL E 105 -56.21 -29.84 43.16
N LEU E 106 -56.58 -31.09 42.92
CA LEU E 106 -57.16 -31.93 43.95
C LEU E 106 -56.06 -32.68 44.71
N ALA F 2 -40.35 42.45 -35.11
CA ALA F 2 -41.09 43.43 -34.29
C ALA F 2 -40.28 44.71 -34.13
N GLY F 3 -40.80 45.63 -33.33
CA GLY F 3 -40.16 46.91 -33.10
C GLY F 3 -40.10 47.24 -31.63
N LEU F 4 -39.05 47.99 -31.26
CA LEU F 4 -38.91 48.54 -29.92
C LEU F 4 -39.12 50.04 -29.97
N THR F 5 -39.90 50.57 -29.03
CA THR F 5 -40.24 51.98 -28.99
C THR F 5 -39.43 52.67 -27.88
N GLN F 6 -38.80 53.79 -28.24
CA GLN F 6 -37.99 54.56 -27.32
C GLN F 6 -38.36 56.04 -27.42
N PRO F 7 -38.24 56.79 -26.32
CA PRO F 7 -38.48 58.22 -26.38
C PRO F 7 -37.38 58.92 -27.16
N PRO F 8 -37.74 59.87 -28.03
CA PRO F 8 -36.72 60.59 -28.79
C PRO F 8 -35.75 61.39 -27.93
N SER F 9 -36.21 61.97 -26.82
CA SER F 9 -35.36 62.85 -26.02
C SER F 9 -35.71 62.72 -24.55
N VAL F 10 -34.69 62.78 -23.70
CA VAL F 10 -34.84 62.78 -22.25
C VAL F 10 -33.92 63.84 -21.67
N SER F 11 -34.46 64.70 -20.80
CA SER F 11 -33.70 65.77 -20.18
C SER F 11 -33.84 65.72 -18.67
N VAL F 12 -32.71 65.82 -17.97
CA VAL F 12 -32.67 65.78 -16.51
C VAL F 12 -31.66 66.81 -16.02
N ALA F 13 -31.70 67.05 -14.69
CA ALA F 13 -30.81 67.91 -13.93
C ALA F 13 -29.55 67.16 -13.51
N PRO F 14 -28.43 67.87 -13.32
CA PRO F 14 -27.18 67.20 -12.90
C PRO F 14 -27.32 66.38 -11.62
N GLY F 15 -28.11 66.84 -10.66
CA GLY F 15 -28.20 66.12 -9.40
C GLY F 15 -29.26 65.03 -9.38
N LYS F 16 -30.22 65.12 -10.31
CA LYS F 16 -31.32 64.17 -10.35
C LYS F 16 -30.93 62.90 -11.10
N THR F 17 -31.90 62.02 -11.30
CA THR F 17 -31.70 60.78 -12.00
C THR F 17 -32.45 60.80 -13.33
N ALA F 18 -31.97 59.98 -14.27
CA ALA F 18 -32.54 59.90 -15.61
C ALA F 18 -33.14 58.51 -15.80
N ARG F 19 -34.36 58.47 -16.33
CA ARG F 19 -35.05 57.21 -16.63
C ARG F 19 -35.31 57.13 -18.12
N ILE F 20 -34.86 56.05 -18.75
CA ILE F 20 -35.10 55.78 -20.15
C ILE F 20 -35.95 54.52 -20.27
N SER F 21 -37.07 54.65 -20.97
CA SER F 21 -38.00 53.53 -21.14
C SER F 21 -37.80 52.90 -22.52
N CYS F 22 -37.97 51.58 -22.58
CA CYS F 22 -37.83 50.82 -23.81
C CYS F 22 -39.03 49.89 -23.90
N GLY F 23 -39.96 50.20 -24.79
CA GLY F 23 -41.23 49.50 -24.85
C GLY F 23 -41.28 48.46 -25.96
N GLY F 24 -42.06 47.42 -25.72
CA GLY F 24 -42.20 46.35 -26.69
C GLY F 24 -43.18 45.31 -26.19
N ASN F 25 -43.75 44.56 -27.13
CA ASN F 25 -44.71 43.53 -26.79
C ASN F 25 -43.99 42.32 -26.22
N ASN F 26 -44.30 41.97 -24.97
CA ASN F 26 -43.72 40.82 -24.29
C ASN F 26 -42.20 40.89 -24.27
N ILE F 27 -41.67 42.08 -23.93
CA ILE F 27 -40.23 42.27 -23.84
C ILE F 27 -39.65 41.66 -22.58
N GLY F 28 -40.49 41.31 -21.61
CA GLY F 28 -40.01 40.68 -20.39
C GLY F 28 -39.46 39.29 -20.56
N SER F 29 -39.82 38.63 -21.67
CA SER F 29 -39.29 37.31 -22.01
C SER F 29 -37.99 37.39 -22.81
N LYS F 30 -37.53 38.59 -23.12
CA LYS F 30 -36.35 38.80 -23.94
C LYS F 30 -35.26 39.50 -23.13
N SER F 31 -34.00 39.23 -23.48
CA SER F 31 -32.86 39.89 -22.86
C SER F 31 -32.61 41.22 -23.56
N VAL F 32 -32.70 42.32 -22.81
CA VAL F 32 -32.54 43.66 -23.35
C VAL F 32 -31.14 44.15 -23.02
N HIS F 33 -30.42 44.64 -24.03
CA HIS F 33 -29.08 45.15 -23.82
C HIS F 33 -29.04 46.65 -24.13
N TRP F 34 -28.34 47.39 -23.26
CA TRP F 34 -28.27 48.83 -23.30
C TRP F 34 -26.85 49.28 -23.62
N TYR F 35 -26.72 50.07 -24.68
CA TYR F 35 -25.46 50.63 -25.14
C TYR F 35 -25.49 52.15 -25.00
N GLN F 36 -24.34 52.74 -24.69
CA GLN F 36 -24.16 54.19 -24.70
C GLN F 36 -23.15 54.56 -25.78
N GLN F 37 -23.52 55.53 -26.62
CA GLN F 37 -22.67 55.99 -27.70
C GLN F 37 -22.52 57.51 -27.63
N LYS F 38 -21.30 57.96 -27.44
CA LYS F 38 -20.98 59.37 -27.60
C LYS F 38 -20.63 59.65 -29.05
N PRO F 39 -20.86 60.88 -29.54
CA PRO F 39 -20.69 61.16 -30.97
C PRO F 39 -19.29 60.85 -31.46
N GLY F 40 -19.22 60.24 -32.64
CA GLY F 40 -17.95 59.90 -33.26
C GLY F 40 -17.20 58.78 -32.55
N GLN F 41 -17.94 57.85 -31.94
CA GLN F 41 -17.35 56.70 -31.26
C GLN F 41 -18.24 55.49 -31.46
N ALA F 42 -17.66 54.31 -31.23
CA ALA F 42 -18.43 53.08 -31.29
C ALA F 42 -19.32 52.96 -30.05
N PRO F 43 -20.51 52.36 -30.18
CA PRO F 43 -21.36 52.19 -29.01
C PRO F 43 -20.68 51.34 -27.94
N VAL F 44 -20.97 51.67 -26.68
CA VAL F 44 -20.33 51.05 -25.53
C VAL F 44 -21.41 50.38 -24.70
N LEU F 45 -21.21 49.09 -24.41
CA LEU F 45 -22.14 48.35 -23.59
C LEU F 45 -22.12 48.87 -22.16
N VAL F 46 -23.30 49.23 -21.64
CA VAL F 46 -23.41 49.72 -20.28
C VAL F 46 -24.29 48.79 -19.45
N ILE F 47 -25.20 48.07 -20.10
CA ILE F 47 -26.05 47.12 -19.39
C ILE F 47 -26.27 45.90 -20.26
N TYR F 48 -26.08 44.70 -19.69
CA TYR F 48 -26.40 43.47 -20.40
C TYR F 48 -27.14 42.51 -19.48
N TYR F 49 -28.09 41.77 -20.08
CA TYR F 49 -28.98 40.85 -19.39
C TYR F 49 -29.82 41.56 -18.32
N ASP F 50 -30.22 42.79 -18.64
CA ASP F 50 -31.36 43.48 -18.04
C ASP F 50 -31.13 43.99 -16.62
N SER F 51 -30.06 43.57 -15.98
CA SER F 51 -29.83 44.06 -14.61
C SER F 51 -28.36 44.31 -14.32
N ASP F 52 -27.47 43.86 -15.20
CA ASP F 52 -26.06 43.73 -14.85
C ASP F 52 -25.20 44.66 -15.69
N ARG F 53 -24.03 45.04 -15.12
CA ARG F 53 -23.11 46.03 -15.63
C ARG F 53 -21.78 45.39 -16.04
N PRO F 54 -21.21 45.80 -17.17
CA PRO F 54 -19.89 45.33 -17.55
C PRO F 54 -18.81 45.79 -16.59
N SER F 55 -17.61 45.24 -16.76
CA SER F 55 -16.47 45.67 -15.97
C SER F 55 -16.12 47.12 -16.29
N GLY F 56 -15.81 47.89 -15.23
CA GLY F 56 -15.46 49.28 -15.37
C GLY F 56 -16.63 50.24 -15.48
N ILE F 57 -17.86 49.73 -15.37
CA ILE F 57 -19.05 50.58 -15.43
C ILE F 57 -19.40 51.05 -14.03
N PRO F 58 -19.58 52.36 -13.81
CA PRO F 58 -19.92 52.85 -12.47
C PRO F 58 -21.28 52.36 -12.02
N GLU F 59 -21.44 52.28 -10.69
CA GLU F 59 -22.66 51.77 -10.09
C GLU F 59 -23.86 52.70 -10.27
N ARG F 60 -23.67 53.83 -10.95
CA ARG F 60 -24.77 54.76 -11.18
C ARG F 60 -25.82 54.17 -12.12
N PHE F 61 -25.43 53.21 -12.97
CA PHE F 61 -26.34 52.63 -13.94
C PHE F 61 -27.07 51.43 -13.34
N SER F 62 -28.38 51.33 -13.64
CA SER F 62 -29.17 50.19 -13.25
C SER F 62 -30.21 49.91 -14.33
N GLY F 63 -30.71 48.68 -14.35
CA GLY F 63 -31.67 48.29 -15.35
C GLY F 63 -32.74 47.37 -14.79
N SER F 64 -33.89 47.37 -15.46
CA SER F 64 -35.00 46.49 -15.12
C SER F 64 -35.73 46.11 -16.40
N ASN F 65 -36.43 44.97 -16.36
CA ASN F 65 -37.16 44.46 -17.51
C ASN F 65 -38.33 43.65 -16.99
N SER F 66 -39.55 44.06 -17.32
CA SER F 66 -40.72 43.35 -16.80
C SER F 66 -41.91 43.64 -17.70
N GLY F 67 -42.77 42.64 -17.84
CA GLY F 67 -44.01 42.80 -18.58
C GLY F 67 -43.75 43.22 -20.00
N ASN F 68 -44.14 44.46 -20.32
CA ASN F 68 -43.96 45.02 -21.65
C ASN F 68 -43.11 46.28 -21.63
N THR F 69 -42.19 46.39 -20.66
CA THR F 69 -41.34 47.56 -20.59
C THR F 69 -40.00 47.23 -19.94
N ALA F 70 -38.94 47.83 -20.46
CA ALA F 70 -37.63 47.82 -19.82
C ALA F 70 -37.26 49.26 -19.46
N THR F 71 -36.37 49.40 -18.48
CA THR F 71 -36.04 50.71 -17.95
C THR F 71 -34.56 50.77 -17.60
N LEU F 72 -33.93 51.88 -17.97
CA LEU F 72 -32.55 52.17 -17.59
C LEU F 72 -32.55 53.41 -16.70
N THR F 73 -31.89 53.31 -15.54
CA THR F 73 -31.85 54.37 -14.56
C THR F 73 -30.42 54.80 -14.33
N ILE F 74 -30.17 56.11 -14.44
CA ILE F 74 -28.87 56.69 -14.19
C ILE F 74 -29.01 57.64 -13.00
N SER F 75 -28.39 57.27 -11.88
CA SER F 75 -28.44 58.07 -10.67
C SER F 75 -27.22 59.00 -10.61
N ARG F 76 -27.43 60.21 -10.09
CA ARG F 76 -26.39 61.21 -9.97
C ARG F 76 -25.73 61.47 -11.32
N VAL F 77 -26.53 62.02 -12.23
CA VAL F 77 -26.11 62.18 -13.62
C VAL F 77 -24.91 63.11 -13.69
N GLU F 78 -23.80 62.59 -14.20
CA GLU F 78 -22.61 63.39 -14.45
C GLU F 78 -22.72 64.05 -15.82
N ALA F 79 -21.94 65.12 -16.01
CA ALA F 79 -21.95 65.83 -17.28
C ALA F 79 -21.39 64.99 -18.43
N GLY F 80 -20.63 63.94 -18.10
CA GLY F 80 -20.08 63.05 -19.11
C GLY F 80 -21.04 61.99 -19.63
N ASP F 81 -22.27 61.95 -19.12
CA ASP F 81 -23.25 60.95 -19.52
C ASP F 81 -24.17 61.44 -20.63
N GLU F 82 -23.90 62.60 -21.22
CA GLU F 82 -24.66 63.06 -22.37
C GLU F 82 -24.24 62.25 -23.59
N ALA F 83 -25.15 61.40 -24.09
CA ALA F 83 -24.86 60.52 -25.20
C ALA F 83 -26.19 59.95 -25.71
N ASP F 84 -26.11 59.02 -26.65
CA ASP F 84 -27.28 58.31 -27.15
C ASP F 84 -27.32 56.91 -26.56
N TYR F 85 -28.50 56.51 -26.06
CA TYR F 85 -28.67 55.24 -25.39
C TYR F 85 -29.60 54.35 -26.21
N TYR F 86 -29.16 53.11 -26.46
CA TYR F 86 -29.88 52.20 -27.33
C TYR F 86 -30.18 50.89 -26.59
N CYS F 87 -31.44 50.46 -26.66
CA CYS F 87 -31.84 49.16 -26.16
C CYS F 87 -32.12 48.23 -27.34
N GLN F 88 -31.53 47.03 -27.31
CA GLN F 88 -31.76 46.06 -28.38
C GLN F 88 -32.07 44.68 -27.81
N VAL F 89 -32.90 43.94 -28.55
CA VAL F 89 -33.26 42.57 -28.22
C VAL F 89 -33.24 41.75 -29.50
N TRP F 90 -33.48 40.45 -29.37
CA TRP F 90 -33.49 39.51 -30.47
C TRP F 90 -34.89 38.93 -30.62
N ASP F 91 -35.57 39.25 -31.74
CA ASP F 91 -36.89 38.73 -32.03
C ASP F 91 -36.93 38.19 -33.45
N SER F 92 -37.50 37.00 -33.60
CA SER F 92 -37.72 36.36 -34.90
C SER F 92 -36.46 36.34 -35.75
N GLY F 93 -35.39 35.85 -35.16
CA GLY F 93 -34.12 35.75 -35.87
C GLY F 93 -33.59 37.08 -36.39
N SER F 94 -33.70 38.12 -35.57
CA SER F 94 -33.22 39.43 -35.97
C SER F 94 -32.85 40.25 -34.74
N VAL F 95 -31.79 41.02 -34.85
CA VAL F 95 -31.32 41.88 -33.76
C VAL F 95 -32.01 43.23 -33.93
N VAL F 96 -33.16 43.38 -33.30
CA VAL F 96 -33.90 44.63 -33.38
C VAL F 96 -33.35 45.60 -32.34
N PHE F 97 -33.19 46.85 -32.76
CA PHE F 97 -32.68 47.92 -31.93
C PHE F 97 -33.81 48.89 -31.58
N GLY F 98 -33.60 49.62 -30.49
CA GLY F 98 -34.51 50.70 -30.15
C GLY F 98 -34.28 51.91 -31.03
N GLY F 99 -35.22 52.85 -30.95
CA GLY F 99 -35.09 54.08 -31.71
C GLY F 99 -33.98 55.00 -31.20
N GLY F 100 -33.57 54.82 -29.95
CA GLY F 100 -32.51 55.63 -29.38
C GLY F 100 -33.05 56.88 -28.68
N THR F 101 -32.34 57.28 -27.64
CA THR F 101 -32.70 58.47 -26.87
C THR F 101 -31.46 59.33 -26.65
N LYS F 102 -31.65 60.65 -26.71
CA LYS F 102 -30.57 61.59 -26.47
C LYS F 102 -30.73 62.13 -25.06
N LEU F 103 -29.72 61.87 -24.22
CA LEU F 103 -29.72 62.37 -22.85
C LEU F 103 -29.01 63.71 -22.80
N THR F 104 -29.73 64.75 -22.39
CA THR F 104 -29.19 66.09 -22.28
C THR F 104 -29.04 66.47 -20.81
N VAL F 105 -27.87 66.93 -20.44
CA VAL F 105 -27.56 67.33 -19.07
C VAL F 105 -27.62 68.84 -19.00
N LEU F 106 -28.53 69.35 -18.17
CA LEU F 106 -28.72 70.80 -18.06
C LEU F 106 -27.80 71.40 -16.99
N ALA G 2 -34.33 -34.47 -47.88
CA ALA G 2 -34.25 -34.30 -49.35
C ALA G 2 -33.11 -35.13 -49.92
N GLY G 3 -32.61 -34.74 -51.09
CA GLY G 3 -31.50 -35.42 -51.71
C GLY G 3 -30.51 -34.44 -52.31
N LEU G 4 -29.27 -34.91 -52.43
CA LEU G 4 -28.21 -34.16 -53.10
C LEU G 4 -27.85 -34.88 -54.39
N THR G 5 -27.76 -34.13 -55.48
CA THR G 5 -27.45 -34.67 -56.79
C THR G 5 -26.01 -34.39 -57.15
N GLN G 6 -25.30 -35.44 -57.59
CA GLN G 6 -23.92 -35.35 -58.01
C GLN G 6 -23.75 -36.00 -59.37
N PRO G 7 -22.80 -35.52 -60.17
CA PRO G 7 -22.48 -36.20 -61.43
C PRO G 7 -21.88 -37.57 -61.17
N PRO G 8 -22.35 -38.61 -61.85
CA PRO G 8 -21.83 -39.96 -61.59
C PRO G 8 -20.34 -40.12 -61.87
N SER G 9 -19.80 -39.41 -62.88
CA SER G 9 -18.40 -39.57 -63.24
C SER G 9 -17.85 -38.24 -63.75
N VAL G 10 -16.58 -37.99 -63.42
CA VAL G 10 -15.84 -36.83 -63.91
C VAL G 10 -14.44 -37.28 -64.28
N SER G 11 -14.00 -36.95 -65.49
CA SER G 11 -12.67 -37.30 -65.97
C SER G 11 -11.96 -36.02 -66.41
N VAL G 12 -10.72 -35.83 -65.93
CA VAL G 12 -9.96 -34.62 -66.17
C VAL G 12 -8.53 -34.98 -66.49
N ALA G 13 -7.93 -34.22 -67.42
CA ALA G 13 -6.54 -34.43 -67.78
C ALA G 13 -5.62 -34.05 -66.61
N PRO G 14 -4.47 -34.72 -66.47
CA PRO G 14 -3.58 -34.44 -65.33
C PRO G 14 -3.17 -32.99 -65.19
N GLY G 15 -3.02 -32.26 -66.29
CA GLY G 15 -2.61 -30.88 -66.19
C GLY G 15 -3.75 -29.93 -65.88
N LYS G 16 -4.97 -30.35 -66.21
CA LYS G 16 -6.13 -29.48 -66.05
C LYS G 16 -6.67 -29.55 -64.62
N THR G 17 -7.77 -28.83 -64.39
CA THR G 17 -8.43 -28.75 -63.09
C THR G 17 -9.82 -29.37 -63.17
N ALA G 18 -10.30 -29.83 -62.02
CA ALA G 18 -11.54 -30.61 -61.94
C ALA G 18 -12.61 -29.82 -61.16
N ARG G 19 -13.84 -29.84 -61.69
CA ARG G 19 -15.00 -29.29 -61.01
C ARG G 19 -15.97 -30.42 -60.69
N ILE G 20 -16.38 -30.53 -59.43
CA ILE G 20 -17.39 -31.47 -59.00
C ILE G 20 -18.56 -30.68 -58.42
N SER G 21 -19.77 -30.95 -58.91
CA SER G 21 -20.95 -30.22 -58.49
C SER G 21 -21.79 -31.06 -57.51
N CYS G 22 -22.53 -30.35 -56.65
CA CYS G 22 -23.46 -30.99 -55.73
C CYS G 22 -24.68 -30.09 -55.64
N GLY G 23 -25.81 -30.57 -56.19
CA GLY G 23 -27.00 -29.77 -56.29
C GLY G 23 -28.03 -30.09 -55.20
N GLY G 24 -28.88 -29.11 -54.95
CA GLY G 24 -29.91 -29.27 -53.94
C GLY G 24 -30.70 -27.99 -53.81
N ASN G 25 -31.89 -28.12 -53.23
CA ASN G 25 -32.77 -26.98 -53.04
C ASN G 25 -32.29 -26.17 -51.85
N ASN G 26 -31.95 -24.90 -52.07
CA ASN G 26 -31.49 -24.00 -51.02
C ASN G 26 -30.28 -24.57 -50.27
N ILE G 27 -29.33 -25.11 -51.04
CA ILE G 27 -28.13 -25.67 -50.46
C ILE G 27 -27.19 -24.60 -49.93
N GLY G 28 -27.39 -23.35 -50.33
CA GLY G 28 -26.53 -22.27 -49.86
C GLY G 28 -26.70 -21.92 -48.40
N SER G 29 -27.82 -22.32 -47.80
CA SER G 29 -28.08 -22.08 -46.39
C SER G 29 -27.52 -23.17 -45.49
N LYS G 30 -26.86 -24.18 -46.07
CA LYS G 30 -26.33 -25.31 -45.33
C LYS G 30 -24.81 -25.35 -45.47
N SER G 31 -24.15 -25.98 -44.51
CA SER G 31 -22.71 -26.19 -44.56
C SER G 31 -22.45 -27.51 -45.26
N VAL G 32 -21.85 -27.45 -46.45
CA VAL G 32 -21.56 -28.63 -47.26
C VAL G 32 -20.16 -29.11 -46.92
N HIS G 33 -20.02 -30.42 -46.71
CA HIS G 33 -18.73 -31.04 -46.45
C HIS G 33 -18.40 -31.99 -47.59
N TRP G 34 -17.13 -32.02 -47.96
CA TRP G 34 -16.62 -32.82 -49.06
C TRP G 34 -15.63 -33.84 -48.52
N TYR G 35 -15.94 -35.11 -48.77
CA TYR G 35 -15.14 -36.25 -48.33
C TYR G 35 -14.54 -36.94 -49.55
N GLN G 36 -13.32 -37.44 -49.40
CA GLN G 36 -12.62 -38.18 -50.44
C GLN G 36 -12.36 -39.60 -49.95
N GLN G 37 -12.68 -40.58 -50.79
CA GLN G 37 -12.50 -41.98 -50.43
C GLN G 37 -11.74 -42.70 -51.53
N LYS G 38 -10.55 -43.20 -51.18
CA LYS G 38 -9.81 -44.12 -52.01
C LYS G 38 -10.32 -45.54 -51.78
N PRO G 39 -10.17 -46.43 -52.77
CA PRO G 39 -10.77 -47.77 -52.65
C PRO G 39 -10.27 -48.53 -51.43
N GLY G 40 -11.21 -49.16 -50.73
CA GLY G 40 -10.91 -49.96 -49.55
C GLY G 40 -10.37 -49.15 -48.38
N GLN G 41 -10.87 -47.93 -48.20
CA GLN G 41 -10.44 -47.08 -47.09
C GLN G 41 -11.63 -46.32 -46.54
N ALA G 42 -11.50 -45.87 -45.29
CA ALA G 42 -12.52 -45.01 -44.69
C ALA G 42 -12.43 -43.61 -45.30
N PRO G 43 -13.57 -42.96 -45.55
CA PRO G 43 -13.55 -41.64 -46.18
C PRO G 43 -12.77 -40.64 -45.35
N VAL G 44 -12.10 -39.71 -46.03
CA VAL G 44 -11.27 -38.69 -45.40
C VAL G 44 -11.84 -37.33 -45.78
N LEU G 45 -12.03 -36.48 -44.78
CA LEU G 45 -12.56 -35.15 -45.01
C LEU G 45 -11.53 -34.28 -45.73
N VAL G 46 -11.96 -33.63 -46.80
CA VAL G 46 -11.08 -32.71 -47.52
C VAL G 46 -11.61 -31.28 -47.55
N ILE G 47 -12.91 -31.06 -47.38
CA ILE G 47 -13.45 -29.70 -47.31
C ILE G 47 -14.54 -29.66 -46.26
N TYR G 48 -14.46 -28.68 -45.35
CA TYR G 48 -15.54 -28.47 -44.39
C TYR G 48 -15.93 -27.00 -44.33
N TYR G 49 -17.22 -26.75 -44.08
CA TYR G 49 -17.81 -25.43 -44.00
C TYR G 49 -17.59 -24.62 -45.28
N ASP G 50 -17.64 -25.30 -46.42
CA ASP G 50 -17.86 -24.72 -47.75
C ASP G 50 -16.66 -23.98 -48.33
N SER G 51 -15.67 -23.66 -47.52
CA SER G 51 -14.51 -22.93 -48.06
C SER G 51 -13.20 -23.34 -47.40
N ASP G 52 -13.26 -24.20 -46.39
CA ASP G 52 -12.12 -24.44 -45.52
C ASP G 52 -11.57 -25.83 -45.72
N ARG G 53 -10.26 -25.97 -45.44
CA ARG G 53 -9.54 -27.20 -45.60
C ARG G 53 -9.01 -27.69 -44.25
N PRO G 54 -9.07 -29.00 -43.99
CA PRO G 54 -8.48 -29.55 -42.78
C PRO G 54 -6.96 -29.42 -42.79
N SER G 55 -6.37 -29.64 -41.61
CA SER G 55 -4.93 -29.65 -41.50
C SER G 55 -4.33 -30.80 -42.31
N GLY G 56 -3.24 -30.51 -43.02
CA GLY G 56 -2.59 -31.49 -43.86
C GLY G 56 -3.19 -31.66 -45.24
N ILE G 57 -4.01 -30.71 -45.68
CA ILE G 57 -4.66 -30.76 -46.97
C ILE G 57 -4.00 -29.74 -47.89
N PRO G 58 -3.59 -30.11 -49.11
CA PRO G 58 -2.93 -29.16 -49.99
C PRO G 58 -3.88 -28.04 -50.46
N GLU G 59 -3.26 -26.94 -50.90
CA GLU G 59 -4.01 -25.78 -51.36
C GLU G 59 -4.74 -26.04 -52.68
N ARG G 60 -4.49 -27.17 -53.34
CA ARG G 60 -5.14 -27.45 -54.60
C ARG G 60 -6.65 -27.56 -54.45
N PHE G 61 -7.13 -28.06 -53.31
CA PHE G 61 -8.56 -28.19 -53.08
C PHE G 61 -9.17 -26.85 -52.68
N SER G 62 -10.35 -26.58 -53.21
CA SER G 62 -11.11 -25.40 -52.83
C SER G 62 -12.59 -25.72 -52.95
N GLY G 63 -13.43 -24.91 -52.30
CA GLY G 63 -14.85 -25.14 -52.35
C GLY G 63 -15.62 -23.83 -52.40
N SER G 64 -16.85 -23.95 -52.89
CA SER G 64 -17.80 -22.85 -52.90
C SER G 64 -19.20 -23.40 -52.70
N ASN G 65 -20.11 -22.55 -52.21
CA ASN G 65 -21.49 -22.95 -51.99
C ASN G 65 -22.36 -21.71 -52.12
N SER G 66 -23.32 -21.75 -53.04
CA SER G 66 -24.19 -20.61 -53.24
C SER G 66 -25.46 -21.05 -53.95
N GLY G 67 -26.55 -20.34 -53.67
CA GLY G 67 -27.82 -20.58 -54.33
C GLY G 67 -28.32 -22.00 -54.18
N ASN G 68 -28.25 -22.78 -55.26
CA ASN G 68 -28.66 -24.16 -55.26
C ASN G 68 -27.54 -25.10 -55.67
N THR G 69 -26.29 -24.68 -55.51
CA THR G 69 -25.16 -25.48 -55.99
C THR G 69 -23.95 -25.29 -55.09
N ALA G 70 -23.30 -26.40 -54.73
CA ALA G 70 -21.98 -26.40 -54.13
C ALA G 70 -20.99 -26.97 -55.14
N THR G 71 -19.75 -26.50 -55.07
CA THR G 71 -18.74 -26.86 -56.05
C THR G 71 -17.41 -27.14 -55.36
N LEU G 72 -16.77 -28.24 -55.76
CA LEU G 72 -15.44 -28.60 -55.33
C LEU G 72 -14.48 -28.45 -56.50
N THR G 73 -13.38 -27.74 -56.28
CA THR G 73 -12.40 -27.44 -57.31
C THR G 73 -11.07 -28.08 -56.93
N ILE G 74 -10.51 -28.85 -57.86
CA ILE G 74 -9.22 -29.51 -57.66
C ILE G 74 -8.28 -29.02 -58.75
N SER G 75 -7.36 -28.13 -58.38
CA SER G 75 -6.38 -27.59 -59.32
C SER G 75 -5.16 -28.50 -59.36
N ARG G 76 -4.57 -28.62 -60.56
CA ARG G 76 -3.38 -29.45 -60.76
C ARG G 76 -3.65 -30.90 -60.35
N VAL G 77 -4.62 -31.52 -61.03
CA VAL G 77 -5.06 -32.86 -60.67
C VAL G 77 -3.90 -33.84 -60.81
N GLU G 78 -3.50 -34.43 -59.68
CA GLU G 78 -2.41 -35.39 -59.65
C GLU G 78 -2.95 -36.79 -59.92
N ALA G 79 -2.00 -37.73 -60.11
CA ALA G 79 -2.36 -39.12 -60.33
C ALA G 79 -2.93 -39.77 -59.07
N GLY G 80 -2.60 -39.23 -57.90
CA GLY G 80 -3.08 -39.76 -56.63
C GLY G 80 -4.46 -39.27 -56.23
N ASP G 81 -5.12 -38.48 -57.07
CA ASP G 81 -6.43 -37.93 -56.75
C ASP G 81 -7.58 -38.75 -57.33
N GLU G 82 -7.29 -39.92 -57.89
CA GLU G 82 -8.34 -40.81 -58.36
C GLU G 82 -9.07 -41.42 -57.16
N ALA G 83 -10.30 -40.98 -56.93
CA ALA G 83 -11.06 -41.41 -55.77
C ALA G 83 -12.53 -41.08 -55.99
N ASP G 84 -13.35 -41.42 -55.01
CA ASP G 84 -14.77 -41.09 -55.02
C ASP G 84 -15.02 -39.95 -54.05
N TYR G 85 -15.72 -38.92 -54.52
CA TYR G 85 -15.92 -37.70 -53.76
C TYR G 85 -17.39 -37.56 -53.39
N TYR G 86 -17.65 -37.29 -52.11
CA TYR G 86 -19.01 -37.25 -51.56
C TYR G 86 -19.28 -35.89 -50.94
N CYS G 87 -20.43 -35.31 -51.27
CA CYS G 87 -20.90 -34.09 -50.61
C CYS G 87 -21.96 -34.44 -49.57
N GLN G 88 -21.93 -33.74 -48.45
CA GLN G 88 -22.80 -34.05 -47.33
C GLN G 88 -23.30 -32.77 -46.67
N VAL G 89 -24.59 -32.73 -46.38
CA VAL G 89 -25.22 -31.66 -45.61
C VAL G 89 -26.16 -32.30 -44.59
N TRP G 90 -26.82 -31.46 -43.81
CA TRP G 90 -27.81 -31.91 -42.83
C TRP G 90 -29.13 -31.25 -43.15
N ASP G 91 -30.12 -32.05 -43.54
CA ASP G 91 -31.47 -31.58 -43.79
C ASP G 91 -32.43 -32.34 -42.87
N SER G 92 -33.39 -31.59 -42.32
CA SER G 92 -34.36 -32.13 -41.36
C SER G 92 -33.57 -32.75 -40.20
N GLY G 93 -33.66 -34.06 -39.98
CA GLY G 93 -32.94 -34.66 -38.87
C GLY G 93 -32.00 -35.77 -39.30
N SER G 94 -31.35 -35.58 -40.46
CA SER G 94 -30.44 -36.58 -41.00
C SER G 94 -29.30 -35.85 -41.71
N VAL G 95 -28.33 -36.63 -42.21
CA VAL G 95 -27.29 -36.10 -43.07
C VAL G 95 -27.34 -36.80 -44.42
N VAL G 96 -28.03 -36.17 -45.37
CA VAL G 96 -28.14 -36.73 -46.71
C VAL G 96 -26.76 -36.72 -47.37
N PHE G 97 -26.41 -37.85 -47.98
CA PHE G 97 -25.14 -38.02 -48.66
C PHE G 97 -25.37 -37.98 -50.16
N GLY G 98 -24.42 -37.38 -50.87
CA GLY G 98 -24.48 -37.38 -52.31
C GLY G 98 -24.23 -38.77 -52.88
N GLY G 99 -24.58 -38.93 -54.15
CA GLY G 99 -24.39 -40.21 -54.80
C GLY G 99 -22.93 -40.55 -55.04
N GLY G 100 -22.06 -39.56 -54.98
CA GLY G 100 -20.63 -39.77 -55.17
C GLY G 100 -20.21 -39.52 -56.61
N THR G 101 -19.00 -39.00 -56.78
CA THR G 101 -18.44 -38.73 -58.10
C THR G 101 -17.08 -39.40 -58.19
N LYS G 102 -16.88 -40.21 -59.24
CA LYS G 102 -15.64 -40.93 -59.43
C LYS G 102 -14.71 -40.09 -60.30
N LEU G 103 -13.60 -39.63 -59.71
CA LEU G 103 -12.65 -38.80 -60.43
C LEU G 103 -11.60 -39.70 -61.08
N THR G 104 -11.55 -39.69 -62.41
CA THR G 104 -10.61 -40.49 -63.16
C THR G 104 -9.55 -39.59 -63.77
N VAL G 105 -8.29 -39.94 -63.55
CA VAL G 105 -7.16 -39.16 -64.05
C VAL G 105 -6.64 -39.84 -65.31
N LEU G 106 -6.65 -39.10 -66.42
CA LEU G 106 -6.21 -39.64 -67.70
C LEU G 106 -4.68 -39.52 -67.87
N VAL H 2 -10.02 39.91 -27.45
CA VAL H 2 -9.94 39.99 -28.92
C VAL H 2 -10.11 41.45 -29.36
N GLN H 3 -9.41 41.82 -30.44
CA GLN H 3 -9.48 43.16 -30.99
C GLN H 3 -9.93 43.10 -32.44
N LEU H 4 -10.84 44.01 -32.81
CA LEU H 4 -11.36 44.07 -34.17
C LEU H 4 -10.81 45.31 -34.87
N VAL H 5 -10.30 45.12 -36.08
CA VAL H 5 -9.77 46.21 -36.90
C VAL H 5 -10.40 46.12 -38.28
N GLN H 6 -10.91 47.24 -38.77
CA GLN H 6 -11.56 47.30 -40.07
C GLN H 6 -10.67 48.03 -41.07
N SER H 7 -11.13 48.06 -42.32
CA SER H 7 -10.39 48.66 -43.42
C SER H 7 -10.54 50.18 -43.37
N GLY H 8 -10.05 50.85 -44.42
CA GLY H 8 -10.14 52.29 -44.52
C GLY H 8 -11.46 52.76 -45.08
N ALA H 9 -11.55 54.07 -45.28
CA ALA H 9 -12.75 54.67 -45.85
C ALA H 9 -12.94 54.23 -47.30
N GLU H 10 -14.20 54.21 -47.74
CA GLU H 10 -14.56 53.75 -49.07
C GLU H 10 -15.41 54.81 -49.76
N VAL H 11 -15.06 55.14 -51.00
CA VAL H 11 -15.80 56.08 -51.82
C VAL H 11 -16.16 55.37 -53.12
N LYS H 12 -17.46 55.32 -53.42
CA LYS H 12 -17.94 54.51 -54.53
C LYS H 12 -19.07 55.23 -55.25
N THR H 13 -19.30 54.80 -56.49
CA THR H 13 -20.38 55.31 -57.35
C THR H 13 -21.61 54.44 -57.23
N PRO H 14 -22.79 54.98 -57.51
CA PRO H 14 -24.01 54.17 -57.46
C PRO H 14 -23.95 53.00 -58.43
N GLY H 15 -24.51 51.86 -58.00
CA GLY H 15 -24.54 50.66 -58.81
C GLY H 15 -23.32 49.76 -58.66
N ALA H 16 -22.31 50.19 -57.89
CA ALA H 16 -21.11 49.41 -57.69
C ALA H 16 -21.32 48.43 -56.54
N SER H 17 -20.23 47.77 -56.12
CA SER H 17 -20.26 46.88 -54.97
C SER H 17 -19.12 47.23 -54.04
N VAL H 18 -19.35 46.98 -52.75
CA VAL H 18 -18.34 47.24 -51.72
C VAL H 18 -18.10 45.98 -50.91
N ARG H 19 -16.85 45.79 -50.49
CA ARG H 19 -16.46 44.73 -49.59
C ARG H 19 -15.69 45.34 -48.43
N VAL H 20 -16.23 45.20 -47.22
CA VAL H 20 -15.61 45.71 -46.00
C VAL H 20 -15.07 44.52 -45.21
N SER H 21 -13.83 44.63 -44.75
CA SER H 21 -13.14 43.57 -44.05
C SER H 21 -12.97 43.91 -42.58
N CYS H 22 -13.15 42.91 -41.72
CA CYS H 22 -12.97 43.05 -40.29
C CYS H 22 -12.08 41.90 -39.82
N LYS H 23 -10.90 42.24 -39.29
CA LYS H 23 -9.94 41.25 -38.84
C LYS H 23 -9.86 41.26 -37.32
N ALA H 24 -9.92 40.07 -36.72
CA ALA H 24 -9.82 39.91 -35.28
C ALA H 24 -8.43 39.42 -34.90
N SER H 25 -7.98 39.83 -33.72
CA SER H 25 -6.65 39.50 -33.24
C SER H 25 -6.73 39.09 -31.76
N GLY H 26 -6.00 38.05 -31.42
CA GLY H 26 -5.95 37.54 -30.05
C GLY H 26 -6.54 36.14 -29.89
N HIS H 27 -7.53 35.79 -30.71
CA HIS H 27 -8.18 34.49 -30.60
C HIS H 27 -8.27 33.85 -31.97
N THR H 28 -8.75 32.61 -31.99
CA THR H 28 -8.86 31.86 -33.22
C THR H 28 -9.97 32.38 -34.14
N PHE H 29 -10.81 33.29 -33.66
CA PHE H 29 -11.85 33.94 -34.46
C PHE H 29 -13.00 32.98 -34.77
N ARG H 30 -12.85 31.71 -34.40
CA ARG H 30 -13.84 30.69 -34.68
C ARG H 30 -14.75 30.40 -33.49
N THR H 31 -14.55 31.09 -32.36
CA THR H 31 -15.33 30.84 -31.16
C THR H 31 -16.50 31.80 -30.97
N PHE H 32 -16.60 32.84 -31.81
CA PHE H 32 -17.65 33.84 -31.67
C PHE H 32 -18.13 34.26 -33.04
N ASP H 33 -19.35 34.80 -33.07
CA ASP H 33 -19.98 35.22 -34.31
C ASP H 33 -19.60 36.67 -34.64
N ILE H 34 -19.91 37.08 -35.86
CA ILE H 34 -19.57 38.42 -36.35
C ILE H 34 -20.86 39.10 -36.79
N ASN H 35 -21.18 40.23 -36.18
CA ASN H 35 -22.32 41.04 -36.53
C ASN H 35 -21.87 42.26 -37.30
N TRP H 36 -22.56 42.55 -38.41
CA TRP H 36 -22.35 43.77 -39.16
C TRP H 36 -23.56 44.67 -38.92
N VAL H 37 -23.30 45.89 -38.48
CA VAL H 37 -24.34 46.87 -38.17
C VAL H 37 -23.90 48.24 -38.72
N ARG H 38 -24.81 48.94 -39.39
CA ARG H 38 -24.49 50.23 -39.98
C ARG H 38 -25.26 51.35 -39.31
N GLN H 39 -24.68 52.55 -39.35
CA GLN H 39 -25.31 53.75 -38.80
C GLN H 39 -25.17 54.89 -39.78
N ALA H 40 -26.30 55.51 -40.13
CA ALA H 40 -26.28 56.67 -41.00
C ALA H 40 -25.81 57.90 -40.21
N ALA H 41 -25.53 58.98 -40.95
CA ALA H 41 -25.08 60.22 -40.33
C ALA H 41 -26.19 60.84 -39.48
N GLY H 42 -26.03 60.77 -38.16
CA GLY H 42 -27.02 61.33 -37.26
C GLY H 42 -28.26 60.49 -37.04
N GLN H 43 -28.29 59.26 -37.56
CA GLN H 43 -29.42 58.38 -37.40
C GLN H 43 -29.12 57.27 -36.40
N GLY H 44 -30.12 56.44 -36.14
CA GLY H 44 -29.95 55.37 -35.17
C GLY H 44 -29.25 54.16 -35.75
N LEU H 45 -28.94 53.23 -34.86
CA LEU H 45 -28.27 51.99 -35.26
C LEU H 45 -29.19 51.14 -36.11
N GLU H 46 -28.62 50.47 -37.11
CA GLU H 46 -29.37 49.64 -38.06
C GLU H 46 -28.62 48.34 -38.24
N TRP H 47 -29.10 47.28 -37.59
CA TRP H 47 -28.47 45.97 -37.72
C TRP H 47 -28.55 45.50 -39.16
N MET H 48 -27.45 44.92 -39.64
CA MET H 48 -27.36 44.43 -41.01
C MET H 48 -27.37 42.91 -41.11
N GLY H 49 -26.55 42.23 -40.31
CA GLY H 49 -26.62 40.78 -40.34
C GLY H 49 -25.63 40.14 -39.39
N TRP H 50 -25.67 38.82 -39.34
CA TRP H 50 -24.75 38.03 -38.53
C TRP H 50 -24.20 36.88 -39.35
N MET H 51 -22.97 36.48 -39.02
CA MET H 51 -22.27 35.43 -39.74
C MET H 51 -21.48 34.60 -38.74
N SER H 52 -21.53 33.27 -38.90
CA SER H 52 -20.82 32.38 -38.01
C SER H 52 -19.54 31.93 -38.69
N PRO H 53 -18.36 32.38 -38.22
CA PRO H 53 -17.12 32.04 -38.93
C PRO H 53 -16.74 30.57 -38.86
N ASN H 54 -17.23 29.83 -37.88
CA ASN H 54 -16.85 28.42 -37.78
C ASN H 54 -17.55 27.59 -38.85
N SER H 55 -18.87 27.73 -38.96
CA SER H 55 -19.65 26.94 -39.92
C SER H 55 -19.97 27.68 -41.21
N GLY H 56 -19.88 29.01 -41.21
CA GLY H 56 -20.24 29.79 -42.38
C GLY H 56 -21.72 30.09 -42.51
N ASN H 57 -22.53 29.72 -41.54
CA ASN H 57 -23.96 30.02 -41.59
C ASN H 57 -24.19 31.52 -41.38
N THR H 58 -25.13 32.07 -42.13
CA THR H 58 -25.38 33.51 -42.12
C THR H 58 -26.86 33.78 -41.87
N GLY H 59 -27.15 35.01 -41.45
CA GLY H 59 -28.50 35.47 -41.27
C GLY H 59 -28.60 36.96 -41.50
N TYR H 60 -29.49 37.38 -42.39
CA TYR H 60 -29.56 38.77 -42.81
C TYR H 60 -30.89 39.39 -42.37
N ALA H 61 -30.91 40.71 -42.35
CA ALA H 61 -32.14 41.44 -42.09
C ALA H 61 -33.09 41.30 -43.28
N ARG H 62 -34.38 41.54 -43.02
CA ARG H 62 -35.37 41.43 -44.07
C ARG H 62 -35.15 42.51 -45.14
N GLN H 63 -34.74 43.70 -44.73
CA GLN H 63 -34.52 44.80 -45.65
C GLN H 63 -33.18 44.73 -46.37
N PHE H 64 -32.33 43.77 -46.04
CA PHE H 64 -31.03 43.61 -46.69
C PHE H 64 -30.90 42.26 -47.40
N GLN H 65 -31.98 41.49 -47.51
CA GLN H 65 -31.90 40.18 -48.12
C GLN H 65 -31.74 40.31 -49.63
N GLY H 66 -30.77 39.57 -50.18
CA GLY H 66 -30.50 39.61 -51.59
C GLY H 66 -29.45 40.62 -52.03
N ARG H 67 -28.99 41.48 -51.12
CA ARG H 67 -27.99 42.48 -51.46
C ARG H 67 -26.73 42.38 -50.60
N VAL H 68 -26.73 41.51 -49.58
CA VAL H 68 -25.61 41.42 -48.65
C VAL H 68 -25.10 39.99 -48.65
N THR H 69 -23.78 39.84 -48.79
CA THR H 69 -23.14 38.53 -48.73
C THR H 69 -22.00 38.57 -47.73
N MET H 70 -22.01 37.64 -46.78
CA MET H 70 -20.97 37.57 -45.76
C MET H 70 -20.13 36.32 -45.98
N THR H 71 -18.81 36.50 -46.00
CA THR H 71 -17.87 35.41 -46.20
C THR H 71 -16.71 35.59 -45.22
N ARG H 72 -15.78 34.62 -45.24
CA ARG H 72 -14.73 34.60 -44.26
C ARG H 72 -13.46 34.01 -44.85
N ASN H 73 -12.32 34.41 -44.29
CA ASN H 73 -11.02 33.82 -44.55
C ASN H 73 -10.48 33.33 -43.22
N ILE H 74 -10.53 32.01 -43.01
CA ILE H 74 -10.10 31.43 -41.73
C ILE H 74 -8.60 31.59 -41.55
N SER H 75 -7.84 31.45 -42.64
CA SER H 75 -6.37 31.51 -42.55
C SER H 75 -5.92 32.86 -41.99
N ALA H 76 -6.61 33.94 -42.37
CA ALA H 76 -6.26 35.27 -41.88
C ALA H 76 -7.19 35.76 -40.78
N ASN H 77 -8.17 34.95 -40.37
CA ASN H 77 -9.14 35.33 -39.34
C ASN H 77 -9.84 36.63 -39.71
N THR H 78 -10.33 36.72 -40.95
CA THR H 78 -10.94 37.93 -41.46
C THR H 78 -12.37 37.62 -41.91
N ALA H 79 -13.26 38.59 -41.73
CA ALA H 79 -14.64 38.47 -42.18
C ALA H 79 -14.94 39.58 -43.17
N TYR H 80 -15.48 39.22 -44.33
CA TYR H 80 -15.81 40.18 -45.36
C TYR H 80 -17.33 40.29 -45.51
N MET H 81 -17.81 41.52 -45.67
CA MET H 81 -19.21 41.79 -45.95
C MET H 81 -19.29 42.56 -47.25
N GLU H 82 -20.15 42.08 -48.16
CA GLU H 82 -20.27 42.65 -49.49
C GLU H 82 -21.67 43.19 -49.69
N LEU H 83 -21.76 44.46 -50.05
CA LEU H 83 -23.00 45.11 -50.45
C LEU H 83 -22.99 45.28 -51.97
N ARG H 84 -24.07 44.87 -52.61
CA ARG H 84 -24.19 44.86 -54.06
C ARG H 84 -25.32 45.77 -54.48
N GLY H 85 -25.06 46.60 -55.51
CA GLY H 85 -26.05 47.53 -56.00
C GLY H 85 -26.30 48.67 -55.04
N LEU H 86 -25.24 49.41 -54.72
CA LEU H 86 -25.37 50.51 -53.78
C LEU H 86 -26.22 51.64 -54.36
N ARG H 87 -26.79 52.44 -53.46
CA ARG H 87 -27.56 53.62 -53.82
C ARG H 87 -27.13 54.75 -52.90
N PHE H 88 -27.87 55.87 -52.95
CA PHE H 88 -27.42 57.07 -52.27
C PHE H 88 -27.60 56.98 -50.75
N ASP H 89 -28.59 56.21 -50.28
CA ASP H 89 -28.87 56.14 -48.85
C ASP H 89 -27.97 55.16 -48.12
N ASP H 90 -27.07 54.46 -48.82
CA ASP H 90 -26.18 53.51 -48.16
C ASP H 90 -24.95 54.17 -47.55
N THR H 91 -24.73 55.45 -47.78
CA THR H 91 -23.64 56.17 -47.13
C THR H 91 -23.80 56.12 -45.62
N ALA H 92 -22.84 55.48 -44.95
CA ALA H 92 -22.98 55.22 -43.52
C ALA H 92 -21.65 54.75 -42.95
N VAL H 93 -21.57 54.77 -41.62
CA VAL H 93 -20.45 54.17 -40.91
C VAL H 93 -20.81 52.75 -40.54
N TYR H 94 -19.96 51.80 -40.90
CA TYR H 94 -20.24 50.38 -40.73
C TYR H 94 -19.35 49.80 -39.63
N TYR H 95 -19.92 48.94 -38.79
CA TYR H 95 -19.21 48.35 -37.67
C TYR H 95 -19.35 46.83 -37.71
N CYS H 96 -18.27 46.16 -37.28
CA CYS H 96 -18.26 44.74 -37.00
C CYS H 96 -18.16 44.55 -35.49
N ALA H 97 -18.91 43.58 -34.97
CA ALA H 97 -18.97 43.34 -33.53
C ALA H 97 -19.07 41.84 -33.27
N ARG H 98 -18.88 41.48 -32.00
CA ARG H 98 -19.10 40.12 -31.52
C ARG H 98 -20.41 40.07 -30.75
N GLY H 99 -21.43 39.42 -31.32
CA GLY H 99 -22.72 39.39 -30.67
C GLY H 99 -23.51 38.11 -30.93
N PRO H 100 -24.84 38.22 -30.94
CA PRO H 100 -25.70 37.05 -31.09
C PRO H 100 -25.52 36.31 -32.40
N GLY H 101 -26.04 35.09 -32.47
CA GLY H 101 -25.95 34.27 -33.65
C GLY H 101 -25.96 32.80 -33.34
N SER H 102 -24.96 32.06 -33.86
CA SER H 102 -24.86 30.64 -33.59
C SER H 102 -24.54 30.38 -32.11
N THR H 103 -23.70 31.22 -31.50
CA THR H 103 -23.31 31.03 -30.12
C THR H 103 -24.43 31.33 -29.14
N GLY H 104 -25.54 31.88 -29.60
CA GLY H 104 -26.68 32.16 -28.75
C GLY H 104 -27.38 33.43 -29.24
N THR H 105 -28.70 33.42 -29.14
CA THR H 105 -29.49 34.54 -29.64
C THR H 105 -29.60 35.69 -28.64
N THR H 106 -29.02 35.55 -27.45
CA THR H 106 -29.07 36.59 -26.42
C THR H 106 -27.71 37.24 -26.19
N GLY H 107 -26.74 37.02 -27.07
CA GLY H 107 -25.42 37.56 -26.87
C GLY H 107 -25.41 39.08 -26.95
N SER H 108 -24.35 39.66 -26.35
CA SER H 108 -24.17 41.10 -26.30
C SER H 108 -22.98 41.49 -27.18
N MET H 109 -23.10 42.67 -27.81
CA MET H 109 -22.04 43.20 -28.65
C MET H 109 -21.02 43.89 -27.76
N ASP H 110 -20.17 43.08 -27.14
CA ASP H 110 -19.23 43.57 -26.15
C ASP H 110 -18.03 44.28 -26.79
N VAL H 111 -17.52 43.76 -27.90
CA VAL H 111 -16.37 44.34 -28.58
C VAL H 111 -16.80 44.86 -29.94
N TRP H 112 -16.33 46.05 -30.30
CA TRP H 112 -16.71 46.72 -31.53
C TRP H 112 -15.47 47.07 -32.35
N GLY H 113 -15.68 47.32 -33.63
CA GLY H 113 -14.63 47.79 -34.52
C GLY H 113 -14.61 49.31 -34.64
N GLN H 114 -13.56 49.81 -35.28
CA GLN H 114 -13.42 51.24 -35.46
C GLN H 114 -14.48 51.81 -36.40
N GLY H 115 -14.98 51.00 -37.33
CA GLY H 115 -15.99 51.46 -38.26
C GLY H 115 -15.41 52.07 -39.52
N THR H 116 -16.03 51.78 -40.67
CA THR H 116 -15.59 52.30 -41.95
C THR H 116 -16.67 53.21 -42.52
N THR H 117 -16.25 54.39 -42.98
CA THR H 117 -17.17 55.33 -43.61
C THR H 117 -17.30 55.00 -45.09
N VAL H 118 -18.51 54.71 -45.53
CA VAL H 118 -18.79 54.38 -46.93
C VAL H 118 -19.66 55.49 -47.49
N THR H 119 -19.17 56.13 -48.56
CA THR H 119 -19.84 57.26 -49.18
C THR H 119 -20.17 56.93 -50.63
N VAL H 120 -21.43 57.11 -51.01
CA VAL H 120 -21.86 56.82 -52.36
C VAL H 120 -22.11 58.10 -53.15
N VAL I 2 -8.34 -38.26 -30.44
CA VAL I 2 -9.16 -39.44 -30.14
C VAL I 2 -9.03 -40.45 -31.28
N GLN I 3 -9.05 -41.73 -30.94
CA GLN I 3 -8.98 -42.80 -31.92
C GLN I 3 -10.17 -43.74 -31.73
N LEU I 4 -10.77 -44.16 -32.84
CA LEU I 4 -11.92 -45.07 -32.83
C LEU I 4 -11.49 -46.44 -33.35
N VAL I 5 -11.85 -47.49 -32.60
CA VAL I 5 -11.51 -48.85 -32.97
C VAL I 5 -12.79 -49.69 -32.88
N GLN I 6 -13.08 -50.44 -33.94
CA GLN I 6 -14.26 -51.29 -33.98
C GLN I 6 -13.88 -52.76 -33.86
N SER I 7 -14.91 -53.59 -33.80
CA SER I 7 -14.76 -55.03 -33.67
C SER I 7 -14.35 -55.64 -34.99
N GLY I 8 -14.33 -56.98 -35.06
CA GLY I 8 -13.93 -57.68 -36.26
C GLY I 8 -15.09 -57.94 -37.20
N ALA I 9 -14.82 -58.79 -38.20
CA ALA I 9 -15.83 -59.16 -39.17
C ALA I 9 -16.95 -59.97 -38.54
N GLU I 10 -18.13 -59.87 -39.14
CA GLU I 10 -19.32 -60.55 -38.66
C GLU I 10 -19.94 -61.37 -39.79
N VAL I 11 -20.27 -62.62 -39.51
CA VAL I 11 -20.90 -63.51 -40.48
C VAL I 11 -22.18 -64.04 -39.85
N LYS I 12 -23.31 -63.80 -40.50
CA LYS I 12 -24.61 -64.10 -39.91
C LYS I 12 -25.56 -64.64 -40.98
N THR I 13 -26.59 -65.32 -40.50
CA THR I 13 -27.69 -65.82 -41.32
C THR I 13 -28.83 -64.82 -41.35
N PRO I 14 -29.69 -64.87 -42.37
CA PRO I 14 -30.81 -63.93 -42.43
C PRO I 14 -31.74 -64.08 -41.23
N GLY I 15 -32.26 -62.94 -40.76
CA GLY I 15 -33.14 -62.90 -39.62
C GLY I 15 -32.45 -62.80 -38.27
N ALA I 16 -31.12 -62.83 -38.25
CA ALA I 16 -30.37 -62.72 -37.00
C ALA I 16 -30.17 -61.26 -36.63
N SER I 17 -29.44 -61.04 -35.52
CA SER I 17 -29.15 -59.70 -35.04
C SER I 17 -27.64 -59.55 -34.86
N VAL I 18 -27.15 -58.33 -35.11
CA VAL I 18 -25.73 -58.03 -35.02
C VAL I 18 -25.52 -56.83 -34.12
N ARG I 19 -24.47 -56.89 -33.30
CA ARG I 19 -24.06 -55.76 -32.47
C ARG I 19 -22.62 -55.41 -32.81
N VAL I 20 -22.41 -54.19 -33.28
CA VAL I 20 -21.09 -53.68 -33.64
C VAL I 20 -20.67 -52.67 -32.57
N SER I 21 -19.46 -52.85 -32.05
CA SER I 21 -18.94 -52.02 -30.97
C SER I 21 -17.83 -51.12 -31.49
N CYS I 22 -17.88 -49.85 -31.08
CA CYS I 22 -16.91 -48.85 -31.48
C CYS I 22 -16.41 -48.16 -30.21
N LYS I 23 -15.12 -48.28 -29.94
CA LYS I 23 -14.52 -47.78 -28.71
C LYS I 23 -13.58 -46.63 -29.02
N ALA I 24 -13.72 -45.55 -28.25
CA ALA I 24 -12.87 -44.38 -28.38
C ALA I 24 -11.70 -44.45 -27.42
N SER I 25 -10.64 -43.70 -27.73
CA SER I 25 -9.45 -43.69 -26.91
C SER I 25 -8.81 -42.31 -26.96
N GLY I 26 -8.39 -41.81 -25.79
CA GLY I 26 -7.75 -40.52 -25.67
C GLY I 26 -8.61 -39.44 -25.05
N HIS I 27 -9.93 -39.60 -25.08
CA HIS I 27 -10.85 -38.61 -24.52
C HIS I 27 -11.86 -39.32 -23.63
N THR I 28 -12.73 -38.52 -23.01
CA THR I 28 -13.80 -39.06 -22.19
C THR I 28 -14.90 -39.68 -23.04
N PHE I 29 -14.96 -39.35 -24.32
CA PHE I 29 -15.89 -39.90 -25.31
C PHE I 29 -17.30 -39.36 -25.09
N ARG I 30 -17.49 -38.55 -24.05
CA ARG I 30 -18.78 -37.95 -23.74
C ARG I 30 -18.90 -36.52 -24.26
N THR I 31 -17.88 -36.01 -24.94
CA THR I 31 -17.86 -34.63 -25.41
C THR I 31 -18.23 -34.49 -26.88
N PHE I 32 -18.55 -35.59 -27.56
CA PHE I 32 -18.92 -35.54 -28.96
C PHE I 32 -20.01 -36.59 -29.20
N ASP I 33 -20.37 -36.78 -30.47
CA ASP I 33 -21.43 -37.68 -30.86
C ASP I 33 -20.87 -38.83 -31.69
N ILE I 34 -21.69 -39.86 -31.88
CA ILE I 34 -21.30 -41.06 -32.62
C ILE I 34 -22.28 -41.26 -33.76
N ASN I 35 -21.77 -41.24 -34.99
CA ASN I 35 -22.54 -41.53 -36.18
C ASN I 35 -22.21 -42.92 -36.68
N TRP I 36 -23.25 -43.68 -37.00
CA TRP I 36 -23.09 -44.98 -37.65
C TRP I 36 -23.57 -44.84 -39.08
N VAL I 37 -22.68 -45.18 -40.02
CA VAL I 37 -22.92 -45.06 -41.45
C VAL I 37 -22.38 -46.30 -42.14
N ARG I 38 -23.17 -46.86 -43.07
CA ARG I 38 -22.77 -48.08 -43.75
C ARG I 38 -22.53 -47.82 -45.23
N GLN I 39 -21.71 -48.68 -45.83
CA GLN I 39 -21.41 -48.63 -47.26
C GLN I 39 -21.49 -50.04 -47.83
N ALA I 40 -22.28 -50.21 -48.88
CA ALA I 40 -22.34 -51.48 -49.58
C ALA I 40 -21.10 -51.66 -50.45
N ALA I 41 -20.95 -52.85 -51.02
CA ALA I 41 -19.81 -53.16 -51.86
C ALA I 41 -19.84 -52.35 -53.14
N GLY I 42 -18.98 -51.33 -53.23
CA GLY I 42 -18.87 -50.51 -54.43
C GLY I 42 -19.96 -49.47 -54.60
N GLN I 43 -20.84 -49.29 -53.61
CA GLN I 43 -21.87 -48.28 -53.67
C GLN I 43 -21.49 -47.08 -52.81
N GLY I 44 -22.37 -46.08 -52.79
CA GLY I 44 -22.10 -44.87 -52.05
C GLY I 44 -22.39 -45.00 -50.56
N LEU I 45 -22.00 -43.95 -49.83
CA LEU I 45 -22.21 -43.94 -48.39
C LEU I 45 -23.69 -43.85 -48.06
N GLU I 46 -24.08 -44.52 -46.97
CA GLU I 46 -25.48 -44.53 -46.54
C GLU I 46 -25.52 -44.31 -45.03
N TRP I 47 -26.00 -43.14 -44.63
CA TRP I 47 -26.10 -42.82 -43.21
C TRP I 47 -27.15 -43.69 -42.54
N MET I 48 -26.85 -44.14 -41.33
CA MET I 48 -27.80 -44.93 -40.55
C MET I 48 -28.33 -44.18 -39.34
N GLY I 49 -27.47 -43.55 -38.55
CA GLY I 49 -28.00 -42.78 -37.44
C GLY I 49 -26.92 -42.12 -36.61
N TRP I 50 -27.37 -41.41 -35.59
CA TRP I 50 -26.50 -40.70 -34.66
C TRP I 50 -26.95 -40.94 -33.23
N MET I 51 -25.99 -40.82 -32.31
CA MET I 51 -26.23 -41.00 -30.89
C MET I 51 -25.39 -40.00 -30.10
N SER I 52 -25.99 -39.44 -29.05
CA SER I 52 -25.24 -38.60 -28.12
C SER I 52 -24.88 -39.43 -26.91
N PRO I 53 -23.60 -39.80 -26.73
CA PRO I 53 -23.25 -40.67 -25.61
C PRO I 53 -23.38 -40.03 -24.23
N ASN I 54 -23.39 -38.70 -24.13
CA ASN I 54 -23.53 -38.08 -22.83
C ASN I 54 -24.93 -38.28 -22.27
N SER I 55 -25.95 -37.98 -23.09
CA SER I 55 -27.34 -38.08 -22.65
C SER I 55 -28.04 -39.36 -23.11
N GLY I 56 -27.50 -40.04 -24.12
CA GLY I 56 -28.16 -41.22 -24.64
C GLY I 56 -29.23 -40.95 -25.68
N ASN I 57 -29.42 -39.69 -26.08
CA ASN I 57 -30.39 -39.37 -27.11
C ASN I 57 -29.92 -39.87 -28.47
N THR I 58 -30.85 -40.39 -29.27
CA THR I 58 -30.52 -41.00 -30.55
C THR I 58 -31.40 -40.42 -31.64
N GLY I 59 -30.97 -40.64 -32.88
CA GLY I 59 -31.74 -40.26 -34.05
C GLY I 59 -31.43 -41.18 -35.22
N TYR I 60 -32.47 -41.73 -35.85
CA TYR I 60 -32.30 -42.73 -36.87
C TYR I 60 -32.81 -42.22 -38.22
N ALA I 61 -32.35 -42.87 -39.28
CA ALA I 61 -32.85 -42.59 -40.61
C ALA I 61 -34.24 -43.18 -40.80
N ARG I 62 -34.96 -42.66 -41.80
CA ARG I 62 -36.32 -43.13 -42.05
C ARG I 62 -36.34 -44.58 -42.50
N GLN I 63 -35.35 -44.98 -43.29
CA GLN I 63 -35.30 -46.35 -43.81
C GLN I 63 -34.76 -47.36 -42.79
N PHE I 64 -34.31 -46.89 -41.62
CA PHE I 64 -33.75 -47.78 -40.60
C PHE I 64 -34.54 -47.73 -39.30
N GLN I 65 -35.66 -47.01 -39.25
CA GLN I 65 -36.39 -46.87 -38.00
C GLN I 65 -37.09 -48.17 -37.64
N GLY I 66 -36.93 -48.60 -36.39
CA GLY I 66 -37.51 -49.84 -35.92
C GLY I 66 -36.59 -51.04 -36.03
N ARG I 67 -35.44 -50.90 -36.71
CA ARG I 67 -34.49 -52.00 -36.86
C ARG I 67 -33.12 -51.70 -36.28
N VAL I 68 -32.87 -50.47 -35.82
CA VAL I 68 -31.56 -50.06 -35.36
C VAL I 68 -31.69 -49.56 -33.92
N THR I 69 -30.83 -50.07 -33.04
CA THR I 69 -30.79 -49.63 -31.66
C THR I 69 -29.37 -49.23 -31.28
N MET I 70 -29.20 -48.03 -30.74
CA MET I 70 -27.89 -47.53 -30.36
C MET I 70 -27.83 -47.37 -28.85
N THR I 71 -26.77 -47.90 -28.25
CA THR I 71 -26.60 -47.86 -26.80
C THR I 71 -25.13 -47.59 -26.51
N ARG I 72 -24.81 -47.40 -25.23
CA ARG I 72 -23.47 -47.03 -24.84
C ARG I 72 -23.11 -47.67 -23.51
N ASN I 73 -21.80 -47.87 -23.30
CA ASN I 73 -21.23 -48.18 -22.01
C ASN I 73 -20.25 -47.07 -21.69
N ILE I 74 -20.61 -46.23 -20.71
CA ILE I 74 -19.77 -45.08 -20.37
C ILE I 74 -18.48 -45.53 -19.70
N SER I 75 -18.57 -46.55 -18.84
CA SER I 75 -17.40 -47.00 -18.09
C SER I 75 -16.29 -47.48 -19.02
N ALA I 76 -16.66 -48.10 -20.15
CA ALA I 76 -15.69 -48.54 -21.14
C ALA I 76 -15.57 -47.58 -22.32
N ASN I 77 -16.34 -46.50 -22.33
CA ASN I 77 -16.30 -45.51 -23.41
C ASN I 77 -16.56 -46.17 -24.76
N THR I 78 -17.59 -47.02 -24.80
CA THR I 78 -17.87 -47.81 -26.00
C THR I 78 -19.30 -47.54 -26.44
N ALA I 79 -19.53 -47.54 -27.75
CA ALA I 79 -20.86 -47.38 -28.32
C ALA I 79 -21.21 -48.63 -29.12
N TYR I 80 -22.41 -49.16 -28.90
CA TYR I 80 -22.88 -50.34 -29.60
C TYR I 80 -24.04 -49.98 -30.52
N MET I 81 -24.04 -50.58 -31.69
CA MET I 81 -25.10 -50.45 -32.67
C MET I 81 -25.66 -51.85 -32.97
N GLU I 82 -26.98 -51.98 -32.90
CA GLU I 82 -27.64 -53.28 -33.04
C GLU I 82 -28.60 -53.23 -34.21
N LEU I 83 -28.39 -54.15 -35.16
CA LEU I 83 -29.29 -54.38 -36.28
C LEU I 83 -30.08 -55.64 -36.04
N ARG I 84 -31.40 -55.55 -36.20
CA ARG I 84 -32.31 -56.65 -35.93
C ARG I 84 -33.03 -57.01 -37.22
N GLY I 85 -33.09 -58.31 -37.52
CA GLY I 85 -33.77 -58.78 -38.71
C GLY I 85 -32.99 -58.47 -39.98
N LEU I 86 -31.79 -59.01 -40.08
CA LEU I 86 -30.95 -58.79 -41.26
C LEU I 86 -31.56 -59.48 -42.48
N ARG I 87 -31.17 -58.99 -43.65
CA ARG I 87 -31.57 -59.57 -44.93
C ARG I 87 -30.34 -59.59 -45.84
N PHE I 88 -30.55 -59.92 -47.11
CA PHE I 88 -29.44 -60.12 -48.02
C PHE I 88 -28.77 -58.81 -48.41
N ASP I 89 -29.53 -57.71 -48.42
CA ASP I 89 -28.98 -56.43 -48.88
C ASP I 89 -28.19 -55.69 -47.79
N ASP I 90 -28.15 -56.22 -46.57
CA ASP I 90 -27.47 -55.56 -45.47
C ASP I 90 -25.99 -55.95 -45.36
N THR I 91 -25.47 -56.75 -46.29
CA THR I 91 -24.07 -57.09 -46.31
C THR I 91 -23.26 -55.86 -46.72
N ALA I 92 -22.51 -55.29 -45.77
CA ALA I 92 -21.86 -54.00 -46.02
C ALA I 92 -20.77 -53.78 -44.98
N VAL I 93 -20.00 -52.72 -45.18
CA VAL I 93 -18.97 -52.29 -44.24
C VAL I 93 -19.50 -51.11 -43.46
N TYR I 94 -19.42 -51.19 -42.13
CA TYR I 94 -20.04 -50.22 -41.23
C TYR I 94 -18.97 -49.39 -40.54
N TYR I 95 -19.24 -48.09 -40.37
CA TYR I 95 -18.28 -47.15 -39.82
C TYR I 95 -18.92 -46.35 -38.70
N CYS I 96 -18.12 -46.05 -37.68
CA CYS I 96 -18.47 -45.11 -36.63
C CYS I 96 -17.60 -43.86 -36.78
N ALA I 97 -18.20 -42.69 -36.59
CA ALA I 97 -17.52 -41.43 -36.77
C ALA I 97 -17.97 -40.43 -35.70
N ARG I 98 -17.22 -39.35 -35.56
CA ARG I 98 -17.64 -38.20 -34.77
C ARG I 98 -18.19 -37.14 -35.71
N GLY I 99 -19.50 -36.89 -35.63
CA GLY I 99 -20.11 -35.92 -36.52
C GLY I 99 -21.28 -35.17 -35.92
N PRO I 100 -22.24 -34.78 -36.76
CA PRO I 100 -23.39 -34.00 -36.29
C PRO I 100 -24.25 -34.75 -35.27
N GLY I 101 -25.09 -34.00 -34.58
CA GLY I 101 -25.94 -34.55 -33.54
C GLY I 101 -26.26 -33.55 -32.46
N SER I 102 -26.04 -33.94 -31.20
CA SER I 102 -26.28 -33.03 -30.09
C SER I 102 -25.33 -31.84 -30.15
N THR I 103 -24.06 -32.07 -30.53
CA THR I 103 -23.07 -31.02 -30.57
C THR I 103 -23.28 -30.04 -31.71
N GLY I 104 -24.22 -30.30 -32.59
CA GLY I 104 -24.53 -29.39 -33.68
C GLY I 104 -24.99 -30.17 -34.89
N THR I 105 -25.87 -29.57 -35.68
CA THR I 105 -26.34 -30.20 -36.90
C THR I 105 -25.38 -30.00 -38.08
N THR I 106 -24.33 -29.19 -37.89
CA THR I 106 -23.39 -28.88 -38.95
C THR I 106 -22.01 -29.50 -38.73
N GLY I 107 -21.88 -30.44 -37.80
CA GLY I 107 -20.60 -31.04 -37.53
C GLY I 107 -20.08 -31.85 -38.71
N SER I 108 -18.77 -32.10 -38.67
CA SER I 108 -18.08 -32.85 -39.71
C SER I 108 -17.57 -34.18 -39.14
N MET I 109 -17.60 -35.22 -39.98
CA MET I 109 -17.09 -36.53 -39.59
C MET I 109 -15.59 -36.56 -39.80
N ASP I 110 -14.89 -35.92 -38.84
CA ASP I 110 -13.45 -35.75 -38.96
C ASP I 110 -12.68 -37.04 -38.68
N VAL I 111 -13.11 -37.82 -37.68
CA VAL I 111 -12.44 -39.05 -37.29
C VAL I 111 -13.34 -40.23 -37.60
N TRP I 112 -12.77 -41.27 -38.19
CA TRP I 112 -13.52 -42.47 -38.59
C TRP I 112 -12.90 -43.70 -37.96
N GLY I 113 -13.66 -44.79 -37.97
CA GLY I 113 -13.17 -46.08 -37.56
C GLY I 113 -12.73 -46.93 -38.76
N GLN I 114 -12.11 -48.06 -38.46
CA GLN I 114 -11.63 -48.96 -39.50
C GLN I 114 -12.77 -49.62 -40.27
N GLY I 115 -13.95 -49.72 -39.66
CA GLY I 115 -15.08 -50.35 -40.33
C GLY I 115 -15.15 -51.84 -40.11
N THR I 116 -16.37 -52.37 -39.93
CA THR I 116 -16.59 -53.79 -39.74
C THR I 116 -17.36 -54.34 -40.93
N THR I 117 -16.90 -55.47 -41.46
CA THR I 117 -17.57 -56.12 -42.59
C THR I 117 -18.63 -57.07 -42.05
N VAL I 118 -19.88 -56.86 -42.44
CA VAL I 118 -20.99 -57.71 -42.03
C VAL I 118 -21.54 -58.39 -43.28
N THR I 119 -21.55 -59.73 -43.25
CA THR I 119 -21.95 -60.54 -44.39
C THR I 119 -23.13 -61.41 -44.00
N VAL I 120 -24.21 -61.33 -44.77
CA VAL I 120 -25.41 -62.10 -44.47
C VAL I 120 -25.58 -63.21 -45.53
#